data_8OW7
#
_entry.id   8OW7
#
_cell.length_a   143.750
_cell.length_b   143.750
_cell.length_c   210.950
_cell.angle_alpha   90.000
_cell.angle_beta   90.000
_cell.angle_gamma   120.000
#
_symmetry.space_group_name_H-M   'P 31 2 1'
#
loop_
_entity.id
_entity.type
_entity.pdbx_description
1 polymer 'N-acetylglucosamine kinase'
2 non-polymer 'N-acetyl-beta-muramic acid'
3 non-polymer 'SULFATE ION'
#
_entity_poly.entity_id   1
_entity_poly.type   'polypeptide(L)'
_entity_poly.pdbx_seq_one_letter_code
;MAKLIAESGSTKTEWSLVEGEHLIQRVFTEGLNPFFQTRREISRSIRLGLPDSFFKRKLEQVFFYGAGCTSAEKKSVVEA
SLVAQFKTPAYVESDLLAAARGLFQHDSGIACILGTGSNSCFYDGHVIVKNVRAGGYILGDEGSGAALGKQFLSDVLKKL
APQVLIDDFFEKYDLTPHDVMDVVYNRPFPNRFLAEQSCFLADYLRLDYVKGLLLSNLRSFFLRNVMQYDYLNYPIRFVG
SVAYNYADLLHQVGKEFGVELSVVEETPMGGLIKYHAFPPDDPESLEHHHHHH
;
_entity_poly.pdbx_strand_id   A,B,C,D,E,F
#
loop_
_chem_comp.id
_chem_comp.type
_chem_comp.name
_chem_comp.formula
AMU D-saccharide, beta linking 'N-acetyl-beta-muramic acid' 'C11 H19 N O8'
SO4 non-polymer 'SULFATE ION' 'O4 S -2'
#
# COMPACT_ATOMS: atom_id res chain seq x y z
N ALA A 2 8.47 -36.11 -11.78
CA ALA A 2 7.09 -36.18 -11.22
C ALA A 2 6.51 -34.78 -11.08
N LYS A 3 5.19 -34.67 -11.25
CA LYS A 3 4.48 -33.41 -11.11
C LYS A 3 3.40 -33.57 -10.04
N LEU A 4 2.94 -32.45 -9.48
CA LEU A 4 1.91 -32.44 -8.47
C LEU A 4 0.82 -31.44 -8.85
N ILE A 5 -0.42 -31.92 -8.88
CA ILE A 5 -1.59 -31.09 -9.16
C ILE A 5 -2.48 -31.06 -7.92
N ALA A 6 -2.84 -29.85 -7.49
CA ALA A 6 -3.67 -29.66 -6.31
C ALA A 6 -4.85 -28.74 -6.64
N GLU A 7 -6.05 -29.16 -6.22
CA GLU A 7 -7.28 -28.41 -6.48
C GLU A 7 -8.03 -28.23 -5.18
N SER A 8 -8.24 -26.96 -4.79
CA SER A 8 -8.93 -26.61 -3.56
C SER A 8 -10.18 -25.80 -3.87
N GLY A 9 -11.23 -26.00 -3.07
CA GLY A 9 -12.49 -25.32 -3.23
C GLY A 9 -12.98 -24.64 -1.95
N SER A 10 -12.18 -24.76 -0.89
CA SER A 10 -12.38 -24.12 0.41
C SER A 10 -12.73 -25.14 1.49
N THR A 11 -13.36 -26.25 1.09
CA THR A 11 -13.73 -27.30 2.04
C THR A 11 -12.68 -28.42 2.01
N LYS A 12 -12.31 -28.85 0.81
CA LYS A 12 -11.34 -29.92 0.64
C LYS A 12 -10.32 -29.54 -0.44
N THR A 13 -9.08 -30.01 -0.25
CA THR A 13 -8.03 -29.87 -1.23
C THR A 13 -7.63 -31.25 -1.74
N GLU A 14 -7.69 -31.42 -3.07
CA GLU A 14 -7.39 -32.68 -3.72
C GLU A 14 -5.95 -32.63 -4.25
N TRP A 15 -5.13 -33.59 -3.81
CA TRP A 15 -3.73 -33.65 -4.22
C TRP A 15 -3.51 -34.85 -5.13
N SER A 16 -2.87 -34.61 -6.27
CA SER A 16 -2.60 -35.65 -7.26
C SER A 16 -1.12 -35.65 -7.63
N LEU A 17 -0.40 -36.64 -7.11
CA LEU A 17 0.96 -36.92 -7.52
C LEU A 17 0.91 -37.76 -8.81
N VAL A 18 1.41 -37.20 -9.90
CA VAL A 18 1.25 -37.81 -11.22
C VAL A 18 2.62 -37.94 -11.90
N GLU A 19 2.71 -38.89 -12.84
CA GLU A 19 3.86 -39.05 -13.71
C GLU A 19 3.36 -39.11 -15.14
N GLY A 20 3.46 -37.96 -15.84
CA GLY A 20 2.98 -37.83 -17.20
C GLY A 20 1.46 -37.75 -17.27
N GLU A 21 0.81 -38.92 -17.13
CA GLU A 21 -0.64 -39.02 -17.18
C GLU A 21 -1.11 -40.11 -16.21
N HIS A 22 -0.15 -40.87 -15.67
CA HIS A 22 -0.44 -41.92 -14.71
C HIS A 22 -0.43 -41.35 -13.29
N LEU A 23 -1.53 -41.59 -12.57
CA LEU A 23 -1.69 -41.12 -11.20
C LEU A 23 -0.93 -42.07 -10.27
N ILE A 24 -0.02 -41.49 -9.46
CA ILE A 24 0.80 -42.25 -8.52
C ILE A 24 0.07 -42.35 -7.20
N GLN A 25 -0.41 -41.20 -6.69
CA GLN A 25 -1.02 -41.13 -5.37
C GLN A 25 -2.05 -39.99 -5.34
N ARG A 26 -3.19 -40.26 -4.69
CA ARG A 26 -4.24 -39.28 -4.48
C ARG A 26 -4.49 -39.14 -2.98
N VAL A 27 -4.46 -37.89 -2.50
CA VAL A 27 -4.68 -37.58 -1.10
C VAL A 27 -5.56 -36.33 -1.00
N PHE A 28 -6.46 -36.33 0.00
CA PHE A 28 -7.31 -35.18 0.28
C PHE A 28 -6.92 -34.56 1.62
N THR A 29 -6.83 -33.23 1.63
CA THR A 29 -6.62 -32.45 2.84
C THR A 29 -7.77 -31.48 3.00
N GLU A 30 -7.71 -30.64 4.05
CA GLU A 30 -8.72 -29.62 4.29
C GLU A 30 -8.52 -28.49 3.28
N GLY A 31 -9.61 -27.75 3.02
CA GLY A 31 -9.64 -26.70 2.01
C GLY A 31 -8.62 -25.60 2.29
N LEU A 32 -8.12 -24.99 1.21
CA LEU A 32 -7.12 -23.93 1.28
C LEU A 32 -7.68 -22.67 0.63
N ASN A 33 -7.82 -21.62 1.44
CA ASN A 33 -8.37 -20.34 0.99
C ASN A 33 -7.62 -19.22 1.71
N PRO A 34 -6.92 -18.32 0.98
CA PRO A 34 -6.13 -17.26 1.61
C PRO A 34 -6.94 -16.08 2.14
N PHE A 35 -8.27 -16.18 2.07
CA PHE A 35 -9.17 -15.21 2.67
C PHE A 35 -9.52 -15.61 4.10
N PHE A 36 -9.27 -16.88 4.43
CA PHE A 36 -9.67 -17.45 5.71
C PHE A 36 -8.47 -18.06 6.43
N GLN A 37 -7.30 -18.01 5.77
CA GLN A 37 -6.08 -18.60 6.30
C GLN A 37 -4.90 -17.68 6.03
N THR A 38 -4.03 -17.54 7.03
CA THR A 38 -2.75 -16.86 6.88
C THR A 38 -1.73 -17.83 6.29
N ARG A 39 -0.56 -17.31 5.91
CA ARG A 39 0.49 -18.08 5.29
C ARG A 39 0.90 -19.24 6.20
N ARG A 40 0.92 -18.98 7.51
CA ARG A 40 1.33 -19.93 8.53
C ARG A 40 0.31 -21.06 8.63
N GLU A 41 -0.98 -20.70 8.50
CA GLU A 41 -2.08 -21.63 8.64
C GLU A 41 -2.15 -22.56 7.43
N ILE A 42 -1.77 -22.04 6.26
CA ILE A 42 -1.76 -22.81 5.02
C ILE A 42 -0.62 -23.81 5.07
N SER A 43 0.56 -23.35 5.51
CA SER A 43 1.75 -24.19 5.62
C SER A 43 1.52 -25.33 6.61
N ARG A 44 0.81 -25.03 7.71
CA ARG A 44 0.49 -26.02 8.73
C ARG A 44 -0.47 -27.04 8.15
N SER A 45 -1.46 -26.57 7.39
CA SER A 45 -2.50 -27.41 6.80
C SER A 45 -1.89 -28.42 5.84
N ILE A 46 -0.94 -27.96 5.02
CA ILE A 46 -0.31 -28.77 3.98
C ILE A 46 0.56 -29.85 4.64
N ARG A 47 1.30 -29.46 5.68
CA ARG A 47 2.28 -30.34 6.31
C ARG A 47 1.57 -31.39 7.16
N LEU A 48 0.46 -31.00 7.81
CA LEU A 48 -0.32 -31.92 8.62
C LEU A 48 -1.13 -32.85 7.73
N GLY A 49 -1.64 -32.30 6.62
CA GLY A 49 -2.56 -33.00 5.75
C GLY A 49 -1.89 -34.08 4.90
N LEU A 50 -0.72 -33.76 4.34
CA LEU A 50 -0.03 -34.63 3.40
C LEU A 50 0.93 -35.56 4.14
N PRO A 51 1.14 -36.80 3.66
CA PRO A 51 2.20 -37.67 4.16
C PRO A 51 3.58 -37.15 3.76
N ASP A 52 4.63 -37.79 4.29
CA ASP A 52 6.00 -37.38 4.05
C ASP A 52 6.44 -37.78 2.65
N SER A 53 5.70 -38.72 2.04
CA SER A 53 6.01 -39.25 0.73
C SER A 53 5.90 -38.18 -0.34
N PHE A 54 5.11 -37.12 -0.05
CA PHE A 54 4.92 -36.00 -0.96
C PHE A 54 6.10 -35.04 -0.87
N PHE A 55 6.71 -34.96 0.33
CA PHE A 55 7.77 -34.01 0.61
C PHE A 55 9.14 -34.65 0.41
N LYS A 56 9.15 -35.91 -0.05
CA LYS A 56 10.36 -36.67 -0.24
C LYS A 56 10.64 -36.84 -1.74
N ARG A 57 9.57 -37.03 -2.52
CA ARG A 57 9.67 -37.25 -3.95
C ARG A 57 10.05 -35.94 -4.65
N LYS A 58 10.98 -36.04 -5.61
CA LYS A 58 11.46 -34.90 -6.38
C LYS A 58 10.37 -34.45 -7.35
N LEU A 59 10.02 -33.16 -7.29
CA LEU A 59 8.96 -32.58 -8.09
C LEU A 59 9.53 -31.50 -9.01
N GLU A 60 9.05 -31.48 -10.25
CA GLU A 60 9.48 -30.51 -11.24
C GLU A 60 8.65 -29.24 -11.13
N GLN A 61 7.32 -29.39 -11.22
CA GLN A 61 6.40 -28.28 -11.00
C GLN A 61 5.30 -28.70 -10.03
N VAL A 62 4.71 -27.70 -9.36
CA VAL A 62 3.54 -27.89 -8.52
C VAL A 62 2.44 -26.95 -9.04
N PHE A 63 1.36 -27.55 -9.53
CA PHE A 63 0.25 -26.80 -10.09
C PHE A 63 -0.88 -26.75 -9.06
N PHE A 64 -1.20 -25.54 -8.58
CA PHE A 64 -2.23 -25.34 -7.58
C PHE A 64 -3.36 -24.48 -8.15
N TYR A 65 -4.60 -24.93 -7.92
CA TYR A 65 -5.78 -24.15 -8.25
C TYR A 65 -6.68 -24.11 -7.01
N GLY A 66 -6.87 -22.91 -6.46
CA GLY A 66 -7.61 -22.76 -5.22
C GLY A 66 -8.56 -21.56 -5.25
N ALA A 67 -9.64 -21.67 -4.47
CA ALA A 67 -10.56 -20.57 -4.23
C ALA A 67 -9.89 -19.54 -3.32
N GLY A 68 -10.10 -18.26 -3.63
CA GLY A 68 -9.51 -17.17 -2.87
C GLY A 68 -8.24 -16.63 -3.52
N CYS A 69 -7.67 -17.40 -4.44
CA CYS A 69 -6.49 -16.99 -5.19
C CYS A 69 -6.92 -16.06 -6.32
N THR A 70 -7.23 -14.81 -5.96
CA THR A 70 -7.85 -13.87 -6.89
C THR A 70 -6.85 -12.79 -7.31
N SER A 71 -6.20 -12.17 -6.31
CA SER A 71 -5.26 -11.09 -6.57
C SER A 71 -3.83 -11.60 -6.44
N ALA A 72 -2.87 -10.75 -6.84
CA ALA A 72 -1.46 -11.09 -6.83
C ALA A 72 -0.97 -11.32 -5.40
N GLU A 73 -1.48 -10.50 -4.47
CA GLU A 73 -1.12 -10.58 -3.06
C GLU A 73 -1.58 -11.92 -2.48
N LYS A 74 -2.76 -12.39 -2.90
CA LYS A 74 -3.36 -13.61 -2.40
C LYS A 74 -2.67 -14.83 -3.02
N LYS A 75 -2.25 -14.71 -4.28
CA LYS A 75 -1.56 -15.78 -4.98
C LYS A 75 -0.14 -15.95 -4.43
N SER A 76 0.40 -14.86 -3.86
CA SER A 76 1.74 -14.86 -3.28
C SER A 76 1.77 -15.66 -1.98
N VAL A 77 0.66 -15.62 -1.24
CA VAL A 77 0.55 -16.29 0.05
C VAL A 77 0.65 -17.79 -0.14
N VAL A 78 -0.13 -18.32 -1.11
CA VAL A 78 -0.22 -19.74 -1.36
C VAL A 78 1.09 -20.24 -1.96
N GLU A 79 1.63 -19.48 -2.93
CA GLU A 79 2.82 -19.85 -3.66
C GLU A 79 4.01 -19.98 -2.72
N ALA A 80 4.21 -18.95 -1.88
CA ALA A 80 5.33 -18.90 -0.95
C ALA A 80 5.23 -20.04 0.06
N SER A 81 4.00 -20.47 0.34
CA SER A 81 3.73 -21.57 1.24
C SER A 81 4.12 -22.90 0.58
N LEU A 82 3.75 -23.04 -0.69
CA LEU A 82 4.04 -24.24 -1.48
C LEU A 82 5.54 -24.39 -1.70
N VAL A 83 6.18 -23.25 -2.01
CA VAL A 83 7.62 -23.20 -2.30
C VAL A 83 8.40 -23.56 -1.04
N ALA A 84 7.85 -23.19 0.12
CA ALA A 84 8.48 -23.46 1.41
C ALA A 84 8.48 -24.96 1.70
N GLN A 85 7.40 -25.64 1.31
CA GLN A 85 7.18 -27.03 1.67
C GLN A 85 7.86 -27.96 0.68
N PHE A 86 7.74 -27.63 -0.62
CA PHE A 86 8.09 -28.56 -1.68
C PHE A 86 9.47 -28.25 -2.27
N LYS A 87 9.95 -27.01 -2.06
CA LYS A 87 11.21 -26.53 -2.63
C LYS A 87 11.16 -26.66 -4.14
N THR A 88 10.00 -26.32 -4.73
CA THR A 88 9.74 -26.52 -6.14
C THR A 88 8.93 -25.34 -6.66
N PRO A 89 9.26 -24.77 -7.86
CA PRO A 89 8.46 -23.71 -8.47
C PRO A 89 6.98 -24.10 -8.55
N ALA A 90 6.14 -23.31 -7.88
CA ALA A 90 4.71 -23.57 -7.80
C ALA A 90 3.95 -22.51 -8.58
N TYR A 91 2.91 -22.95 -9.30
CA TYR A 91 2.09 -22.06 -10.11
C TYR A 91 0.68 -22.02 -9.52
N VAL A 92 0.38 -20.91 -8.83
CA VAL A 92 -0.89 -20.76 -8.11
C VAL A 92 -1.87 -20.00 -8.98
N GLU A 93 -3.01 -20.64 -9.27
CA GLU A 93 -4.07 -20.06 -10.08
C GLU A 93 -5.41 -20.23 -9.38
N SER A 94 -6.47 -19.70 -9.99
CA SER A 94 -7.83 -19.83 -9.50
C SER A 94 -8.35 -21.23 -9.79
N ASP A 95 -9.24 -21.72 -8.92
CA ASP A 95 -9.86 -23.03 -9.08
C ASP A 95 -10.81 -23.01 -10.28
N LEU A 96 -11.12 -21.79 -10.76
CA LEU A 96 -11.96 -21.59 -11.92
C LEU A 96 -11.20 -21.98 -13.17
N LEU A 97 -9.88 -21.76 -13.15
CA LEU A 97 -9.01 -22.12 -14.27
C LEU A 97 -8.84 -23.64 -14.31
N ALA A 98 -8.90 -24.28 -13.14
CA ALA A 98 -8.91 -25.73 -13.04
C ALA A 98 -10.16 -26.28 -13.72
N ALA A 99 -11.30 -25.64 -13.44
CA ALA A 99 -12.58 -26.03 -14.01
C ALA A 99 -12.57 -25.85 -15.52
N ALA A 100 -11.90 -24.79 -15.98
CA ALA A 100 -11.82 -24.47 -17.41
C ALA A 100 -10.96 -25.49 -18.13
N ARG A 101 -9.73 -25.71 -17.62
CA ARG A 101 -8.78 -26.63 -18.22
C ARG A 101 -9.29 -28.06 -18.12
N GLY A 102 -9.93 -28.38 -16.99
CA GLY A 102 -10.37 -29.73 -16.68
C GLY A 102 -11.54 -30.18 -17.55
N LEU A 103 -12.37 -29.21 -17.97
CA LEU A 103 -13.61 -29.51 -18.67
C LEU A 103 -13.44 -29.37 -20.18
N PHE A 104 -12.54 -28.48 -20.61
CA PHE A 104 -12.46 -28.08 -22.00
C PHE A 104 -11.11 -28.43 -22.63
N GLN A 105 -10.06 -28.54 -21.80
CA GLN A 105 -8.69 -28.66 -22.27
C GLN A 105 -8.35 -27.46 -23.15
N HIS A 106 -8.50 -27.63 -24.47
CA HIS A 106 -8.18 -26.59 -25.43
C HIS A 106 -9.39 -26.29 -26.32
N ASP A 107 -10.59 -26.48 -25.74
CA ASP A 107 -11.84 -26.20 -26.43
C ASP A 107 -12.48 -24.95 -25.84
N SER A 108 -13.44 -24.38 -26.58
CA SER A 108 -14.14 -23.17 -26.17
C SER A 108 -15.47 -23.54 -25.51
N GLY A 109 -15.90 -22.70 -24.55
CA GLY A 109 -17.15 -22.90 -23.87
C GLY A 109 -17.21 -22.16 -22.53
N ILE A 110 -18.19 -22.54 -21.70
CA ILE A 110 -18.44 -21.90 -20.41
C ILE A 110 -18.24 -22.92 -19.30
N ALA A 111 -17.26 -22.66 -18.43
CA ALA A 111 -16.98 -23.51 -17.29
C ALA A 111 -17.54 -22.86 -16.03
N CYS A 112 -18.23 -23.67 -15.22
CA CYS A 112 -18.88 -23.19 -14.00
C CYS A 112 -18.49 -24.08 -12.83
N ILE A 113 -18.55 -23.52 -11.62
CA ILE A 113 -18.31 -24.26 -10.39
C ILE A 113 -19.54 -24.13 -9.50
N LEU A 114 -19.98 -25.27 -8.94
CA LEU A 114 -21.01 -25.31 -7.92
C LEU A 114 -20.57 -26.26 -6.81
N GLY A 115 -19.81 -25.73 -5.86
CA GLY A 115 -19.35 -26.48 -4.70
C GLY A 115 -19.59 -25.70 -3.41
N THR A 116 -18.51 -25.48 -2.65
CA THR A 116 -18.55 -24.60 -1.48
C THR A 116 -18.96 -23.21 -1.95
N GLY A 117 -18.25 -22.71 -2.98
CA GLY A 117 -18.59 -21.47 -3.65
C GLY A 117 -19.09 -21.72 -5.06
N SER A 118 -19.33 -20.63 -5.80
CA SER A 118 -19.72 -20.73 -7.19
C SER A 118 -18.99 -19.67 -8.02
N ASN A 119 -18.56 -20.07 -9.22
CA ASN A 119 -17.84 -19.20 -10.13
C ASN A 119 -18.14 -19.63 -11.56
N SER A 120 -17.94 -18.71 -12.51
CA SER A 120 -18.21 -18.96 -13.91
C SER A 120 -17.26 -18.14 -14.78
N CYS A 121 -16.99 -18.64 -15.99
CA CYS A 121 -16.11 -17.96 -16.93
C CYS A 121 -16.42 -18.40 -18.36
N PHE A 122 -15.93 -17.61 -19.32
CA PHE A 122 -15.84 -18.03 -20.71
C PHE A 122 -14.39 -18.37 -21.05
N TYR A 123 -14.20 -19.57 -21.62
CA TYR A 123 -12.88 -20.09 -21.95
C TYR A 123 -12.76 -20.19 -23.47
N ASP A 124 -11.65 -19.65 -24.01
CA ASP A 124 -11.45 -19.64 -25.44
C ASP A 124 -10.62 -20.83 -25.88
N GLY A 125 -9.95 -21.48 -24.92
CA GLY A 125 -9.14 -22.66 -25.17
C GLY A 125 -7.74 -22.55 -24.57
N HIS A 126 -7.39 -21.34 -24.11
CA HIS A 126 -6.09 -21.10 -23.50
C HIS A 126 -6.24 -20.27 -22.23
N VAL A 127 -7.01 -19.17 -22.33
CA VAL A 127 -7.16 -18.23 -21.23
C VAL A 127 -8.64 -17.93 -21.01
N ILE A 128 -8.95 -17.34 -19.86
CA ILE A 128 -10.29 -16.88 -19.52
C ILE A 128 -10.49 -15.50 -20.13
N VAL A 129 -11.50 -15.37 -21.00
CA VAL A 129 -11.80 -14.14 -21.69
C VAL A 129 -12.67 -13.26 -20.79
N LYS A 130 -13.78 -13.83 -20.30
CA LYS A 130 -14.70 -13.12 -19.42
C LYS A 130 -14.91 -13.94 -18.16
N ASN A 131 -14.95 -13.24 -17.01
CA ASN A 131 -15.14 -13.86 -15.71
C ASN A 131 -16.00 -12.96 -14.83
N VAL A 132 -17.22 -13.41 -14.54
CA VAL A 132 -18.09 -12.77 -13.56
C VAL A 132 -17.55 -13.15 -12.18
N ARG A 133 -17.22 -12.13 -11.37
CA ARG A 133 -16.57 -12.33 -10.09
C ARG A 133 -17.46 -13.15 -9.16
N ALA A 134 -16.83 -14.05 -8.40
CA ALA A 134 -17.54 -14.94 -7.48
C ALA A 134 -18.15 -14.15 -6.34
N GLY A 135 -17.30 -13.38 -5.63
CA GLY A 135 -17.76 -12.46 -4.60
C GLY A 135 -17.65 -13.03 -3.19
N GLY A 136 -17.36 -14.34 -3.09
CA GLY A 136 -17.31 -15.01 -1.81
C GLY A 136 -18.70 -15.42 -1.33
N TYR A 137 -18.78 -15.97 -0.12
CA TYR A 137 -20.00 -16.59 0.38
C TYR A 137 -21.02 -15.54 0.83
N ILE A 138 -20.58 -14.29 0.96
CA ILE A 138 -21.44 -13.22 1.44
C ILE A 138 -21.95 -12.39 0.26
N LEU A 139 -21.02 -11.92 -0.58
CA LEU A 139 -21.34 -10.98 -1.64
C LEU A 139 -21.59 -11.69 -2.96
N GLY A 140 -21.71 -13.03 -2.92
CA GLY A 140 -21.98 -13.80 -4.11
C GLY A 140 -22.16 -15.29 -3.82
N ASP A 141 -21.52 -16.12 -4.64
CA ASP A 141 -21.59 -17.58 -4.57
C ASP A 141 -23.04 -18.03 -4.63
N GLU A 142 -23.77 -17.58 -5.66
CA GLU A 142 -25.16 -17.98 -5.85
C GLU A 142 -25.22 -19.42 -6.29
N GLY A 143 -26.19 -20.17 -5.75
CA GLY A 143 -26.45 -21.54 -6.13
C GLY A 143 -25.40 -22.51 -5.57
N SER A 144 -24.52 -21.98 -4.71
CA SER A 144 -23.48 -22.78 -4.06
C SER A 144 -24.02 -23.36 -2.76
N GLY A 145 -23.29 -24.32 -2.21
CA GLY A 145 -23.63 -24.95 -0.94
C GLY A 145 -23.70 -23.94 0.20
N ALA A 146 -22.80 -22.94 0.16
CA ALA A 146 -22.75 -21.89 1.17
C ALA A 146 -24.01 -21.04 1.11
N ALA A 147 -24.50 -20.79 -0.11
CA ALA A 147 -25.70 -20.01 -0.33
C ALA A 147 -26.93 -20.79 0.15
N LEU A 148 -26.90 -22.11 -0.05
CA LEU A 148 -27.98 -23.00 0.34
C LEU A 148 -28.10 -23.02 1.86
N GLY A 149 -26.96 -23.20 2.55
CA GLY A 149 -26.91 -23.29 3.99
C GLY A 149 -27.26 -21.96 4.66
N LYS A 150 -26.81 -20.86 4.04
CA LYS A 150 -27.06 -19.52 4.54
C LYS A 150 -28.58 -19.26 4.52
N GLN A 151 -29.23 -19.68 3.42
CA GLN A 151 -30.66 -19.52 3.26
C GLN A 151 -31.40 -20.46 4.21
N PHE A 152 -30.87 -21.68 4.37
CA PHE A 152 -31.47 -22.70 5.21
C PHE A 152 -31.44 -22.28 6.68
N LEU A 153 -30.24 -21.92 7.17
CA LEU A 153 -30.04 -21.60 8.58
C LEU A 153 -30.80 -20.33 8.95
N SER A 154 -31.00 -19.45 7.96
CA SER A 154 -31.78 -18.24 8.14
C SER A 154 -33.24 -18.60 8.43
N ASP A 155 -33.73 -19.62 7.71
CA ASP A 155 -35.10 -20.09 7.84
C ASP A 155 -35.25 -20.86 9.14
N VAL A 156 -34.19 -21.56 9.55
CA VAL A 156 -34.17 -22.35 10.78
C VAL A 156 -34.30 -21.42 11.98
N LEU A 157 -33.57 -20.29 11.92
CA LEU A 157 -33.53 -19.33 13.02
C LEU A 157 -34.86 -18.57 13.12
N LYS A 158 -35.52 -18.40 11.98
CA LYS A 158 -36.76 -17.63 11.92
C LYS A 158 -37.97 -18.56 11.84
N LYS A 159 -37.72 -19.86 12.00
CA LYS A 159 -38.76 -20.88 12.02
C LYS A 159 -39.65 -20.76 10.79
N LEU A 160 -39.02 -20.73 9.61
CA LEU A 160 -39.72 -20.65 8.34
C LEU A 160 -39.48 -21.93 7.54
N ALA A 161 -38.55 -22.75 8.04
CA ALA A 161 -38.29 -24.08 7.51
C ALA A 161 -39.23 -25.08 8.17
N PRO A 162 -39.54 -26.23 7.52
CA PRO A 162 -40.32 -27.30 8.15
C PRO A 162 -39.71 -27.78 9.46
N GLN A 163 -40.58 -28.15 10.41
CA GLN A 163 -40.18 -28.58 11.74
C GLN A 163 -39.29 -29.82 11.68
N VAL A 164 -39.60 -30.72 10.74
CA VAL A 164 -38.88 -31.97 10.58
C VAL A 164 -37.41 -31.68 10.24
N LEU A 165 -37.18 -30.64 9.43
CA LEU A 165 -35.83 -30.22 9.06
C LEU A 165 -35.14 -29.55 10.24
N ILE A 166 -35.88 -28.70 10.96
CA ILE A 166 -35.37 -27.96 12.11
C ILE A 166 -34.88 -28.95 13.17
N ASP A 167 -35.73 -29.94 13.48
CA ASP A 167 -35.47 -30.91 14.54
C ASP A 167 -34.30 -31.81 14.15
N ASP A 168 -34.25 -32.21 12.87
CA ASP A 168 -33.23 -33.12 12.38
C ASP A 168 -31.87 -32.42 12.31
N PHE A 169 -31.89 -31.11 12.05
CA PHE A 169 -30.66 -30.32 11.96
C PHE A 169 -30.00 -30.23 13.33
N PHE A 170 -30.81 -29.92 14.35
CA PHE A 170 -30.31 -29.71 15.70
C PHE A 170 -29.86 -31.04 16.33
N GLU A 171 -30.47 -32.14 15.87
CA GLU A 171 -30.13 -33.47 16.38
C GLU A 171 -28.81 -33.94 15.77
N LYS A 172 -28.62 -33.64 14.48
CA LYS A 172 -27.50 -34.17 13.72
C LYS A 172 -26.21 -33.46 14.14
N TYR A 173 -26.29 -32.13 14.32
CA TYR A 173 -25.11 -31.32 14.60
C TYR A 173 -25.00 -31.02 16.09
N ASP A 174 -26.02 -31.42 16.85
CA ASP A 174 -26.10 -31.17 18.28
C ASP A 174 -25.86 -29.69 18.56
N LEU A 175 -26.77 -28.85 18.05
CA LEU A 175 -26.64 -27.41 18.17
C LEU A 175 -27.95 -26.82 18.68
N THR A 176 -27.87 -25.59 19.19
CA THR A 176 -29.02 -24.76 19.50
C THR A 176 -28.92 -23.49 18.66
N PRO A 177 -30.02 -22.72 18.47
CA PRO A 177 -29.97 -21.46 17.72
C PRO A 177 -28.78 -20.58 18.10
N HIS A 178 -28.46 -20.54 19.40
CA HIS A 178 -27.38 -19.72 19.93
C HIS A 178 -26.02 -20.23 19.44
N ASP A 179 -25.90 -21.55 19.29
CA ASP A 179 -24.66 -22.18 18.86
C ASP A 179 -24.45 -21.94 17.37
N VAL A 180 -25.54 -21.97 16.61
CA VAL A 180 -25.53 -21.72 15.17
C VAL A 180 -25.01 -20.31 14.92
N MET A 181 -25.40 -19.40 15.81
CA MET A 181 -24.97 -18.00 15.77
C MET A 181 -23.47 -17.92 16.06
N ASP A 182 -22.99 -18.82 16.93
CA ASP A 182 -21.61 -18.81 17.39
C ASP A 182 -20.68 -19.34 16.30
N VAL A 183 -21.14 -20.39 15.59
CA VAL A 183 -20.33 -21.08 14.60
C VAL A 183 -20.06 -20.14 13.42
N VAL A 184 -21.09 -19.39 13.01
CA VAL A 184 -21.05 -18.56 11.81
C VAL A 184 -20.18 -17.33 12.07
N TYR A 185 -20.37 -16.70 13.24
CA TYR A 185 -19.80 -15.38 13.49
C TYR A 185 -18.48 -15.49 14.26
N ASN A 186 -18.40 -16.44 15.20
CA ASN A 186 -17.28 -16.48 16.14
C ASN A 186 -16.24 -17.52 15.71
N ARG A 187 -16.70 -18.67 15.20
CA ARG A 187 -15.80 -19.74 14.82
C ARG A 187 -15.36 -19.58 13.37
N PRO A 188 -14.12 -20.00 13.02
CA PRO A 188 -13.57 -19.80 11.67
C PRO A 188 -14.17 -20.74 10.62
N PHE A 189 -13.85 -20.48 9.35
CA PHE A 189 -14.38 -21.18 8.20
C PHE A 189 -15.90 -21.30 8.29
N PRO A 190 -16.64 -20.16 8.27
CA PRO A 190 -18.10 -20.19 8.30
C PRO A 190 -18.65 -20.71 6.96
N ASN A 191 -17.88 -20.48 5.89
CA ASN A 191 -18.29 -20.83 4.54
C ASN A 191 -18.32 -22.35 4.38
N ARG A 192 -17.52 -23.05 5.21
CA ARG A 192 -17.51 -24.51 5.23
C ARG A 192 -18.80 -25.03 5.85
N PHE A 193 -19.18 -24.47 7.00
CA PHE A 193 -20.33 -24.93 7.75
C PHE A 193 -21.62 -24.70 6.96
N LEU A 194 -21.70 -23.55 6.28
CA LEU A 194 -22.84 -23.21 5.45
C LEU A 194 -22.92 -24.17 4.27
N ALA A 195 -21.76 -24.48 3.69
CA ALA A 195 -21.68 -25.35 2.52
C ALA A 195 -21.95 -26.80 2.93
N GLU A 196 -21.71 -27.11 4.21
CA GLU A 196 -21.86 -28.46 4.75
C GLU A 196 -23.34 -28.83 4.79
N GLN A 197 -24.20 -27.81 4.75
CA GLN A 197 -25.64 -27.99 4.87
C GLN A 197 -26.22 -28.50 3.54
N SER A 198 -25.43 -28.39 2.47
CA SER A 198 -25.81 -28.91 1.16
C SER A 198 -25.88 -30.43 1.20
N CYS A 199 -24.98 -31.03 1.99
CA CYS A 199 -24.92 -32.48 2.16
C CYS A 199 -26.08 -32.95 3.04
N PHE A 200 -26.48 -32.10 3.99
CA PHE A 200 -27.55 -32.41 4.93
C PHE A 200 -28.89 -32.46 4.22
N LEU A 201 -29.14 -31.46 3.36
CA LEU A 201 -30.43 -31.27 2.72
C LEU A 201 -30.55 -32.15 1.48
N ALA A 202 -29.52 -32.97 1.24
CA ALA A 202 -29.46 -33.83 0.07
C ALA A 202 -30.34 -35.06 0.26
N ASP A 203 -30.77 -35.30 1.51
CA ASP A 203 -31.54 -36.48 1.87
C ASP A 203 -33.03 -36.13 1.92
N TYR A 204 -33.35 -34.83 1.87
CA TYR A 204 -34.72 -34.37 2.05
C TYR A 204 -35.26 -33.80 0.75
N LEU A 205 -34.82 -34.37 -0.38
CA LEU A 205 -35.23 -33.92 -1.70
C LEU A 205 -36.69 -34.24 -1.96
N ARG A 206 -37.33 -34.93 -1.01
CA ARG A 206 -38.74 -35.28 -1.09
C ARG A 206 -39.59 -34.07 -0.74
N LEU A 207 -39.09 -33.22 0.16
CA LEU A 207 -39.81 -32.07 0.67
C LEU A 207 -39.86 -30.96 -0.38
N ASP A 208 -40.99 -30.25 -0.42
CA ASP A 208 -41.21 -29.17 -1.36
C ASP A 208 -40.28 -28.01 -1.06
N TYR A 209 -40.05 -27.77 0.24
CA TYR A 209 -39.20 -26.67 0.71
C TYR A 209 -37.79 -26.82 0.13
N VAL A 210 -37.26 -28.05 0.19
CA VAL A 210 -35.89 -28.34 -0.21
C VAL A 210 -35.76 -28.19 -1.72
N LYS A 211 -36.77 -28.67 -2.47
CA LYS A 211 -36.80 -28.51 -3.92
C LYS A 211 -36.84 -27.02 -4.27
N GLY A 212 -37.68 -26.27 -3.56
CA GLY A 212 -37.84 -24.84 -3.76
C GLY A 212 -36.57 -24.07 -3.40
N LEU A 213 -35.84 -24.56 -2.38
CA LEU A 213 -34.61 -23.95 -1.91
C LEU A 213 -33.52 -24.11 -2.96
N LEU A 214 -33.40 -25.33 -3.50
CA LEU A 214 -32.37 -25.67 -4.47
C LEU A 214 -32.59 -24.91 -5.77
N LEU A 215 -33.81 -25.02 -6.31
CA LEU A 215 -34.15 -24.46 -7.62
C LEU A 215 -33.92 -22.95 -7.62
N SER A 216 -34.44 -22.26 -6.59
CA SER A 216 -34.39 -20.81 -6.51
C SER A 216 -32.96 -20.30 -6.46
N ASN A 217 -32.07 -21.08 -5.84
CA ASN A 217 -30.66 -20.74 -5.73
C ASN A 217 -29.93 -21.03 -7.04
N LEU A 218 -30.27 -22.15 -7.68
CA LEU A 218 -29.67 -22.55 -8.94
C LEU A 218 -30.05 -21.58 -10.05
N ARG A 219 -31.29 -21.09 -10.01
CA ARG A 219 -31.80 -20.11 -10.96
C ARG A 219 -31.07 -18.78 -10.74
N SER A 220 -30.81 -18.46 -9.47
CA SER A 220 -30.16 -17.21 -9.09
C SER A 220 -28.73 -17.17 -9.63
N PHE A 221 -28.09 -18.35 -9.70
CA PHE A 221 -26.74 -18.46 -10.24
C PHE A 221 -26.76 -18.16 -11.74
N PHE A 222 -27.73 -18.74 -12.46
CA PHE A 222 -27.86 -18.55 -13.89
C PHE A 222 -28.12 -17.09 -14.22
N LEU A 223 -29.08 -16.48 -13.52
CA LEU A 223 -29.55 -15.13 -13.78
C LEU A 223 -28.42 -14.12 -13.63
N ARG A 224 -27.51 -14.38 -12.69
CA ARG A 224 -26.51 -13.40 -12.29
C ARG A 224 -25.15 -13.72 -12.90
N ASN A 225 -24.93 -15.00 -13.24
CA ASN A 225 -23.62 -15.43 -13.72
C ASN A 225 -23.72 -15.92 -15.17
N VAL A 226 -24.51 -16.97 -15.40
CA VAL A 226 -24.55 -17.68 -16.66
C VAL A 226 -25.15 -16.78 -17.75
N MET A 227 -26.11 -15.93 -17.36
CA MET A 227 -26.87 -15.09 -18.28
C MET A 227 -25.95 -14.07 -18.96
N GLN A 228 -24.83 -13.74 -18.29
CA GLN A 228 -23.96 -12.65 -18.73
C GLN A 228 -23.11 -13.09 -19.93
N TYR A 229 -22.96 -14.41 -20.11
CA TYR A 229 -22.15 -14.96 -21.18
C TYR A 229 -23.01 -15.22 -22.41
N ASP A 230 -22.36 -15.60 -23.52
CA ASP A 230 -23.04 -16.05 -24.72
C ASP A 230 -23.34 -17.54 -24.56
N TYR A 231 -24.42 -17.83 -23.82
CA TYR A 231 -24.71 -19.16 -23.30
C TYR A 231 -25.52 -19.99 -24.30
N LEU A 232 -26.03 -19.34 -25.34
CA LEU A 232 -26.92 -19.98 -26.30
C LEU A 232 -26.12 -20.57 -27.46
N ASN A 233 -24.82 -20.29 -27.49
CA ASN A 233 -23.99 -20.63 -28.64
C ASN A 233 -22.75 -21.42 -28.22
N TYR A 234 -22.55 -21.54 -26.89
CA TYR A 234 -21.37 -22.21 -26.36
C TYR A 234 -21.77 -23.28 -25.35
N PRO A 235 -21.01 -24.41 -25.28
CA PRO A 235 -21.30 -25.47 -24.31
C PRO A 235 -21.07 -25.00 -22.87
N ILE A 236 -22.01 -25.38 -21.99
CA ILE A 236 -21.91 -25.04 -20.58
C ILE A 236 -21.68 -26.32 -19.78
N ARG A 237 -20.51 -26.38 -19.12
CA ARG A 237 -20.12 -27.57 -18.36
C ARG A 237 -19.90 -27.17 -16.90
N PHE A 238 -20.33 -28.06 -15.99
CA PHE A 238 -20.30 -27.78 -14.57
C PHE A 238 -19.33 -28.71 -13.84
N VAL A 239 -18.78 -28.20 -12.73
CA VAL A 239 -17.93 -28.94 -11.82
C VAL A 239 -18.29 -28.53 -10.39
N GLY A 240 -18.24 -29.49 -9.45
CA GLY A 240 -18.47 -29.20 -8.05
C GLY A 240 -19.38 -30.23 -7.39
N SER A 241 -19.38 -30.24 -6.05
CA SER A 241 -20.12 -31.20 -5.25
C SER A 241 -21.62 -30.94 -5.37
N VAL A 242 -22.01 -29.66 -5.31
CA VAL A 242 -23.41 -29.25 -5.38
C VAL A 242 -23.96 -29.60 -6.76
N ALA A 243 -23.14 -29.35 -7.80
CA ALA A 243 -23.51 -29.65 -9.17
C ALA A 243 -23.73 -31.15 -9.34
N TYR A 244 -22.84 -31.94 -8.72
CA TYR A 244 -22.84 -33.40 -8.87
C TYR A 244 -24.03 -34.01 -8.13
N ASN A 245 -24.27 -33.54 -6.90
CA ASN A 245 -25.29 -34.11 -6.03
C ASN A 245 -26.68 -33.75 -6.53
N TYR A 246 -26.82 -32.54 -7.09
CA TYR A 246 -28.10 -32.04 -7.55
C TYR A 246 -28.09 -31.92 -9.07
N ALA A 247 -27.59 -32.96 -9.74
CA ALA A 247 -27.40 -32.98 -11.18
C ALA A 247 -28.74 -32.92 -11.91
N ASP A 248 -29.77 -33.49 -11.29
CA ASP A 248 -31.11 -33.53 -11.86
C ASP A 248 -31.72 -32.14 -11.86
N LEU A 249 -31.60 -31.44 -10.72
CA LEU A 249 -32.20 -30.14 -10.53
C LEU A 249 -31.46 -29.08 -11.35
N LEU A 250 -30.15 -29.28 -11.52
CA LEU A 250 -29.30 -28.37 -12.28
C LEU A 250 -29.66 -28.47 -13.77
N HIS A 251 -29.90 -29.70 -14.23
CA HIS A 251 -30.29 -29.97 -15.61
C HIS A 251 -31.65 -29.36 -15.89
N GLN A 252 -32.52 -29.37 -14.86
CA GLN A 252 -33.86 -28.82 -14.94
C GLN A 252 -33.79 -27.31 -15.15
N VAL A 253 -32.95 -26.64 -14.34
CA VAL A 253 -32.77 -25.20 -14.40
C VAL A 253 -32.18 -24.82 -15.75
N GLY A 254 -31.24 -25.63 -16.24
CA GLY A 254 -30.63 -25.44 -17.54
C GLY A 254 -31.68 -25.38 -18.66
N LYS A 255 -32.63 -26.33 -18.61
CA LYS A 255 -33.67 -26.45 -19.62
C LYS A 255 -34.63 -25.26 -19.55
N GLU A 256 -34.75 -24.66 -18.35
CA GLU A 256 -35.61 -23.50 -18.13
C GLU A 256 -35.02 -22.28 -18.85
N PHE A 257 -33.69 -22.21 -18.90
CA PHE A 257 -32.99 -21.10 -19.53
C PHE A 257 -32.62 -21.46 -20.97
N GLY A 258 -33.06 -22.65 -21.41
CA GLY A 258 -32.94 -23.08 -22.79
C GLY A 258 -31.51 -23.52 -23.15
N VAL A 259 -30.87 -24.23 -22.21
CA VAL A 259 -29.55 -24.80 -22.45
C VAL A 259 -29.53 -26.27 -22.04
N GLU A 260 -28.72 -27.06 -22.74
CA GLU A 260 -28.60 -28.49 -22.49
C GLU A 260 -27.30 -28.76 -21.75
N LEU A 261 -27.42 -28.98 -20.43
CA LEU A 261 -26.27 -29.29 -19.59
C LEU A 261 -25.98 -30.79 -19.69
N SER A 262 -24.81 -31.13 -20.22
CA SER A 262 -24.44 -32.51 -20.50
C SER A 262 -23.35 -32.98 -19.55
N VAL A 263 -22.28 -32.18 -19.42
CA VAL A 263 -21.14 -32.54 -18.61
C VAL A 263 -21.30 -31.93 -17.22
N VAL A 264 -21.41 -32.80 -16.21
CA VAL A 264 -21.43 -32.40 -14.81
C VAL A 264 -20.47 -33.30 -14.06
N GLU A 265 -19.28 -32.76 -13.75
CA GLU A 265 -18.23 -33.51 -13.09
C GLU A 265 -18.20 -33.15 -11.61
N GLU A 266 -17.75 -34.10 -10.78
CA GLU A 266 -17.64 -33.89 -9.35
C GLU A 266 -16.41 -33.04 -9.06
N THR A 267 -15.26 -33.45 -9.61
CA THR A 267 -14.01 -32.71 -9.50
C THR A 267 -13.42 -32.52 -10.90
N PRO A 268 -12.69 -31.40 -11.16
CA PRO A 268 -12.10 -31.16 -12.47
C PRO A 268 -10.72 -31.81 -12.61
N MET A 269 -10.35 -32.60 -11.59
CA MET A 269 -9.00 -33.12 -11.43
C MET A 269 -8.68 -34.14 -12.51
N GLY A 270 -9.70 -34.93 -12.90
CA GLY A 270 -9.57 -35.95 -13.93
C GLY A 270 -9.06 -35.37 -15.25
N GLY A 271 -9.50 -34.15 -15.57
CA GLY A 271 -9.12 -33.47 -16.80
C GLY A 271 -7.81 -32.68 -16.64
N LEU A 272 -7.47 -32.35 -15.40
CA LEU A 272 -6.26 -31.59 -15.10
C LEU A 272 -5.02 -32.45 -15.33
N ILE A 273 -5.14 -33.76 -15.06
CA ILE A 273 -4.08 -34.71 -15.28
C ILE A 273 -3.88 -34.88 -16.79
N LYS A 274 -5.00 -34.89 -17.53
CA LYS A 274 -5.00 -34.99 -18.98
C LYS A 274 -4.37 -33.73 -19.59
N TYR A 275 -4.66 -32.58 -18.98
CA TYR A 275 -4.18 -31.30 -19.48
C TYR A 275 -2.68 -31.17 -19.24
N HIS A 276 -2.23 -31.53 -18.04
CA HIS A 276 -0.83 -31.45 -17.67
C HIS A 276 -0.09 -32.72 -18.08
N ALA A 277 -0.34 -33.17 -19.32
CA ALA A 277 0.32 -34.32 -19.91
C ALA A 277 1.04 -33.91 -21.19
N PHE A 278 1.38 -32.62 -21.28
CA PHE A 278 2.09 -32.05 -22.41
C PHE A 278 2.93 -30.86 -21.95
N ALA B 2 -18.62 23.64 14.82
CA ALA B 2 -18.23 22.21 14.74
C ALA B 2 -16.80 22.09 14.23
N LYS B 3 -15.92 21.57 15.09
CA LYS B 3 -14.52 21.34 14.78
C LYS B 3 -14.19 19.87 15.01
N LEU B 4 -13.11 19.40 14.37
CA LEU B 4 -12.67 18.03 14.52
C LEU B 4 -11.22 18.00 14.99
N ILE B 5 -10.99 17.38 16.15
CA ILE B 5 -9.67 17.23 16.72
C ILE B 5 -9.27 15.76 16.64
N ALA B 6 -8.09 15.50 16.05
CA ALA B 6 -7.59 14.15 15.87
C ALA B 6 -6.18 14.04 16.45
N GLU B 7 -5.89 12.87 17.03
CA GLU B 7 -4.62 12.62 17.69
C GLU B 7 -4.22 11.16 17.47
N SER B 8 -3.08 10.96 16.81
CA SER B 8 -2.59 9.63 16.46
C SER B 8 -1.20 9.39 17.05
N GLY B 9 -0.97 8.16 17.52
CA GLY B 9 0.27 7.78 18.16
C GLY B 9 0.91 6.54 17.54
N SER B 10 0.37 6.13 16.38
CA SER B 10 0.91 5.07 15.53
C SER B 10 0.02 3.82 15.54
N THR B 11 -0.55 3.49 16.70
CA THR B 11 -1.42 2.32 16.82
C THR B 11 -2.88 2.70 16.61
N LYS B 12 -3.29 3.80 17.24
CA LYS B 12 -4.68 4.26 17.17
C LYS B 12 -4.71 5.75 16.85
N THR B 13 -5.82 6.18 16.22
CA THR B 13 -6.09 7.59 15.98
C THR B 13 -7.41 7.94 16.64
N GLU B 14 -7.37 8.92 17.54
CA GLU B 14 -8.54 9.36 18.29
C GLU B 14 -9.16 10.57 17.60
N TRP B 15 -10.44 10.44 17.23
CA TRP B 15 -11.17 11.51 16.59
C TRP B 15 -12.24 12.04 17.54
N SER B 16 -12.35 13.37 17.61
CA SER B 16 -13.32 14.02 18.47
C SER B 16 -14.08 15.10 17.69
N LEU B 17 -15.39 14.89 17.52
CA LEU B 17 -16.27 15.89 16.94
C LEU B 17 -16.80 16.76 18.08
N VAL B 18 -16.44 18.05 18.04
CA VAL B 18 -16.70 18.96 19.15
C VAL B 18 -17.34 20.25 18.62
N GLU B 19 -18.24 20.81 19.43
CA GLU B 19 -18.76 22.16 19.24
C GLU B 19 -18.29 23.02 20.41
N GLY B 20 -17.20 23.76 20.18
CA GLY B 20 -16.56 24.55 21.23
C GLY B 20 -15.79 23.68 22.21
N GLU B 21 -16.47 23.30 23.30
CA GLU B 21 -15.87 22.50 24.35
C GLU B 21 -16.78 21.31 24.70
N HIS B 22 -17.87 21.17 23.95
CA HIS B 22 -18.79 20.06 24.13
C HIS B 22 -18.49 18.97 23.12
N LEU B 23 -18.23 17.75 23.62
CA LEU B 23 -17.98 16.59 22.78
C LEU B 23 -19.30 16.01 22.31
N ILE B 24 -19.41 15.80 20.99
CA ILE B 24 -20.61 15.26 20.38
C ILE B 24 -20.40 13.76 20.15
N GLN B 25 -19.27 13.42 19.52
CA GLN B 25 -18.99 12.05 19.13
C GLN B 25 -17.47 11.81 19.20
N ARG B 26 -17.10 10.61 19.67
CA ARG B 26 -15.70 10.20 19.72
C ARG B 26 -15.56 8.81 19.12
N VAL B 27 -14.74 8.72 18.07
CA VAL B 27 -14.50 7.47 17.36
C VAL B 27 -12.99 7.26 17.23
N PHE B 28 -12.56 6.00 17.25
CA PHE B 28 -11.17 5.63 17.06
C PHE B 28 -11.00 4.89 15.74
N THR B 29 -9.88 5.17 15.06
CA THR B 29 -9.48 4.41 13.88
C THR B 29 -8.08 3.86 14.12
N GLU B 30 -7.51 3.21 13.11
CA GLU B 30 -6.14 2.71 13.19
C GLU B 30 -5.18 3.90 13.17
N GLY B 31 -3.96 3.67 13.68
CA GLY B 31 -2.95 4.72 13.81
C GLY B 31 -2.48 5.24 12.47
N LEU B 32 -2.11 6.53 12.45
CA LEU B 32 -1.62 7.18 11.24
C LEU B 32 -0.21 7.71 11.50
N ASN B 33 0.74 7.25 10.68
CA ASN B 33 2.13 7.64 10.78
C ASN B 33 2.71 7.72 9.38
N PRO B 34 3.08 8.92 8.88
CA PRO B 34 3.53 9.09 7.50
C PRO B 34 4.93 8.53 7.21
N PHE B 35 5.55 7.90 8.22
CA PHE B 35 6.78 7.16 8.02
C PHE B 35 6.47 5.75 7.53
N PHE B 36 5.26 5.27 7.84
CA PHE B 36 4.91 3.88 7.58
C PHE B 36 3.73 3.80 6.60
N GLN B 37 3.14 4.95 6.27
CA GLN B 37 1.95 5.00 5.45
C GLN B 37 2.09 6.09 4.38
N THR B 38 1.68 5.73 3.15
CA THR B 38 1.61 6.67 2.04
C THR B 38 0.31 7.47 2.15
N ARG B 39 0.18 8.51 1.32
CA ARG B 39 -0.98 9.39 1.32
C ARG B 39 -2.24 8.58 1.05
N ARG B 40 -2.12 7.57 0.17
CA ARG B 40 -3.21 6.75 -0.29
C ARG B 40 -3.72 5.88 0.85
N GLU B 41 -2.78 5.35 1.66
CA GLU B 41 -3.10 4.47 2.77
C GLU B 41 -3.78 5.26 3.89
N ILE B 42 -3.29 6.48 4.13
CA ILE B 42 -3.80 7.36 5.17
C ILE B 42 -5.24 7.75 4.85
N SER B 43 -5.49 8.11 3.57
CA SER B 43 -6.79 8.60 3.15
C SER B 43 -7.83 7.49 3.16
N ARG B 44 -7.41 6.25 2.92
CA ARG B 44 -8.29 5.10 2.99
C ARG B 44 -8.65 4.80 4.45
N SER B 45 -7.65 4.87 5.33
CA SER B 45 -7.80 4.64 6.75
C SER B 45 -8.87 5.55 7.33
N ILE B 46 -8.84 6.82 6.90
CA ILE B 46 -9.77 7.85 7.35
C ILE B 46 -11.18 7.52 6.85
N ARG B 47 -11.26 7.12 5.57
CA ARG B 47 -12.55 6.95 4.90
C ARG B 47 -13.26 5.70 5.43
N LEU B 48 -12.51 4.60 5.58
CA LEU B 48 -13.06 3.33 6.01
C LEU B 48 -13.27 3.33 7.52
N GLY B 49 -12.41 4.05 8.24
CA GLY B 49 -12.41 4.06 9.69
C GLY B 49 -13.57 4.88 10.27
N LEU B 50 -13.69 6.14 9.81
CA LEU B 50 -14.66 7.07 10.34
C LEU B 50 -16.05 6.80 9.76
N PRO B 51 -17.14 7.03 10.52
CA PRO B 51 -18.50 6.95 9.99
C PRO B 51 -18.74 8.00 8.90
N ASP B 52 -19.80 7.78 8.10
CA ASP B 52 -20.19 8.68 7.04
C ASP B 52 -20.71 9.98 7.64
N SER B 53 -20.84 9.99 8.99
CA SER B 53 -21.34 11.13 9.74
C SER B 53 -20.36 12.30 9.69
N PHE B 54 -19.06 11.98 9.74
CA PHE B 54 -18.00 12.96 9.91
C PHE B 54 -17.77 13.74 8.62
N PHE B 55 -18.01 13.07 7.49
CA PHE B 55 -17.66 13.61 6.17
C PHE B 55 -18.78 14.50 5.63
N LYS B 56 -20.01 14.24 6.07
CA LYS B 56 -21.18 14.94 5.56
C LYS B 56 -21.42 16.22 6.37
N ARG B 57 -20.83 16.30 7.56
CA ARG B 57 -21.06 17.41 8.47
C ARG B 57 -20.09 18.55 8.16
N LYS B 58 -20.54 19.78 8.41
CA LYS B 58 -19.75 20.98 8.17
C LYS B 58 -18.72 21.13 9.28
N LEU B 59 -17.44 21.18 8.88
CA LEU B 59 -16.34 21.33 9.81
C LEU B 59 -15.61 22.64 9.52
N GLU B 60 -15.30 23.38 10.59
CA GLU B 60 -14.63 24.67 10.49
C GLU B 60 -13.14 24.45 10.24
N GLN B 61 -12.44 23.88 11.22
CA GLN B 61 -11.06 23.46 11.07
C GLN B 61 -10.93 22.00 11.48
N VAL B 62 -9.88 21.34 10.96
CA VAL B 62 -9.48 20.03 11.44
C VAL B 62 -8.08 20.15 12.06
N PHE B 63 -8.02 19.94 13.37
CA PHE B 63 -6.76 19.96 14.10
C PHE B 63 -6.26 18.53 14.26
N PHE B 64 -5.07 18.25 13.72
CA PHE B 64 -4.51 16.91 13.73
C PHE B 64 -3.13 16.94 14.35
N TYR B 65 -2.91 16.01 15.30
CA TYR B 65 -1.61 15.82 15.92
C TYR B 65 -1.22 14.35 15.79
N GLY B 66 -0.18 14.08 14.98
CA GLY B 66 0.21 12.72 14.69
C GLY B 66 1.69 12.46 14.91
N ALA B 67 2.01 11.21 15.26
CA ALA B 67 3.39 10.74 15.32
C ALA B 67 3.90 10.53 13.90
N GLY B 68 5.19 10.83 13.69
CA GLY B 68 5.82 10.69 12.39
C GLY B 68 5.73 11.98 11.57
N CYS B 69 5.00 12.98 12.10
CA CYS B 69 4.88 14.28 11.47
C CYS B 69 6.09 15.13 11.83
N THR B 70 7.27 14.69 11.35
CA THR B 70 8.54 15.29 11.70
C THR B 70 8.76 16.55 10.87
N SER B 71 9.10 16.35 9.58
CA SER B 71 9.40 17.45 8.67
C SER B 71 8.09 18.03 8.13
N ALA B 72 8.21 19.15 7.39
CA ALA B 72 7.08 19.80 6.74
C ALA B 72 6.56 18.91 5.62
N GLU B 73 7.46 18.07 5.07
CA GLU B 73 7.14 17.16 3.97
C GLU B 73 6.23 16.04 4.49
N LYS B 74 6.51 15.58 5.72
CA LYS B 74 5.74 14.51 6.34
C LYS B 74 4.35 15.01 6.70
N LYS B 75 4.27 16.25 7.18
CA LYS B 75 3.00 16.88 7.56
C LYS B 75 2.13 17.08 6.32
N SER B 76 2.79 17.33 5.18
CA SER B 76 2.13 17.59 3.91
C SER B 76 1.34 16.37 3.45
N VAL B 77 1.89 15.17 3.72
CA VAL B 77 1.29 13.92 3.32
C VAL B 77 -0.02 13.73 4.10
N VAL B 78 0.00 14.08 5.39
CA VAL B 78 -1.14 13.93 6.27
C VAL B 78 -2.17 15.01 5.93
N GLU B 79 -1.69 16.23 5.67
CA GLU B 79 -2.54 17.37 5.37
C GLU B 79 -3.30 17.12 4.06
N ALA B 80 -2.61 16.56 3.07
CA ALA B 80 -3.16 16.31 1.75
C ALA B 80 -4.29 15.30 1.83
N SER B 81 -4.22 14.39 2.81
CA SER B 81 -5.22 13.37 3.03
C SER B 81 -6.46 13.97 3.70
N LEU B 82 -6.23 14.84 4.67
CA LEU B 82 -7.29 15.44 5.48
C LEU B 82 -8.08 16.44 4.64
N VAL B 83 -7.38 17.22 3.82
CA VAL B 83 -8.00 18.22 2.96
C VAL B 83 -8.76 17.52 1.84
N ALA B 84 -8.26 16.35 1.42
CA ALA B 84 -8.89 15.56 0.37
C ALA B 84 -10.20 14.97 0.86
N GLN B 85 -10.23 14.55 2.14
CA GLN B 85 -11.35 13.82 2.69
C GLN B 85 -12.41 14.78 3.22
N PHE B 86 -11.97 15.80 3.97
CA PHE B 86 -12.88 16.66 4.70
C PHE B 86 -13.20 17.92 3.91
N LYS B 87 -12.28 18.34 3.03
CA LYS B 87 -12.41 19.52 2.20
C LYS B 87 -12.60 20.75 3.08
N THR B 88 -11.68 20.91 4.04
CA THR B 88 -11.69 22.01 5.00
C THR B 88 -10.26 22.22 5.51
N PRO B 89 -9.85 23.48 5.79
CA PRO B 89 -8.50 23.76 6.30
C PRO B 89 -8.07 22.83 7.44
N ALA B 90 -6.98 22.08 7.21
CA ALA B 90 -6.45 21.14 8.16
C ALA B 90 -5.11 21.63 8.69
N TYR B 91 -4.87 21.39 9.98
CA TYR B 91 -3.66 21.84 10.65
C TYR B 91 -2.95 20.64 11.29
N VAL B 92 -1.92 20.14 10.59
CA VAL B 92 -1.20 18.94 10.97
C VAL B 92 0.04 19.31 11.76
N GLU B 93 0.11 18.82 13.00
CA GLU B 93 1.25 19.02 13.88
C GLU B 93 1.70 17.68 14.44
N SER B 94 2.79 17.70 15.22
CA SER B 94 3.27 16.52 15.93
C SER B 94 2.35 16.21 17.10
N ASP B 95 2.30 14.93 17.48
CA ASP B 95 1.49 14.48 18.61
C ASP B 95 2.13 14.94 19.92
N LEU B 96 3.39 15.41 19.84
CA LEU B 96 4.09 15.95 20.99
C LEU B 96 3.48 17.28 21.40
N LEU B 97 2.96 18.02 20.39
CA LEU B 97 2.32 19.30 20.63
C LEU B 97 0.93 19.08 21.24
N ALA B 98 0.34 17.91 20.95
CA ALA B 98 -0.93 17.51 21.53
C ALA B 98 -0.74 17.25 23.02
N ALA B 99 0.38 16.61 23.37
CA ALA B 99 0.72 16.31 24.75
C ALA B 99 0.95 17.61 25.52
N ALA B 100 1.65 18.56 24.86
CA ALA B 100 2.03 19.82 25.49
C ALA B 100 0.79 20.65 25.78
N ARG B 101 -0.04 20.86 24.76
CA ARG B 101 -1.23 21.68 24.86
C ARG B 101 -2.27 20.99 25.75
N GLY B 102 -2.37 19.67 25.62
CA GLY B 102 -3.37 18.88 26.33
C GLY B 102 -3.14 18.87 27.84
N LEU B 103 -1.86 18.87 28.24
CA LEU B 103 -1.49 18.68 29.64
C LEU B 103 -1.28 20.02 30.34
N PHE B 104 -0.97 21.08 29.56
CA PHE B 104 -0.52 22.33 30.14
C PHE B 104 -1.42 23.51 29.74
N GLN B 105 -2.15 23.37 28.63
CA GLN B 105 -2.89 24.47 28.01
C GLN B 105 -1.92 25.60 27.67
N HIS B 106 -1.83 26.59 28.57
CA HIS B 106 -1.01 27.77 28.35
C HIS B 106 -0.02 27.95 29.51
N ASP B 107 0.28 26.86 30.19
CA ASP B 107 1.23 26.85 31.30
C ASP B 107 2.56 26.27 30.84
N SER B 108 3.61 26.53 31.64
CA SER B 108 4.95 26.01 31.36
C SER B 108 5.16 24.68 32.09
N GLY B 109 5.89 23.77 31.43
CA GLY B 109 6.24 22.49 32.01
C GLY B 109 6.83 21.53 30.98
N ILE B 110 7.01 20.27 31.40
CA ILE B 110 7.61 19.24 30.56
C ILE B 110 6.54 18.19 30.24
N ALA B 111 6.20 18.10 28.95
CA ALA B 111 5.24 17.12 28.48
C ALA B 111 5.99 15.91 27.93
N CYS B 112 5.51 14.71 28.30
CA CYS B 112 6.13 13.46 27.89
C CYS B 112 5.06 12.50 27.37
N ILE B 113 5.44 11.71 26.35
CA ILE B 113 4.57 10.69 25.79
C ILE B 113 5.18 9.32 26.06
N LEU B 114 4.34 8.40 26.54
CA LEU B 114 4.70 6.98 26.65
C LEU B 114 3.57 6.14 26.07
N GLY B 115 3.64 5.90 24.75
CA GLY B 115 2.69 5.06 24.05
C GLY B 115 3.40 4.02 23.19
N THR B 116 3.01 3.95 21.91
CA THR B 116 3.68 3.10 20.93
C THR B 116 5.12 3.56 20.81
N GLY B 117 5.31 4.88 20.72
CA GLY B 117 6.61 5.51 20.85
C GLY B 117 6.65 6.43 22.07
N SER B 118 7.81 7.04 22.31
CA SER B 118 7.96 7.99 23.40
C SER B 118 8.54 9.30 22.88
N ASN B 119 8.17 10.40 23.54
CA ASN B 119 8.63 11.73 23.16
C ASN B 119 8.60 12.63 24.41
N SER B 120 9.37 13.73 24.34
CA SER B 120 9.48 14.67 25.45
C SER B 120 9.74 16.07 24.90
N CYS B 121 9.35 17.08 25.68
CA CYS B 121 9.57 18.48 25.30
C CYS B 121 9.43 19.40 26.52
N PHE B 122 10.02 20.59 26.40
CA PHE B 122 9.69 21.70 27.29
C PHE B 122 8.72 22.64 26.57
N TYR B 123 7.66 23.01 27.29
CA TYR B 123 6.58 23.84 26.75
C TYR B 123 6.49 25.11 27.58
N ASP B 124 6.44 26.26 26.91
CA ASP B 124 6.46 27.55 27.58
C ASP B 124 5.06 28.17 27.60
N GLY B 125 4.05 27.37 27.22
CA GLY B 125 2.67 27.81 27.23
C GLY B 125 2.17 28.21 25.84
N HIS B 126 3.11 28.31 24.89
CA HIS B 126 2.80 28.76 23.54
C HIS B 126 3.42 27.81 22.52
N VAL B 127 4.75 27.63 22.63
CA VAL B 127 5.51 26.83 21.68
C VAL B 127 6.43 25.86 22.43
N ILE B 128 6.85 24.79 21.75
CA ILE B 128 7.86 23.88 22.24
C ILE B 128 9.22 24.56 22.10
N VAL B 129 9.90 24.75 23.24
CA VAL B 129 11.17 25.47 23.28
C VAL B 129 12.31 24.47 23.03
N LYS B 130 12.32 23.37 23.79
CA LYS B 130 13.31 22.33 23.62
C LYS B 130 12.62 20.99 23.42
N ASN B 131 13.11 20.21 22.46
CA ASN B 131 12.56 18.90 22.14
C ASN B 131 13.71 17.93 21.88
N VAL B 132 13.87 16.96 22.79
CA VAL B 132 14.80 15.85 22.57
C VAL B 132 14.16 14.91 21.55
N ARG B 133 14.89 14.68 20.44
CA ARG B 133 14.39 13.95 19.29
C ARG B 133 13.98 12.54 19.71
N ALA B 134 12.82 12.10 19.21
CA ALA B 134 12.24 10.81 19.57
C ALA B 134 13.10 9.66 19.05
N GLY B 135 13.28 9.62 17.73
CA GLY B 135 14.17 8.66 17.10
C GLY B 135 13.44 7.51 16.42
N GLY B 136 12.18 7.29 16.80
CA GLY B 136 11.39 6.18 16.28
C GLY B 136 11.66 4.90 17.06
N TYR B 137 11.06 3.79 16.60
CA TYR B 137 11.03 2.55 17.36
C TYR B 137 12.39 1.85 17.34
N ILE B 138 13.24 2.19 16.36
CA ILE B 138 14.53 1.54 16.21
C ILE B 138 15.62 2.35 16.92
N LEU B 139 15.65 3.66 16.65
CA LEU B 139 16.77 4.50 17.07
C LEU B 139 16.47 5.23 18.39
N GLY B 140 15.25 5.08 18.90
CA GLY B 140 14.88 5.76 20.14
C GLY B 140 13.64 5.17 20.79
N ASP B 141 12.79 6.06 21.32
CA ASP B 141 11.55 5.71 21.97
C ASP B 141 11.82 4.84 23.20
N GLU B 142 12.61 5.38 24.14
CA GLU B 142 12.94 4.69 25.37
C GLU B 142 11.72 4.68 26.29
N GLY B 143 11.48 3.53 26.92
CA GLY B 143 10.39 3.37 27.88
C GLY B 143 9.03 3.29 27.20
N SER B 144 9.04 3.17 25.87
CA SER B 144 7.80 3.06 25.10
C SER B 144 7.37 1.60 25.02
N GLY B 145 6.18 1.39 24.42
CA GLY B 145 5.67 0.04 24.18
C GLY B 145 6.57 -0.75 23.23
N ALA B 146 7.05 -0.07 22.18
CA ALA B 146 7.89 -0.68 21.17
C ALA B 146 9.24 -1.08 21.76
N ALA B 147 9.71 -0.29 22.75
CA ALA B 147 10.98 -0.56 23.41
C ALA B 147 10.85 -1.80 24.30
N LEU B 148 9.69 -1.94 24.95
CA LEU B 148 9.39 -3.09 25.79
C LEU B 148 9.32 -4.36 24.93
N GLY B 149 8.71 -4.21 23.74
CA GLY B 149 8.55 -5.30 22.80
C GLY B 149 9.89 -5.82 22.29
N LYS B 150 10.77 -4.90 21.89
CA LYS B 150 12.09 -5.22 21.40
C LYS B 150 12.83 -6.08 22.43
N GLN B 151 12.84 -5.61 23.69
CA GLN B 151 13.58 -6.26 24.76
C GLN B 151 12.97 -7.61 25.09
N PHE B 152 11.64 -7.64 25.21
CA PHE B 152 10.92 -8.86 25.58
C PHE B 152 11.15 -9.95 24.54
N LEU B 153 10.84 -9.64 23.28
CA LEU B 153 10.91 -10.61 22.19
C LEU B 153 12.36 -11.08 22.00
N SER B 154 13.32 -10.20 22.32
CA SER B 154 14.72 -10.55 22.27
C SER B 154 15.01 -11.66 23.29
N ASP B 155 14.47 -11.49 24.49
CA ASP B 155 14.66 -12.42 25.58
C ASP B 155 13.89 -13.71 25.29
N VAL B 156 12.78 -13.57 24.55
CA VAL B 156 11.96 -14.71 24.14
C VAL B 156 12.76 -15.58 23.18
N LEU B 157 13.42 -14.94 22.22
CA LEU B 157 14.15 -15.65 21.18
C LEU B 157 15.42 -16.29 21.75
N LYS B 158 16.03 -15.61 22.73
CA LYS B 158 17.30 -16.03 23.28
C LYS B 158 17.10 -16.84 24.56
N LYS B 159 15.84 -17.17 24.88
CA LYS B 159 15.46 -17.99 26.02
C LYS B 159 16.01 -17.38 27.31
N LEU B 160 15.83 -16.06 27.46
CA LEU B 160 16.33 -15.32 28.61
C LEU B 160 15.14 -14.77 29.40
N ALA B 161 13.93 -14.99 28.89
CA ALA B 161 12.70 -14.66 29.59
C ALA B 161 12.21 -15.90 30.33
N PRO B 162 11.36 -15.76 31.37
CA PRO B 162 10.75 -16.91 32.03
C PRO B 162 9.98 -17.79 31.05
N GLN B 163 10.06 -19.11 31.26
CA GLN B 163 9.48 -20.09 30.35
C GLN B 163 7.95 -20.00 30.34
N VAL B 164 7.39 -19.45 31.42
CA VAL B 164 5.94 -19.28 31.54
C VAL B 164 5.50 -18.12 30.64
N LEU B 165 6.37 -17.12 30.48
CA LEU B 165 6.11 -15.96 29.65
C LEU B 165 6.33 -16.30 28.17
N ILE B 166 7.29 -17.18 27.90
CA ILE B 166 7.61 -17.61 26.55
C ILE B 166 6.45 -18.45 26.01
N ASP B 167 5.94 -19.37 26.83
CA ASP B 167 4.87 -20.27 26.44
C ASP B 167 3.58 -19.49 26.21
N ASP B 168 3.26 -18.58 27.13
CA ASP B 168 2.01 -17.81 27.09
C ASP B 168 1.98 -16.91 25.85
N PHE B 169 3.16 -16.41 25.47
CA PHE B 169 3.29 -15.53 24.31
C PHE B 169 2.92 -16.27 23.03
N PHE B 170 3.54 -17.45 22.85
CA PHE B 170 3.39 -18.23 21.62
C PHE B 170 1.99 -18.81 21.51
N GLU B 171 1.31 -18.96 22.65
CA GLU B 171 -0.03 -19.54 22.67
C GLU B 171 -1.07 -18.47 22.34
N LYS B 172 -0.77 -17.21 22.69
CA LYS B 172 -1.70 -16.11 22.54
C LYS B 172 -1.74 -15.64 21.09
N TYR B 173 -0.56 -15.49 20.48
CA TYR B 173 -0.44 -14.92 19.15
C TYR B 173 -0.34 -16.03 18.10
N ASP B 174 -0.27 -17.28 18.58
CA ASP B 174 -0.16 -18.46 17.74
C ASP B 174 1.02 -18.28 16.76
N LEU B 175 2.23 -18.21 17.33
CA LEU B 175 3.43 -17.95 16.57
C LEU B 175 4.53 -18.94 16.97
N THR B 176 5.57 -19.03 16.13
CA THR B 176 6.79 -19.75 16.43
C THR B 176 7.96 -18.79 16.33
N PRO B 177 9.15 -19.12 16.88
CA PRO B 177 10.32 -18.24 16.80
C PRO B 177 10.59 -17.60 15.43
N HIS B 178 10.45 -18.39 14.36
CA HIS B 178 10.71 -17.92 13.01
C HIS B 178 9.57 -17.05 12.50
N ASP B 179 8.38 -17.21 13.08
CA ASP B 179 7.22 -16.42 12.72
C ASP B 179 7.33 -15.02 13.35
N VAL B 180 7.92 -14.95 14.54
CA VAL B 180 8.19 -13.71 15.25
C VAL B 180 9.14 -12.87 14.40
N MET B 181 10.10 -13.55 13.75
CA MET B 181 11.08 -12.93 12.89
C MET B 181 10.39 -12.31 11.68
N ASP B 182 9.37 -13.02 11.16
CA ASP B 182 8.69 -12.62 9.95
C ASP B 182 7.80 -11.40 10.22
N VAL B 183 7.25 -11.33 11.44
CA VAL B 183 6.30 -10.28 11.80
C VAL B 183 7.04 -8.95 11.94
N VAL B 184 8.28 -9.00 12.43
CA VAL B 184 9.05 -7.80 12.73
C VAL B 184 9.71 -7.27 11.46
N TYR B 185 10.11 -8.17 10.56
CA TYR B 185 11.00 -7.81 9.47
C TYR B 185 10.28 -7.80 8.12
N ASN B 186 9.19 -8.57 8.00
CA ASN B 186 8.56 -8.76 6.70
C ASN B 186 7.12 -8.24 6.69
N ARG B 187 6.55 -8.00 7.89
CA ARG B 187 5.17 -7.55 7.98
C ARG B 187 5.15 -6.06 8.31
N PRO B 188 4.19 -5.28 7.74
CA PRO B 188 4.09 -3.85 8.00
C PRO B 188 3.71 -3.53 9.44
N PHE B 189 4.05 -2.31 9.87
CA PHE B 189 3.78 -1.80 11.22
C PHE B 189 4.42 -2.72 12.27
N PRO B 190 5.76 -2.90 12.26
CA PRO B 190 6.44 -3.68 13.30
C PRO B 190 6.34 -2.99 14.65
N ASN B 191 6.16 -1.67 14.63
CA ASN B 191 6.09 -0.84 15.81
C ASN B 191 4.79 -1.11 16.57
N ARG B 192 3.72 -1.44 15.84
CA ARG B 192 2.42 -1.73 16.43
C ARG B 192 2.49 -3.04 17.20
N PHE B 193 3.17 -4.04 16.62
CA PHE B 193 3.26 -5.37 17.19
C PHE B 193 4.13 -5.35 18.44
N LEU B 194 5.20 -4.54 18.40
CA LEU B 194 6.13 -4.44 19.51
C LEU B 194 5.46 -3.74 20.70
N ALA B 195 4.60 -2.76 20.40
CA ALA B 195 3.88 -2.02 21.42
C ALA B 195 2.76 -2.87 22.03
N GLU B 196 2.31 -3.87 21.26
CA GLU B 196 1.24 -4.78 21.68
C GLU B 196 1.72 -5.61 22.86
N GLN B 197 3.04 -5.74 23.01
CA GLN B 197 3.65 -6.54 24.05
C GLN B 197 3.53 -5.82 25.40
N SER B 198 3.25 -4.51 25.36
CA SER B 198 3.06 -3.71 26.54
C SER B 198 1.78 -4.14 27.27
N CYS B 199 0.73 -4.38 26.49
CA CYS B 199 -0.57 -4.80 27.02
C CYS B 199 -0.49 -6.25 27.50
N PHE B 200 0.42 -7.02 26.87
CA PHE B 200 0.59 -8.43 27.18
C PHE B 200 1.27 -8.60 28.54
N LEU B 201 2.34 -7.83 28.76
CA LEU B 201 3.19 -7.98 29.93
C LEU B 201 2.56 -7.32 31.15
N ALA B 202 1.45 -6.62 30.94
CA ALA B 202 0.78 -5.85 31.99
C ALA B 202 0.17 -6.78 33.03
N ASP B 203 -0.14 -8.02 32.63
CA ASP B 203 -0.83 -8.97 33.49
C ASP B 203 0.18 -9.79 34.29
N TYR B 204 1.47 -9.59 34.02
CA TYR B 204 2.51 -10.39 34.63
C TYR B 204 3.40 -9.53 35.53
N LEU B 205 2.81 -8.48 36.11
CA LEU B 205 3.52 -7.54 36.97
C LEU B 205 4.00 -8.22 38.25
N ARG B 206 3.45 -9.40 38.53
CA ARG B 206 3.81 -10.19 39.70
C ARG B 206 5.24 -10.70 39.56
N LEU B 207 5.65 -11.01 38.32
CA LEU B 207 6.96 -11.56 38.03
C LEU B 207 8.03 -10.49 38.24
N ASP B 208 9.22 -10.94 38.68
CA ASP B 208 10.35 -10.06 38.94
C ASP B 208 10.97 -9.62 37.62
N TYR B 209 10.83 -10.45 36.59
CA TYR B 209 11.35 -10.16 35.26
C TYR B 209 10.67 -8.93 34.69
N VAL B 210 9.33 -8.92 34.75
CA VAL B 210 8.52 -7.88 34.15
C VAL B 210 8.74 -6.56 34.89
N LYS B 211 8.83 -6.64 36.22
CA LYS B 211 9.16 -5.50 37.07
C LYS B 211 10.46 -4.87 36.60
N GLY B 212 11.51 -5.71 36.48
CA GLY B 212 12.85 -5.27 36.10
C GLY B 212 12.92 -4.81 34.64
N LEU B 213 12.01 -5.34 33.82
CA LEU B 213 11.97 -5.01 32.40
C LEU B 213 11.36 -3.63 32.20
N LEU B 214 10.35 -3.31 33.02
CA LEU B 214 9.68 -2.02 32.98
C LEU B 214 10.58 -0.94 33.58
N LEU B 215 11.17 -1.24 34.75
CA LEU B 215 11.99 -0.28 35.49
C LEU B 215 13.15 0.21 34.62
N SER B 216 13.87 -0.74 34.00
CA SER B 216 15.06 -0.44 33.23
C SER B 216 14.72 0.40 32.00
N ASN B 217 13.57 0.13 31.39
CA ASN B 217 13.12 0.84 30.20
C ASN B 217 12.66 2.24 30.55
N LEU B 218 11.91 2.37 31.66
CA LEU B 218 11.38 3.65 32.10
C LEU B 218 12.52 4.56 32.57
N ARG B 219 13.56 3.96 33.18
CA ARG B 219 14.75 4.69 33.58
C ARG B 219 15.46 5.22 32.35
N SER B 220 15.54 4.38 31.30
CA SER B 220 16.21 4.70 30.06
C SER B 220 15.61 5.96 29.44
N PHE B 221 14.31 6.17 29.65
CA PHE B 221 13.61 7.34 29.13
C PHE B 221 14.06 8.58 29.88
N PHE B 222 14.11 8.49 31.22
CA PHE B 222 14.49 9.61 32.06
C PHE B 222 15.95 10.00 31.82
N LEU B 223 16.80 8.99 31.68
CA LEU B 223 18.25 9.17 31.58
C LEU B 223 18.61 9.88 30.27
N ARG B 224 17.82 9.60 29.21
CA ARG B 224 18.20 10.01 27.87
C ARG B 224 17.30 11.14 27.37
N ASN B 225 16.16 11.35 28.03
CA ASN B 225 15.19 12.35 27.56
C ASN B 225 14.89 13.38 28.65
N VAL B 226 14.31 12.91 29.77
CA VAL B 226 13.73 13.77 30.77
C VAL B 226 14.80 14.67 31.41
N MET B 227 15.97 14.08 31.66
CA MET B 227 17.00 14.74 32.45
C MET B 227 17.77 15.77 31.61
N GLN B 228 17.41 15.88 30.32
CA GLN B 228 18.01 16.89 29.46
C GLN B 228 17.32 18.23 29.69
N TYR B 229 16.20 18.21 30.41
CA TYR B 229 15.42 19.40 30.71
C TYR B 229 15.70 19.86 32.13
N ASP B 230 15.11 21.00 32.51
CA ASP B 230 15.14 21.48 33.89
C ASP B 230 13.99 20.84 34.65
N TYR B 231 14.16 19.55 34.96
CA TYR B 231 13.08 18.67 35.36
C TYR B 231 12.71 18.88 36.84
N LEU B 232 13.58 19.56 37.58
CA LEU B 232 13.38 19.77 39.00
C LEU B 232 12.59 21.06 39.23
N ASN B 233 12.58 21.95 38.23
CA ASN B 233 12.03 23.27 38.37
C ASN B 233 10.72 23.41 37.59
N TYR B 234 10.32 22.35 36.90
CA TYR B 234 9.12 22.38 36.08
C TYR B 234 8.29 21.12 36.30
N PRO B 235 6.93 21.20 36.22
CA PRO B 235 6.07 20.02 36.33
C PRO B 235 6.27 19.07 35.16
N ILE B 236 6.32 17.77 35.47
CA ILE B 236 6.48 16.73 34.46
C ILE B 236 5.17 15.94 34.38
N ARG B 237 4.49 16.07 33.23
CA ARG B 237 3.21 15.43 33.01
C ARG B 237 3.35 14.42 31.86
N PHE B 238 2.87 13.19 32.10
CA PHE B 238 2.95 12.12 31.13
C PHE B 238 1.59 11.88 30.50
N VAL B 239 1.62 11.32 29.28
CA VAL B 239 0.42 10.88 28.57
C VAL B 239 0.78 9.67 27.72
N GLY B 240 -0.20 8.76 27.56
CA GLY B 240 -0.01 7.57 26.75
C GLY B 240 -0.50 6.31 27.44
N SER B 241 -0.64 5.23 26.66
CA SER B 241 -1.19 3.96 27.12
C SER B 241 -0.20 3.26 28.06
N VAL B 242 1.10 3.36 27.73
CA VAL B 242 2.15 2.72 28.51
C VAL B 242 2.30 3.47 29.84
N ALA B 243 2.11 4.79 29.80
CA ALA B 243 2.17 5.63 30.99
C ALA B 243 0.96 5.34 31.88
N TYR B 244 -0.19 5.06 31.26
CA TYR B 244 -1.43 4.82 31.97
C TYR B 244 -1.41 3.46 32.66
N ASN B 245 -1.02 2.41 31.90
CA ASN B 245 -1.05 1.05 32.37
C ASN B 245 -0.06 0.85 33.51
N TYR B 246 1.11 1.51 33.40
CA TYR B 246 2.18 1.37 34.36
C TYR B 246 2.36 2.67 35.13
N ALA B 247 1.24 3.20 35.66
CA ALA B 247 1.21 4.49 36.32
C ALA B 247 1.94 4.44 37.66
N ASP B 248 1.87 3.28 38.32
CA ASP B 248 2.46 3.10 39.64
C ASP B 248 3.98 2.96 39.53
N LEU B 249 4.44 2.25 38.50
CA LEU B 249 5.86 2.03 38.28
C LEU B 249 6.52 3.33 37.83
N LEU B 250 5.85 4.07 36.94
CA LEU B 250 6.34 5.33 36.41
C LEU B 250 6.51 6.35 37.54
N HIS B 251 5.57 6.34 38.49
CA HIS B 251 5.59 7.24 39.63
C HIS B 251 6.73 6.85 40.57
N GLN B 252 7.11 5.57 40.58
CA GLN B 252 8.19 5.07 41.42
C GLN B 252 9.52 5.45 40.78
N VAL B 253 9.55 5.48 39.44
CA VAL B 253 10.72 5.93 38.69
C VAL B 253 10.88 7.44 38.87
N GLY B 254 9.75 8.13 39.10
CA GLY B 254 9.76 9.53 39.47
C GLY B 254 10.54 9.78 40.76
N LYS B 255 10.22 8.98 41.79
CA LYS B 255 10.87 9.06 43.09
C LYS B 255 12.36 8.75 42.97
N GLU B 256 12.71 7.87 42.02
CA GLU B 256 14.09 7.47 41.80
C GLU B 256 14.91 8.65 41.29
N PHE B 257 14.24 9.57 40.57
CA PHE B 257 14.90 10.74 39.99
C PHE B 257 14.52 12.00 40.76
N GLY B 258 13.78 11.81 41.87
CA GLY B 258 13.45 12.88 42.80
C GLY B 258 12.44 13.87 42.22
N VAL B 259 11.43 13.36 41.52
CA VAL B 259 10.37 14.18 40.94
C VAL B 259 9.02 13.54 41.24
N GLU B 260 8.01 14.39 41.44
CA GLU B 260 6.65 13.95 41.70
C GLU B 260 5.84 14.00 40.41
N LEU B 261 5.52 12.81 39.88
CA LEU B 261 4.67 12.67 38.71
C LEU B 261 3.23 12.50 39.17
N SER B 262 2.50 13.62 39.26
CA SER B 262 1.16 13.62 39.83
C SER B 262 0.09 13.60 38.75
N VAL B 263 0.49 13.85 37.50
CA VAL B 263 -0.45 13.86 36.39
C VAL B 263 -0.02 12.82 35.36
N VAL B 264 -0.87 11.80 35.19
CA VAL B 264 -0.73 10.81 34.14
C VAL B 264 -2.09 10.60 33.48
N GLU B 265 -2.18 10.99 32.20
CA GLU B 265 -3.38 10.84 31.41
C GLU B 265 -3.16 9.74 30.37
N GLU B 266 -4.25 9.10 29.92
CA GLU B 266 -4.15 8.07 28.91
C GLU B 266 -4.10 8.73 27.53
N THR B 267 -4.96 9.73 27.32
CA THR B 267 -4.98 10.51 26.09
C THR B 267 -5.01 12.00 26.44
N PRO B 268 -4.35 12.88 25.65
CA PRO B 268 -4.34 14.31 25.94
C PRO B 268 -5.53 15.03 25.29
N MET B 269 -6.51 14.23 24.84
CA MET B 269 -7.62 14.70 24.04
C MET B 269 -8.52 15.60 24.87
N GLY B 270 -8.72 15.23 26.14
CA GLY B 270 -9.54 15.99 27.07
C GLY B 270 -9.06 17.44 27.18
N GLY B 271 -7.73 17.62 27.21
CA GLY B 271 -7.11 18.93 27.29
C GLY B 271 -7.18 19.70 25.97
N LEU B 272 -7.10 18.97 24.85
CA LEU B 272 -7.12 19.55 23.52
C LEU B 272 -8.48 20.18 23.23
N ILE B 273 -9.55 19.55 23.74
CA ILE B 273 -10.90 20.06 23.60
C ILE B 273 -11.01 21.37 24.37
N LYS B 274 -10.38 21.43 25.55
CA LYS B 274 -10.35 22.63 26.39
C LYS B 274 -9.53 23.71 25.69
N TYR B 275 -8.43 23.29 25.05
CA TYR B 275 -7.50 24.21 24.39
C TYR B 275 -8.16 24.84 23.17
N HIS B 276 -8.81 24.01 22.36
CA HIS B 276 -9.47 24.46 21.14
C HIS B 276 -10.91 24.87 21.43
N ALA B 277 -11.07 25.78 22.41
CA ALA B 277 -12.36 26.36 22.73
C ALA B 277 -12.39 27.82 22.26
N PHE B 278 -11.21 28.43 22.18
CA PHE B 278 -11.00 29.79 21.69
C PHE B 278 -11.92 30.77 22.44
N ALA C 2 -28.56 10.61 39.81
CA ALA C 2 -28.34 10.49 38.34
C ALA C 2 -28.16 9.02 37.97
N LYS C 3 -28.61 8.68 36.76
CA LYS C 3 -28.44 7.34 36.21
C LYS C 3 -28.13 7.45 34.72
N LEU C 4 -27.54 6.39 34.16
CA LEU C 4 -27.05 6.40 32.79
C LEU C 4 -27.86 5.42 31.94
N ILE C 5 -28.30 5.90 30.77
CA ILE C 5 -29.01 5.10 29.79
C ILE C 5 -28.16 5.07 28.52
N ALA C 6 -27.83 3.85 28.06
CA ALA C 6 -27.01 3.66 26.88
C ALA C 6 -27.73 2.75 25.88
N GLU C 7 -27.61 3.09 24.59
CA GLU C 7 -28.28 2.37 23.52
C GLU C 7 -27.30 2.18 22.37
N SER C 8 -26.98 0.92 22.06
CA SER C 8 -26.02 0.57 21.03
C SER C 8 -26.70 -0.26 19.94
N GLY C 9 -26.27 -0.05 18.69
CA GLY C 9 -26.83 -0.75 17.55
C GLY C 9 -25.76 -1.24 16.58
N SER C 10 -24.57 -1.54 17.12
CA SER C 10 -23.46 -2.16 16.41
C SER C 10 -22.54 -1.12 15.76
N THR C 11 -23.12 0.00 15.33
CA THR C 11 -22.37 1.05 14.65
C THR C 11 -21.99 2.16 15.64
N LYS C 12 -22.99 2.63 16.40
CA LYS C 12 -22.76 3.69 17.37
C LYS C 12 -23.45 3.35 18.69
N THR C 13 -22.97 3.97 19.78
CA THR C 13 -23.58 3.85 21.10
C THR C 13 -23.92 5.25 21.60
N GLU C 14 -25.20 5.44 21.95
CA GLU C 14 -25.70 6.71 22.46
C GLU C 14 -25.74 6.62 23.98
N TRP C 15 -25.17 7.64 24.64
CA TRP C 15 -25.10 7.69 26.08
C TRP C 15 -25.86 8.91 26.59
N SER C 16 -26.83 8.67 27.49
CA SER C 16 -27.62 9.74 28.09
C SER C 16 -27.47 9.72 29.60
N LEU C 17 -26.87 10.79 30.13
CA LEU C 17 -26.76 11.00 31.57
C LEU C 17 -27.95 11.84 32.02
N VAL C 18 -28.84 11.23 32.81
CA VAL C 18 -30.13 11.84 33.11
C VAL C 18 -30.39 11.85 34.62
N GLU C 19 -31.18 12.84 35.05
CA GLU C 19 -31.80 12.86 36.37
C GLU C 19 -33.32 12.96 36.18
N GLY C 20 -34.00 11.84 36.39
CA GLY C 20 -35.43 11.75 36.13
C GLY C 20 -35.71 11.69 34.63
N GLU C 21 -35.97 12.86 34.04
CA GLU C 21 -36.21 12.98 32.61
C GLU C 21 -35.46 14.19 32.05
N HIS C 22 -34.62 14.80 32.88
CA HIS C 22 -33.78 15.91 32.46
C HIS C 22 -32.43 15.39 31.99
N LEU C 23 -32.08 15.73 30.74
CA LEU C 23 -30.82 15.32 30.14
C LEU C 23 -29.72 16.27 30.61
N ILE C 24 -28.63 15.69 31.13
CA ILE C 24 -27.49 16.45 31.62
C ILE C 24 -26.45 16.55 30.49
N GLN C 25 -26.07 15.39 29.95
CA GLN C 25 -25.06 15.31 28.91
C GLN C 25 -25.34 14.09 28.01
N ARG C 26 -25.06 14.25 26.71
CA ARG C 26 -25.23 13.19 25.74
C ARG C 26 -24.02 13.15 24.82
N VAL C 27 -23.44 11.95 24.67
CA VAL C 27 -22.26 11.73 23.84
C VAL C 27 -22.46 10.43 23.06
N PHE C 28 -21.92 10.39 21.83
CA PHE C 28 -21.92 9.20 21.00
C PHE C 28 -20.51 8.60 20.96
N THR C 29 -20.44 7.28 21.02
CA THR C 29 -19.20 6.54 20.79
C THR C 29 -19.45 5.48 19.72
N GLU C 30 -18.47 4.60 19.52
CA GLU C 30 -18.60 3.51 18.55
C GLU C 30 -19.51 2.43 19.12
N GLY C 31 -20.04 1.58 18.23
CA GLY C 31 -20.99 0.54 18.60
C GLY C 31 -20.35 -0.58 19.43
N LEU C 32 -21.15 -1.16 20.32
CA LEU C 32 -20.70 -2.25 21.19
C LEU C 32 -21.55 -3.49 20.92
N ASN C 33 -20.90 -4.52 20.36
CA ASN C 33 -21.55 -5.78 20.05
C ASN C 33 -20.64 -6.92 20.50
N PRO C 34 -21.09 -7.76 21.46
CA PRO C 34 -20.24 -8.83 22.01
C PRO C 34 -19.98 -10.00 21.06
N PHE C 35 -20.57 -9.93 19.86
CA PHE C 35 -20.28 -10.89 18.81
C PHE C 35 -19.05 -10.46 18.03
N PHE C 36 -18.73 -9.17 18.08
CA PHE C 36 -17.68 -8.60 17.26
C PHE C 36 -16.55 -8.05 18.14
N GLN C 37 -16.77 -8.01 19.45
CA GLN C 37 -15.83 -7.43 20.39
C GLN C 37 -15.74 -8.30 21.64
N THR C 38 -14.52 -8.43 22.18
CA THR C 38 -14.28 -9.15 23.42
C THR C 38 -14.58 -8.22 24.60
N ARG C 39 -14.50 -8.78 25.82
CA ARG C 39 -14.78 -8.05 27.05
C ARG C 39 -13.77 -6.92 27.23
N ARG C 40 -12.51 -7.18 26.84
CA ARG C 40 -11.42 -6.25 27.01
C ARG C 40 -11.49 -5.14 25.95
N GLU C 41 -12.07 -5.47 24.79
CA GLU C 41 -12.24 -4.53 23.70
C GLU C 41 -13.35 -3.53 24.02
N ILE C 42 -14.39 -4.02 24.70
CA ILE C 42 -15.56 -3.22 25.06
C ILE C 42 -15.20 -2.29 26.22
N SER C 43 -14.37 -2.79 27.16
CA SER C 43 -13.94 -2.03 28.31
C SER C 43 -13.11 -0.83 27.86
N ARG C 44 -12.25 -1.03 26.85
CA ARG C 44 -11.39 0.01 26.31
C ARG C 44 -12.22 1.03 25.54
N SER C 45 -13.27 0.55 24.86
CA SER C 45 -14.16 1.39 24.08
C SER C 45 -14.91 2.37 24.97
N ILE C 46 -15.28 1.90 26.18
CA ILE C 46 -16.04 2.69 27.13
C ILE C 46 -15.10 3.69 27.80
N ARG C 47 -13.93 3.22 28.21
CA ARG C 47 -12.98 3.99 29.00
C ARG C 47 -12.46 5.19 28.19
N LEU C 48 -12.07 4.92 26.93
CA LEU C 48 -11.48 5.93 26.07
C LEU C 48 -12.58 6.73 25.36
N GLY C 49 -13.72 6.09 25.13
CA GLY C 49 -14.81 6.69 24.36
C GLY C 49 -15.52 7.81 25.11
N LEU C 50 -15.87 7.55 26.38
CA LEU C 50 -16.65 8.48 27.17
C LEU C 50 -15.75 9.56 27.77
N PRO C 51 -16.26 10.80 27.93
CA PRO C 51 -15.54 11.86 28.66
C PRO C 51 -15.31 11.49 30.12
N ASP C 52 -14.43 12.25 30.77
CA ASP C 52 -14.09 12.06 32.18
C ASP C 52 -15.27 12.49 33.05
N SER C 53 -16.29 13.09 32.40
CA SER C 53 -17.48 13.59 33.06
C SER C 53 -18.36 12.46 33.56
N PHE C 54 -18.35 11.34 32.83
CA PHE C 54 -19.23 10.22 33.10
C PHE C 54 -18.69 9.36 34.25
N PHE C 55 -17.36 9.40 34.43
CA PHE C 55 -16.69 8.49 35.36
C PHE C 55 -16.55 9.13 36.74
N LYS C 56 -16.40 10.46 36.78
CA LYS C 56 -16.24 11.18 38.03
C LYS C 56 -17.59 11.36 38.72
N ARG C 57 -18.66 11.41 37.92
CA ARG C 57 -20.02 11.53 38.42
C ARG C 57 -20.46 10.18 39.00
N LYS C 58 -21.06 10.22 40.19
CA LYS C 58 -21.54 9.01 40.84
C LYS C 58 -22.87 8.60 40.22
N LEU C 59 -22.98 7.31 39.88
CA LEU C 59 -24.14 6.77 39.19
C LEU C 59 -24.89 5.80 40.10
N GLU C 60 -26.21 5.70 39.86
CA GLU C 60 -27.08 4.86 40.67
C GLU C 60 -27.24 3.50 39.99
N GLN C 61 -27.87 3.50 38.80
CA GLN C 61 -27.93 2.32 37.95
C GLN C 61 -27.40 2.66 36.56
N VAL C 62 -27.00 1.62 35.82
CA VAL C 62 -26.65 1.74 34.42
C VAL C 62 -27.63 0.88 33.61
N PHE C 63 -28.32 1.51 32.67
CA PHE C 63 -29.25 0.82 31.79
C PHE C 63 -28.66 0.77 30.39
N PHE C 64 -28.23 -0.43 29.98
CA PHE C 64 -27.60 -0.62 28.68
C PHE C 64 -28.45 -1.55 27.82
N TYR C 65 -28.74 -1.10 26.60
CA TYR C 65 -29.40 -1.91 25.59
C TYR C 65 -28.52 -1.94 24.35
N GLY C 66 -28.06 -3.14 23.96
CA GLY C 66 -27.15 -3.28 22.85
C GLY C 66 -27.48 -4.48 21.97
N ALA C 67 -27.16 -4.36 20.67
CA ALA C 67 -27.25 -5.46 19.73
C ALA C 67 -26.17 -6.49 20.05
N GLY C 68 -26.51 -7.77 19.86
CA GLY C 68 -25.59 -8.86 20.12
C GLY C 68 -25.77 -9.46 21.52
N CYS C 69 -26.54 -8.75 22.37
CA CYS C 69 -26.85 -9.22 23.71
C CYS C 69 -27.98 -10.24 23.64
N THR C 70 -27.67 -11.40 23.05
CA THR C 70 -28.64 -12.45 22.78
C THR C 70 -28.89 -13.26 24.05
N SER C 71 -27.92 -14.09 24.41
CA SER C 71 -28.00 -14.96 25.58
C SER C 71 -27.57 -14.20 26.83
N ALA C 72 -27.65 -14.86 27.99
CA ALA C 72 -27.17 -14.31 29.24
C ALA C 72 -25.64 -14.30 29.25
N GLU C 73 -25.05 -15.18 28.44
CA GLU C 73 -23.60 -15.33 28.30
C GLU C 73 -23.03 -14.07 27.67
N LYS C 74 -23.69 -13.57 26.62
CA LYS C 74 -23.23 -12.43 25.84
C LYS C 74 -23.46 -11.14 26.62
N LYS C 75 -24.54 -11.09 27.41
CA LYS C 75 -24.89 -9.93 28.21
C LYS C 75 -23.86 -9.74 29.32
N SER C 76 -23.39 -10.87 29.88
CA SER C 76 -22.44 -10.88 30.98
C SER C 76 -21.14 -10.20 30.58
N VAL C 77 -20.78 -10.33 29.29
CA VAL C 77 -19.58 -9.73 28.73
C VAL C 77 -19.67 -8.22 28.86
N VAL C 78 -20.82 -7.66 28.47
CA VAL C 78 -21.05 -6.23 28.48
C VAL C 78 -21.22 -5.76 29.93
N GLU C 79 -21.89 -6.59 30.75
CA GLU C 79 -22.20 -6.28 32.14
C GLU C 79 -20.91 -6.13 32.94
N ALA C 80 -19.96 -7.04 32.69
CA ALA C 80 -18.69 -7.07 33.39
C ALA C 80 -17.88 -5.82 33.05
N SER C 81 -18.05 -5.32 31.82
CA SER C 81 -17.33 -4.15 31.34
C SER C 81 -17.85 -2.88 32.02
N LEU C 82 -19.18 -2.81 32.17
CA LEU C 82 -19.85 -1.63 32.71
C LEU C 82 -19.54 -1.46 34.19
N VAL C 83 -19.55 -2.57 34.93
CA VAL C 83 -19.33 -2.57 36.36
C VAL C 83 -17.88 -2.19 36.66
N ALA C 84 -16.97 -2.59 35.76
CA ALA C 84 -15.54 -2.34 35.91
C ALA C 84 -15.23 -0.87 35.72
N GLN C 85 -16.08 -0.17 34.95
CA GLN C 85 -15.83 1.22 34.61
C GLN C 85 -16.60 2.15 35.55
N PHE C 86 -17.85 1.78 35.86
CA PHE C 86 -18.78 2.68 36.54
C PHE C 86 -18.88 2.37 38.02
N LYS C 87 -18.49 1.14 38.41
CA LYS C 87 -18.55 0.68 39.79
C LYS C 87 -19.97 0.84 40.35
N THR C 88 -20.96 0.44 39.55
CA THR C 88 -22.37 0.52 39.92
C THR C 88 -23.14 -0.55 39.16
N PRO C 89 -24.12 -1.23 39.82
CA PRO C 89 -24.91 -2.28 39.17
C PRO C 89 -25.45 -1.86 37.80
N ALA C 90 -25.21 -2.71 36.80
CA ALA C 90 -25.58 -2.44 35.42
C ALA C 90 -26.57 -3.50 34.93
N TYR C 91 -27.54 -3.06 34.13
CA TYR C 91 -28.58 -3.91 33.59
C TYR C 91 -28.47 -3.94 32.06
N VAL C 92 -27.96 -5.07 31.54
CA VAL C 92 -27.69 -5.24 30.13
C VAL C 92 -28.84 -6.02 29.50
N GLU C 93 -29.48 -5.40 28.50
CA GLU C 93 -30.60 -5.99 27.79
C GLU C 93 -30.37 -5.85 26.28
N SER C 94 -31.30 -6.41 25.50
CA SER C 94 -31.29 -6.27 24.04
C SER C 94 -31.76 -4.87 23.66
N ASP C 95 -31.30 -4.39 22.50
CA ASP C 95 -31.70 -3.11 21.94
C ASP C 95 -33.15 -3.20 21.45
N LEU C 96 -33.64 -4.44 21.29
CA LEU C 96 -35.01 -4.71 20.91
C LEU C 96 -35.96 -4.31 22.04
N LEU C 97 -35.50 -4.50 23.27
CA LEU C 97 -36.26 -4.12 24.46
C LEU C 97 -36.26 -2.60 24.60
N ALA C 98 -35.19 -1.96 24.13
CA ALA C 98 -35.10 -0.50 24.10
C ALA C 98 -36.11 0.06 23.11
N ALA C 99 -36.31 -0.67 22.01
CA ALA C 99 -37.26 -0.30 20.97
C ALA C 99 -38.68 -0.42 21.51
N ALA C 100 -38.93 -1.50 22.26
CA ALA C 100 -40.24 -1.79 22.83
C ALA C 100 -40.60 -0.78 23.90
N ARG C 101 -39.68 -0.58 24.86
CA ARG C 101 -39.88 0.32 25.98
C ARG C 101 -39.91 1.77 25.50
N GLY C 102 -39.14 2.05 24.44
CA GLY C 102 -38.96 3.41 23.95
C GLY C 102 -40.16 3.90 23.14
N LEU C 103 -40.86 2.97 22.47
CA LEU C 103 -41.91 3.32 21.54
C LEU C 103 -43.29 3.12 22.16
N PHE C 104 -43.42 2.12 23.02
CA PHE C 104 -44.73 1.72 23.53
C PHE C 104 -44.88 2.08 25.01
N GLN C 105 -43.76 2.17 25.73
CA GLN C 105 -43.74 2.46 27.16
C GLN C 105 -44.37 1.29 27.93
N HIS C 106 -45.69 1.33 28.07
CA HIS C 106 -46.43 0.30 28.77
C HIS C 106 -47.64 -0.16 27.94
N ASP C 107 -47.65 0.25 26.66
CA ASP C 107 -48.71 -0.12 25.73
C ASP C 107 -48.33 -1.40 24.99
N SER C 108 -49.34 -2.07 24.42
CA SER C 108 -49.15 -3.28 23.65
C SER C 108 -48.99 -2.95 22.17
N GLY C 109 -48.07 -3.66 21.50
CA GLY C 109 -47.85 -3.50 20.08
C GLY C 109 -46.60 -4.22 19.59
N ILE C 110 -46.20 -3.91 18.36
CA ILE C 110 -45.08 -4.55 17.69
C ILE C 110 -43.98 -3.50 17.47
N ALA C 111 -42.81 -3.76 18.07
CA ALA C 111 -41.65 -2.88 17.95
C ALA C 111 -40.66 -3.48 16.96
N CYS C 112 -40.17 -2.63 16.05
CA CYS C 112 -39.26 -3.05 15.00
C CYS C 112 -38.05 -2.13 14.95
N ILE C 113 -36.89 -2.72 14.63
CA ILE C 113 -35.65 -1.96 14.43
C ILE C 113 -35.24 -2.11 12.97
N LEU C 114 -34.94 -0.99 12.31
CA LEU C 114 -34.32 -0.96 11.00
C LEU C 114 -33.13 0.00 11.03
N GLY C 115 -31.97 -0.52 11.48
CA GLY C 115 -30.73 0.23 11.49
C GLY C 115 -29.62 -0.55 10.80
N THR C 116 -28.49 -0.70 11.49
CA THR C 116 -27.40 -1.55 11.02
C THR C 116 -27.93 -2.98 10.86
N GLY C 117 -28.64 -3.45 11.88
CA GLY C 117 -29.37 -4.70 11.83
C GLY C 117 -30.87 -4.47 11.83
N SER C 118 -31.63 -5.56 11.96
CA SER C 118 -33.09 -5.47 12.04
C SER C 118 -33.61 -6.51 13.04
N ASN C 119 -34.59 -6.10 13.84
CA ASN C 119 -35.17 -6.95 14.87
C ASN C 119 -36.64 -6.59 15.04
N SER C 120 -37.43 -7.56 15.55
CA SER C 120 -38.85 -7.38 15.74
C SER C 120 -39.30 -8.14 17.00
N CYS C 121 -40.41 -7.69 17.59
CA CYS C 121 -40.95 -8.31 18.79
C CYS C 121 -42.42 -7.93 18.98
N PHE C 122 -43.11 -8.68 19.84
CA PHE C 122 -44.40 -8.26 20.36
C PHE C 122 -44.24 -7.86 21.83
N TYR C 123 -44.58 -6.61 22.12
CA TYR C 123 -44.50 -6.05 23.46
C TYR C 123 -45.91 -5.91 24.02
N ASP C 124 -46.15 -6.50 25.20
CA ASP C 124 -47.46 -6.50 25.82
C ASP C 124 -47.59 -5.33 26.80
N GLY C 125 -46.47 -4.63 27.03
CA GLY C 125 -46.44 -3.50 27.93
C GLY C 125 -45.54 -3.74 29.14
N HIS C 126 -45.08 -4.99 29.29
CA HIS C 126 -44.26 -5.38 30.42
C HIS C 126 -43.01 -6.12 29.92
N VAL C 127 -43.23 -7.20 29.15
CA VAL C 127 -42.15 -8.03 28.64
C VAL C 127 -42.39 -8.32 27.15
N ILE C 128 -41.32 -8.75 26.47
CA ILE C 128 -41.40 -9.23 25.10
C ILE C 128 -42.04 -10.63 25.12
N VAL C 129 -43.15 -10.77 24.40
CA VAL C 129 -43.90 -12.01 24.36
C VAL C 129 -43.30 -12.94 23.30
N LYS C 130 -43.29 -12.48 22.05
CA LYS C 130 -42.74 -13.24 20.94
C LYS C 130 -41.56 -12.46 20.34
N ASN C 131 -40.55 -13.20 19.87
CA ASN C 131 -39.33 -12.63 19.34
C ASN C 131 -38.85 -13.47 18.16
N VAL C 132 -38.99 -12.92 16.95
CA VAL C 132 -38.42 -13.51 15.75
C VAL C 132 -36.94 -13.14 15.73
N ARG C 133 -36.07 -14.15 15.76
CA ARG C 133 -34.63 -13.97 15.90
C ARG C 133 -34.10 -13.11 14.75
N ALA C 134 -33.24 -12.16 15.10
CA ALA C 134 -32.62 -11.26 14.14
C ALA C 134 -31.73 -12.04 13.18
N GLY C 135 -30.83 -12.87 13.75
CA GLY C 135 -30.01 -13.78 12.98
C GLY C 135 -28.64 -13.19 12.64
N GLY C 136 -28.47 -11.88 12.88
CA GLY C 136 -27.25 -11.18 12.53
C GLY C 136 -27.26 -10.74 11.07
N TYR C 137 -26.15 -10.13 10.62
CA TYR C 137 -26.08 -9.50 9.32
C TYR C 137 -26.01 -10.54 8.21
N ILE C 138 -25.53 -11.74 8.54
CA ILE C 138 -25.36 -12.81 7.55
C ILE C 138 -26.65 -13.62 7.44
N LEU C 139 -27.15 -14.10 8.58
CA LEU C 139 -28.22 -15.09 8.61
C LEU C 139 -29.59 -14.44 8.81
N GLY C 140 -29.64 -13.11 8.65
CA GLY C 140 -30.91 -12.39 8.79
C GLY C 140 -30.76 -10.90 8.52
N ASP C 141 -31.41 -10.10 9.37
CA ASP C 141 -31.41 -8.64 9.27
C ASP C 141 -31.98 -8.20 7.93
N GLU C 142 -33.23 -8.60 7.65
CA GLU C 142 -33.91 -8.22 6.42
C GLU C 142 -34.32 -6.76 6.52
N GLY C 143 -34.07 -6.01 5.43
CA GLY C 143 -34.45 -4.61 5.34
C GLY C 143 -33.54 -3.70 6.16
N SER C 144 -32.44 -4.27 6.67
CA SER C 144 -31.47 -3.53 7.45
C SER C 144 -30.49 -2.82 6.51
N GLY C 145 -29.64 -1.97 7.09
CA GLY C 145 -28.59 -1.30 6.35
C GLY C 145 -27.57 -2.30 5.81
N ALA C 146 -27.25 -3.32 6.62
CA ALA C 146 -26.29 -4.35 6.26
C ALA C 146 -26.84 -5.20 5.11
N ALA C 147 -28.16 -5.37 5.07
CA ALA C 147 -28.83 -6.11 4.02
C ALA C 147 -28.75 -5.35 2.69
N LEU C 148 -28.97 -4.03 2.77
CA LEU C 148 -28.95 -3.16 1.61
C LEU C 148 -27.56 -3.19 0.97
N GLY C 149 -26.53 -2.96 1.79
CA GLY C 149 -25.16 -2.91 1.33
C GLY C 149 -24.67 -4.25 0.80
N LYS C 150 -25.07 -5.34 1.49
CA LYS C 150 -24.71 -6.70 1.12
C LYS C 150 -25.24 -7.00 -0.28
N GLN C 151 -26.47 -6.52 -0.56
CA GLN C 151 -27.12 -6.75 -1.83
C GLN C 151 -26.52 -5.82 -2.89
N PHE C 152 -26.20 -4.58 -2.50
CA PHE C 152 -25.69 -3.57 -3.41
C PHE C 152 -24.28 -3.94 -3.88
N LEU C 153 -23.40 -4.25 -2.93
CA LEU C 153 -22.01 -4.55 -3.25
C LEU C 153 -21.91 -5.87 -4.00
N SER C 154 -22.92 -6.73 -3.82
CA SER C 154 -23.03 -7.97 -4.57
C SER C 154 -23.24 -7.65 -6.05
N ASP C 155 -24.15 -6.68 -6.31
CA ASP C 155 -24.49 -6.26 -7.65
C ASP C 155 -23.31 -5.52 -8.29
N VAL C 156 -22.55 -4.79 -7.46
CA VAL C 156 -21.40 -4.02 -7.90
C VAL C 156 -20.35 -4.95 -8.49
N LEU C 157 -20.07 -6.06 -7.78
CA LEU C 157 -19.05 -7.01 -8.16
C LEU C 157 -19.53 -7.86 -9.35
N LYS C 158 -20.84 -8.12 -9.39
CA LYS C 158 -21.43 -8.95 -10.44
C LYS C 158 -21.69 -8.11 -11.69
N LYS C 159 -21.41 -6.79 -11.60
CA LYS C 159 -21.61 -5.83 -12.68
C LYS C 159 -23.09 -5.81 -13.06
N LEU C 160 -23.95 -5.77 -12.05
CA LEU C 160 -25.40 -5.85 -12.25
C LEU C 160 -26.07 -4.59 -11.69
N ALA C 161 -25.28 -3.73 -11.06
CA ALA C 161 -25.75 -2.44 -10.58
C ALA C 161 -25.48 -1.38 -11.65
N PRO C 162 -26.25 -0.26 -11.68
CA PRO C 162 -25.97 0.85 -12.61
C PRO C 162 -24.52 1.31 -12.55
N GLN C 163 -23.97 1.61 -13.73
CA GLN C 163 -22.56 1.95 -13.88
C GLN C 163 -22.25 3.23 -13.12
N VAL C 164 -23.25 4.12 -13.00
CA VAL C 164 -23.12 5.38 -12.30
C VAL C 164 -22.85 5.11 -10.81
N LEU C 165 -23.51 4.06 -10.27
CA LEU C 165 -23.38 3.71 -8.87
C LEU C 165 -22.05 3.00 -8.61
N ILE C 166 -21.65 2.13 -9.56
CA ILE C 166 -20.41 1.39 -9.47
C ILE C 166 -19.24 2.37 -9.40
N ASP C 167 -19.23 3.33 -10.33
CA ASP C 167 -18.14 4.30 -10.48
C ASP C 167 -18.05 5.20 -9.24
N ASP C 168 -19.21 5.66 -8.75
CA ASP C 168 -19.27 6.59 -7.64
C ASP C 168 -18.82 5.91 -6.35
N PHE C 169 -19.13 4.60 -6.21
CA PHE C 169 -18.77 3.83 -5.04
C PHE C 169 -17.25 3.72 -4.93
N PHE C 170 -16.60 3.32 -6.04
CA PHE C 170 -15.17 3.07 -6.06
C PHE C 170 -14.39 4.38 -5.94
N GLU C 171 -14.98 5.47 -6.42
CA GLU C 171 -14.35 6.78 -6.38
C GLU C 171 -14.39 7.34 -4.96
N LYS C 172 -15.46 7.01 -4.23
CA LYS C 172 -15.71 7.54 -2.90
C LYS C 172 -14.72 6.95 -1.89
N TYR C 173 -14.41 5.66 -2.06
CA TYR C 173 -13.62 4.93 -1.09
C TYR C 173 -12.19 4.70 -1.59
N ASP C 174 -11.97 4.92 -2.89
CA ASP C 174 -10.71 4.63 -3.56
C ASP C 174 -10.36 3.15 -3.38
N LEU C 175 -11.30 2.29 -3.79
CA LEU C 175 -11.14 0.85 -3.67
C LEU C 175 -11.26 0.20 -5.04
N THR C 176 -10.73 -1.02 -5.16
CA THR C 176 -10.90 -1.88 -6.33
C THR C 176 -11.76 -3.07 -5.92
N PRO C 177 -12.27 -3.89 -6.88
CA PRO C 177 -13.03 -5.09 -6.54
C PRO C 177 -12.35 -5.97 -5.49
N HIS C 178 -11.02 -6.15 -5.65
CA HIS C 178 -10.22 -6.95 -4.75
C HIS C 178 -10.18 -6.32 -3.36
N ASP C 179 -10.15 -4.98 -3.31
CA ASP C 179 -10.06 -4.24 -2.06
C ASP C 179 -11.34 -4.42 -1.26
N VAL C 180 -12.50 -4.34 -1.95
CA VAL C 180 -13.80 -4.49 -1.34
C VAL C 180 -13.92 -5.89 -0.72
N MET C 181 -13.25 -6.86 -1.36
CA MET C 181 -13.26 -8.25 -0.93
C MET C 181 -12.57 -8.37 0.44
N ASP C 182 -11.53 -7.57 0.64
CA ASP C 182 -10.73 -7.62 1.86
C ASP C 182 -11.45 -6.92 3.01
N VAL C 183 -12.20 -5.86 2.68
CA VAL C 183 -12.88 -5.06 3.68
C VAL C 183 -13.99 -5.87 4.34
N VAL C 184 -14.59 -6.77 3.56
CA VAL C 184 -15.75 -7.54 4.00
C VAL C 184 -15.30 -8.83 4.69
N TYR C 185 -14.23 -9.44 4.19
CA TYR C 185 -13.85 -10.79 4.59
C TYR C 185 -12.69 -10.78 5.57
N ASN C 186 -11.79 -9.80 5.44
CA ASN C 186 -10.56 -9.80 6.22
C ASN C 186 -10.61 -8.73 7.32
N ARG C 187 -11.06 -7.53 6.95
CA ARG C 187 -10.97 -6.37 7.83
C ARG C 187 -12.16 -6.35 8.79
N PRO C 188 -11.97 -5.91 10.05
CA PRO C 188 -13.00 -6.02 11.09
C PRO C 188 -14.20 -5.11 10.88
N PHE C 189 -15.30 -5.45 11.58
CA PHE C 189 -16.57 -4.74 11.53
C PHE C 189 -17.10 -4.66 10.11
N PRO C 190 -17.33 -5.81 9.42
CA PRO C 190 -17.83 -5.81 8.04
C PRO C 190 -19.28 -5.35 7.96
N ASN C 191 -20.03 -5.59 9.06
CA ASN C 191 -21.44 -5.27 9.14
C ASN C 191 -21.63 -3.75 9.13
N ARG C 192 -20.65 -3.03 9.69
CA ARG C 192 -20.67 -1.58 9.75
C ARG C 192 -20.54 -0.99 8.33
N PHE C 193 -19.60 -1.54 7.56
CA PHE C 193 -19.28 -1.05 6.23
C PHE C 193 -20.45 -1.29 5.28
N LEU C 194 -21.10 -2.44 5.43
CA LEU C 194 -22.25 -2.81 4.61
C LEU C 194 -23.41 -1.87 4.90
N ALA C 195 -23.60 -1.54 6.19
CA ALA C 195 -24.69 -0.68 6.63
C ALA C 195 -24.44 0.76 6.20
N GLU C 196 -23.15 1.11 6.03
CA GLU C 196 -22.74 2.46 5.68
C GLU C 196 -23.16 2.76 4.24
N GLN C 197 -23.39 1.71 3.46
CA GLN C 197 -23.78 1.82 2.06
C GLN C 197 -25.24 2.28 1.97
N SER C 198 -25.96 2.17 3.09
CA SER C 198 -27.33 2.65 3.18
C SER C 198 -27.37 4.17 3.11
N CYS C 199 -26.35 4.81 3.71
CA CYS C 199 -26.21 6.26 3.68
C CYS C 199 -25.83 6.71 2.27
N PHE C 200 -25.11 5.85 1.55
CA PHE C 200 -24.61 6.15 0.22
C PHE C 200 -25.75 6.17 -0.80
N LEU C 201 -26.63 5.16 -0.71
CA LEU C 201 -27.68 4.95 -1.69
C LEU C 201 -28.82 5.94 -1.50
N ALA C 202 -28.79 6.69 -0.39
CA ALA C 202 -29.82 7.65 -0.05
C ALA C 202 -29.79 8.84 -0.99
N ASP C 203 -28.63 9.09 -1.61
CA ASP C 203 -28.44 10.20 -2.52
C ASP C 203 -29.05 9.90 -3.88
N TYR C 204 -29.15 8.60 -4.20
CA TYR C 204 -29.54 8.18 -5.54
C TYR C 204 -30.96 7.58 -5.52
N LEU C 205 -31.84 8.19 -4.72
CA LEU C 205 -33.21 7.71 -4.55
C LEU C 205 -34.03 7.95 -5.82
N ARG C 206 -33.44 8.67 -6.78
CA ARG C 206 -34.11 8.96 -8.04
C ARG C 206 -33.97 7.77 -8.99
N LEU C 207 -32.93 6.96 -8.78
CA LEU C 207 -32.67 5.78 -9.59
C LEU C 207 -33.70 4.70 -9.26
N ASP C 208 -34.21 4.04 -10.30
CA ASP C 208 -35.22 3.00 -10.17
C ASP C 208 -34.63 1.80 -9.46
N TYR C 209 -33.33 1.56 -9.69
CA TYR C 209 -32.59 0.46 -9.08
C TYR C 209 -32.65 0.57 -7.55
N VAL C 210 -32.37 1.77 -7.04
CA VAL C 210 -32.26 2.02 -5.61
C VAL C 210 -33.64 1.86 -4.96
N LYS C 211 -34.67 2.44 -5.58
CA LYS C 211 -36.04 2.34 -5.11
C LYS C 211 -36.47 0.87 -5.10
N GLY C 212 -36.07 0.14 -6.15
CA GLY C 212 -36.36 -1.29 -6.27
C GLY C 212 -35.61 -2.12 -5.24
N LEU C 213 -34.45 -1.62 -4.80
CA LEU C 213 -33.59 -2.32 -3.87
C LEU C 213 -34.11 -2.13 -2.44
N LEU C 214 -34.59 -0.91 -2.15
CA LEU C 214 -35.14 -0.57 -0.85
C LEU C 214 -36.44 -1.34 -0.60
N LEU C 215 -37.38 -1.25 -1.56
CA LEU C 215 -38.69 -1.87 -1.46
C LEU C 215 -38.55 -3.38 -1.32
N SER C 216 -37.57 -3.96 -2.04
CA SER C 216 -37.33 -5.39 -2.05
C SER C 216 -36.96 -5.89 -0.65
N ASN C 217 -36.11 -5.12 0.05
CA ASN C 217 -35.59 -5.49 1.35
C ASN C 217 -36.63 -5.20 2.44
N LEU C 218 -37.32 -4.06 2.31
CA LEU C 218 -38.31 -3.61 3.28
C LEU C 218 -39.46 -4.61 3.35
N ARG C 219 -39.88 -5.12 2.19
CA ARG C 219 -40.94 -6.11 2.10
C ARG C 219 -40.48 -7.43 2.70
N SER C 220 -39.21 -7.78 2.43
CA SER C 220 -38.62 -9.02 2.91
C SER C 220 -38.60 -9.05 4.45
N PHE C 221 -38.53 -7.86 5.06
CA PHE C 221 -38.57 -7.74 6.51
C PHE C 221 -39.97 -8.07 7.02
N PHE C 222 -40.99 -7.50 6.37
CA PHE C 222 -42.38 -7.71 6.75
C PHE C 222 -42.76 -9.16 6.56
N LEU C 223 -42.32 -9.76 5.43
CA LEU C 223 -42.69 -11.10 5.04
C LEU C 223 -42.16 -12.12 6.05
N ARG C 224 -40.95 -11.88 6.55
CA ARG C 224 -40.22 -12.89 7.31
C ARG C 224 -40.32 -12.63 8.81
N ASN C 225 -40.54 -11.37 9.20
CA ASN C 225 -40.50 -10.99 10.61
C ASN C 225 -41.88 -10.53 11.08
N VAL C 226 -42.37 -9.43 10.50
CA VAL C 226 -43.53 -8.70 10.99
C VAL C 226 -44.77 -9.59 10.93
N MET C 227 -44.91 -10.37 9.85
CA MET C 227 -46.13 -11.09 9.56
C MET C 227 -46.24 -12.36 10.39
N GLN C 228 -45.21 -12.65 11.20
CA GLN C 228 -45.24 -13.77 12.12
C GLN C 228 -46.08 -13.40 13.34
N TYR C 229 -46.31 -12.10 13.52
CA TYR C 229 -47.10 -11.58 14.63
C TYR C 229 -48.52 -11.30 14.15
N ASP C 230 -49.41 -11.02 15.11
CA ASP C 230 -50.75 -10.54 14.81
C ASP C 230 -50.67 -9.04 14.51
N TYR C 231 -50.31 -8.72 13.26
CA TYR C 231 -49.84 -7.41 12.88
C TYR C 231 -51.00 -6.51 12.43
N LEU C 232 -52.14 -7.13 12.12
CA LEU C 232 -53.29 -6.40 11.60
C LEU C 232 -54.16 -5.88 12.75
N ASN C 233 -53.85 -6.32 13.98
CA ASN C 233 -54.69 -6.03 15.13
C ASN C 233 -53.89 -5.31 16.22
N TYR C 234 -52.65 -4.93 15.89
CA TYR C 234 -51.77 -4.28 16.86
C TYR C 234 -50.96 -3.18 16.17
N PRO C 235 -50.63 -2.07 16.88
CA PRO C 235 -49.83 -0.99 16.30
C PRO C 235 -48.39 -1.45 16.04
N ILE C 236 -47.84 -1.01 14.91
CA ILE C 236 -46.46 -1.28 14.55
C ILE C 236 -45.70 0.05 14.54
N ARG C 237 -44.59 0.09 15.28
CA ARG C 237 -43.78 1.29 15.40
C ARG C 237 -42.31 0.95 15.13
N PHE C 238 -41.68 1.74 14.27
CA PHE C 238 -40.32 1.49 13.81
C PHE C 238 -39.33 2.46 14.49
N VAL C 239 -38.08 2.01 14.58
CA VAL C 239 -36.98 2.81 15.06
C VAL C 239 -35.70 2.37 14.34
N GLY C 240 -34.77 3.31 14.14
CA GLY C 240 -33.51 3.01 13.46
C GLY C 240 -33.21 4.01 12.35
N SER C 241 -31.95 4.01 11.91
CA SER C 241 -31.45 4.97 10.93
C SER C 241 -32.06 4.74 9.56
N VAL C 242 -32.17 3.46 9.17
CA VAL C 242 -32.70 3.07 7.87
C VAL C 242 -34.20 3.34 7.84
N ALA C 243 -34.86 3.14 8.98
CA ALA C 243 -36.29 3.37 9.13
C ALA C 243 -36.59 4.86 8.98
N TYR C 244 -35.73 5.69 9.57
CA TYR C 244 -35.91 7.13 9.60
C TYR C 244 -35.64 7.74 8.22
N ASN C 245 -34.56 7.29 7.58
CA ASN C 245 -34.11 7.84 6.31
C ASN C 245 -35.07 7.46 5.20
N TYR C 246 -35.56 6.22 5.23
CA TYR C 246 -36.44 5.69 4.20
C TYR C 246 -37.86 5.55 4.75
N ALA C 247 -38.34 6.61 5.42
CA ALA C 247 -39.63 6.61 6.09
C ALA C 247 -40.77 6.57 5.06
N ASP C 248 -40.52 7.19 3.89
CA ASP C 248 -41.51 7.28 2.83
C ASP C 248 -41.76 5.91 2.22
N LEU C 249 -40.67 5.18 1.95
CA LEU C 249 -40.75 3.88 1.30
C LEU C 249 -41.21 2.82 2.29
N LEU C 250 -40.92 3.05 3.58
CA LEU C 250 -41.33 2.13 4.64
C LEU C 250 -42.84 2.25 4.86
N HIS C 251 -43.35 3.48 4.78
CA HIS C 251 -44.77 3.76 4.92
C HIS C 251 -45.52 3.21 3.70
N GLN C 252 -44.83 3.16 2.56
CA GLN C 252 -45.38 2.62 1.32
C GLN C 252 -45.61 1.12 1.48
N VAL C 253 -44.59 0.43 2.02
CA VAL C 253 -44.63 -1.01 2.25
C VAL C 253 -45.70 -1.32 3.29
N GLY C 254 -45.85 -0.42 4.27
CA GLY C 254 -46.83 -0.56 5.33
C GLY C 254 -48.26 -0.61 4.80
N LYS C 255 -48.57 0.31 3.88
CA LYS C 255 -49.91 0.43 3.30
C LYS C 255 -50.18 -0.74 2.38
N GLU C 256 -49.12 -1.33 1.81
CA GLU C 256 -49.24 -2.45 0.90
C GLU C 256 -49.64 -3.71 1.65
N PHE C 257 -49.23 -3.79 2.92
CA PHE C 257 -49.54 -4.94 3.77
C PHE C 257 -50.78 -4.63 4.61
N GLY C 258 -51.24 -3.38 4.56
CA GLY C 258 -52.48 -2.96 5.17
C GLY C 258 -52.31 -2.57 6.64
N VAL C 259 -51.22 -1.86 6.94
CA VAL C 259 -50.98 -1.32 8.28
C VAL C 259 -50.60 0.15 8.16
N GLU C 260 -50.88 0.91 9.22
CA GLU C 260 -50.61 2.34 9.28
C GLU C 260 -49.38 2.59 10.14
N LEU C 261 -48.24 2.82 9.48
CA LEU C 261 -46.99 3.12 10.15
C LEU C 261 -46.86 4.63 10.34
N SER C 262 -47.19 5.10 11.56
CA SER C 262 -47.27 6.52 11.83
C SER C 262 -46.19 6.95 12.81
N VAL C 263 -45.59 5.99 13.51
CA VAL C 263 -44.51 6.27 14.46
C VAL C 263 -43.22 5.65 13.91
N VAL C 264 -42.34 6.52 13.42
CA VAL C 264 -41.01 6.12 12.96
C VAL C 264 -39.99 7.07 13.59
N GLU C 265 -39.13 6.50 14.45
CA GLU C 265 -38.17 7.28 15.21
C GLU C 265 -36.75 6.96 14.73
N GLU C 266 -35.82 7.90 14.98
CA GLU C 266 -34.43 7.72 14.63
C GLU C 266 -33.75 6.88 15.70
N THR C 267 -33.91 7.29 16.97
CA THR C 267 -33.39 6.57 18.12
C THR C 267 -34.49 6.39 19.15
N PRO C 268 -34.51 5.27 19.92
CA PRO C 268 -35.53 5.05 20.94
C PRO C 268 -35.13 5.66 22.28
N MET C 269 -34.15 6.56 22.24
CA MET C 269 -33.51 7.11 23.44
C MET C 269 -34.48 8.05 24.16
N GLY C 270 -35.17 8.89 23.37
CA GLY C 270 -36.13 9.84 23.89
C GLY C 270 -37.20 9.18 24.76
N GLY C 271 -37.60 7.97 24.36
CA GLY C 271 -38.60 7.19 25.08
C GLY C 271 -38.02 6.52 26.31
N LEU C 272 -36.74 6.15 26.24
CA LEU C 272 -36.05 5.48 27.34
C LEU C 272 -35.85 6.44 28.50
N ILE C 273 -35.60 7.72 28.20
CA ILE C 273 -35.44 8.76 29.19
C ILE C 273 -36.79 8.97 29.90
N LYS C 274 -37.87 8.90 29.12
CA LYS C 274 -39.22 9.05 29.62
C LYS C 274 -39.61 7.84 30.48
N TYR C 275 -39.20 6.65 30.01
CA TYR C 275 -39.53 5.39 30.65
C TYR C 275 -38.92 5.32 32.05
N HIS C 276 -37.60 5.50 32.12
CA HIS C 276 -36.86 5.41 33.38
C HIS C 276 -37.06 6.69 34.18
N ALA C 277 -38.16 6.74 34.94
CA ALA C 277 -38.50 7.87 35.78
C ALA C 277 -39.27 7.39 37.02
N PHE C 278 -40.00 6.29 36.85
CA PHE C 278 -40.77 5.68 37.93
C PHE C 278 -40.54 4.17 37.92
N ALA D 2 -18.54 45.21 -6.22
CA ALA D 2 -17.43 44.92 -7.17
C ALA D 2 -16.85 43.54 -6.88
N LYS D 3 -16.83 42.69 -7.92
CA LYS D 3 -16.33 41.33 -7.82
C LYS D 3 -15.13 41.16 -8.75
N LEU D 4 -14.52 39.97 -8.71
CA LEU D 4 -13.34 39.68 -9.52
C LEU D 4 -13.47 38.29 -10.14
N ILE D 5 -13.23 38.23 -11.45
CA ILE D 5 -13.23 36.97 -12.20
C ILE D 5 -11.85 36.81 -12.85
N ALA D 6 -11.25 35.63 -12.66
CA ALA D 6 -9.92 35.35 -13.19
C ALA D 6 -9.89 33.97 -13.84
N GLU D 7 -9.26 33.90 -15.01
CA GLU D 7 -9.09 32.66 -15.76
C GLU D 7 -7.62 32.52 -16.13
N SER D 8 -7.06 31.32 -15.86
CA SER D 8 -5.64 31.08 -16.05
C SER D 8 -5.41 29.67 -16.59
N GLY D 9 -4.56 29.58 -17.63
CA GLY D 9 -4.04 28.31 -18.09
C GLY D 9 -2.73 27.98 -17.38
N SER D 10 -1.62 28.05 -18.12
CA SER D 10 -0.30 27.77 -17.57
C SER D 10 0.64 28.93 -17.87
N THR D 11 0.40 29.63 -18.99
CA THR D 11 1.31 30.67 -19.47
C THR D 11 0.85 32.04 -18.98
N LYS D 12 -0.44 32.34 -19.13
CA LYS D 12 -0.96 33.66 -18.78
C LYS D 12 -2.28 33.56 -18.02
N THR D 13 -2.57 34.61 -17.25
CA THR D 13 -3.80 34.74 -16.47
C THR D 13 -4.54 35.99 -16.95
N GLU D 14 -5.86 35.89 -17.04
CA GLU D 14 -6.70 37.01 -17.46
C GLU D 14 -7.63 37.42 -16.32
N TRP D 15 -7.36 38.57 -15.72
CA TRP D 15 -8.15 39.11 -14.62
C TRP D 15 -9.17 40.10 -15.16
N SER D 16 -10.42 39.97 -14.69
CA SER D 16 -11.49 40.89 -15.05
C SER D 16 -12.18 41.39 -13.78
N LEU D 17 -12.06 42.71 -13.54
CA LEU D 17 -12.74 43.36 -12.43
C LEU D 17 -14.07 43.92 -12.93
N VAL D 18 -15.17 43.30 -12.48
CA VAL D 18 -16.51 43.68 -12.91
C VAL D 18 -17.36 44.01 -11.70
N GLU D 19 -18.34 44.91 -11.89
CA GLU D 19 -19.30 45.26 -10.86
C GLU D 19 -20.70 44.88 -11.35
N GLY D 20 -20.93 43.56 -11.47
CA GLY D 20 -22.18 43.03 -11.96
C GLY D 20 -22.01 42.42 -13.35
N GLU D 21 -21.86 43.29 -14.36
CA GLU D 21 -21.76 42.86 -15.75
C GLU D 21 -20.81 43.79 -16.50
N HIS D 22 -20.74 45.06 -16.05
CA HIS D 22 -19.89 46.06 -16.66
C HIS D 22 -18.44 45.88 -16.20
N LEU D 23 -17.52 45.87 -17.17
CA LEU D 23 -16.10 45.68 -16.91
C LEU D 23 -15.49 47.01 -16.49
N ILE D 24 -14.69 46.97 -15.41
CA ILE D 24 -14.01 48.15 -14.90
C ILE D 24 -12.60 48.20 -15.48
N GLN D 25 -11.86 47.09 -15.33
CA GLN D 25 -10.50 47.00 -15.86
C GLN D 25 -10.16 45.53 -16.11
N ARG D 26 -9.27 45.29 -17.09
CA ARG D 26 -8.78 43.96 -17.40
C ARG D 26 -7.25 44.00 -17.46
N VAL D 27 -6.61 43.07 -16.74
CA VAL D 27 -5.16 43.00 -16.64
C VAL D 27 -4.72 41.54 -16.82
N PHE D 28 -3.65 41.36 -17.60
CA PHE D 28 -3.05 40.05 -17.79
C PHE D 28 -1.77 39.95 -16.96
N THR D 29 -1.51 38.75 -16.42
CA THR D 29 -0.29 38.45 -15.70
C THR D 29 0.27 37.12 -16.22
N GLU D 30 1.24 36.56 -15.48
CA GLU D 30 1.77 35.24 -15.77
C GLU D 30 0.79 34.18 -15.27
N GLY D 31 0.89 32.98 -15.84
CA GLY D 31 0.01 31.87 -15.51
C GLY D 31 0.20 31.39 -14.08
N LEU D 32 -0.90 30.92 -13.47
CA LEU D 32 -0.88 30.41 -12.11
C LEU D 32 -1.29 28.94 -12.12
N ASN D 33 -0.32 28.07 -11.83
CA ASN D 33 -0.53 26.63 -11.80
C ASN D 33 0.11 26.07 -10.54
N PRO D 34 -0.67 25.39 -9.66
CA PRO D 34 -0.14 24.88 -8.40
C PRO D 34 0.72 23.62 -8.51
N PHE D 35 0.93 23.14 -9.74
CA PHE D 35 1.83 22.03 -10.01
C PHE D 35 3.25 22.54 -10.23
N PHE D 36 3.38 23.85 -10.45
CA PHE D 36 4.65 24.45 -10.81
C PHE D 36 5.00 25.60 -9.87
N GLN D 37 4.04 25.99 -9.02
CA GLN D 37 4.18 27.14 -8.16
C GLN D 37 3.68 26.81 -6.75
N THR D 38 4.45 27.23 -5.74
CA THR D 38 4.08 27.10 -4.34
C THR D 38 3.07 28.18 -3.99
N ARG D 39 2.57 28.15 -2.75
CA ARG D 39 1.55 29.07 -2.29
C ARG D 39 2.10 30.50 -2.29
N ARG D 40 3.35 30.65 -1.82
CA ARG D 40 3.96 31.95 -1.65
C ARG D 40 4.38 32.53 -3.01
N GLU D 41 4.63 31.64 -3.98
CA GLU D 41 5.02 32.05 -5.32
C GLU D 41 3.83 32.67 -6.05
N ILE D 42 2.63 32.13 -5.78
CA ILE D 42 1.40 32.59 -6.40
C ILE D 42 0.98 33.91 -5.78
N SER D 43 1.17 34.04 -4.45
CA SER D 43 0.85 35.25 -3.72
C SER D 43 1.73 36.42 -4.16
N ARG D 44 3.00 36.11 -4.47
CA ARG D 44 3.97 37.11 -4.90
C ARG D 44 3.70 37.50 -6.35
N SER D 45 3.14 36.55 -7.12
CA SER D 45 2.80 36.75 -8.51
C SER D 45 1.61 37.70 -8.64
N ILE D 46 0.65 37.56 -7.73
CA ILE D 46 -0.58 38.35 -7.73
C ILE D 46 -0.27 39.75 -7.21
N ARG D 47 0.64 39.83 -6.23
CA ARG D 47 0.98 41.09 -5.56
C ARG D 47 1.69 42.01 -6.55
N LEU D 48 2.73 41.48 -7.20
CA LEU D 48 3.61 42.25 -8.06
C LEU D 48 2.99 42.45 -9.44
N GLY D 49 2.14 41.49 -9.85
CA GLY D 49 1.55 41.47 -11.18
C GLY D 49 0.43 42.50 -11.33
N LEU D 50 -0.60 42.37 -10.49
CA LEU D 50 -1.78 43.21 -10.55
C LEU D 50 -1.46 44.61 -10.04
N PRO D 51 -2.07 45.67 -10.60
CA PRO D 51 -1.91 47.04 -10.08
C PRO D 51 -2.50 47.16 -8.68
N ASP D 52 -2.15 48.26 -7.99
CA ASP D 52 -2.61 48.52 -6.63
C ASP D 52 -4.07 48.98 -6.65
N SER D 53 -4.67 49.01 -7.85
CA SER D 53 -6.05 49.41 -8.04
C SER D 53 -7.00 48.29 -7.66
N PHE D 54 -6.51 47.04 -7.72
CA PHE D 54 -7.30 45.87 -7.39
C PHE D 54 -7.35 45.67 -5.88
N PHE D 55 -6.32 46.20 -5.19
CA PHE D 55 -6.12 45.95 -3.76
C PHE D 55 -6.79 47.04 -2.93
N LYS D 56 -7.24 48.12 -3.57
CA LYS D 56 -7.89 49.24 -2.90
C LYS D 56 -9.41 49.08 -2.98
N ARG D 57 -9.89 48.53 -4.11
CA ARG D 57 -11.30 48.35 -4.36
C ARG D 57 -11.86 47.27 -3.45
N LYS D 58 -13.01 47.56 -2.83
CA LYS D 58 -13.74 46.63 -1.99
C LYS D 58 -14.30 45.50 -2.85
N LEU D 59 -13.86 44.27 -2.58
CA LEU D 59 -14.29 43.10 -3.32
C LEU D 59 -15.30 42.32 -2.50
N GLU D 60 -16.30 41.74 -3.20
CA GLU D 60 -17.36 40.98 -2.56
C GLU D 60 -17.11 39.48 -2.70
N GLN D 61 -16.96 39.02 -3.95
CA GLN D 61 -16.56 37.65 -4.24
C GLN D 61 -15.40 37.65 -5.23
N VAL D 62 -14.57 36.61 -5.15
CA VAL D 62 -13.50 36.37 -6.11
C VAL D 62 -13.69 34.99 -6.71
N PHE D 63 -13.77 34.93 -8.05
CA PHE D 63 -13.94 33.69 -8.77
C PHE D 63 -12.71 33.42 -9.64
N PHE D 64 -11.99 32.35 -9.31
CA PHE D 64 -10.75 32.00 -9.99
C PHE D 64 -10.88 30.62 -10.63
N TYR D 65 -10.50 30.55 -11.91
CA TYR D 65 -10.45 29.30 -12.65
C TYR D 65 -9.04 29.13 -13.23
N GLY D 66 -8.35 28.07 -12.77
CA GLY D 66 -6.95 27.87 -13.14
C GLY D 66 -6.63 26.41 -13.43
N ALA D 67 -5.68 26.19 -14.36
CA ALA D 67 -5.18 24.87 -14.67
C ALA D 67 -4.27 24.39 -13.55
N GLY D 68 -4.23 23.06 -13.35
CA GLY D 68 -3.45 22.45 -12.30
C GLY D 68 -4.28 22.24 -11.03
N CYS D 69 -5.49 22.79 -11.03
CA CYS D 69 -6.41 22.65 -9.92
C CYS D 69 -7.13 21.30 -10.02
N THR D 70 -6.37 20.22 -9.78
CA THR D 70 -6.88 18.87 -9.87
C THR D 70 -7.56 18.48 -8.56
N SER D 71 -6.75 18.20 -7.54
CA SER D 71 -7.24 17.77 -6.23
C SER D 71 -7.77 18.96 -5.45
N ALA D 72 -8.48 18.67 -4.35
CA ALA D 72 -9.02 19.69 -3.46
C ALA D 72 -7.87 20.40 -2.72
N GLU D 73 -6.74 19.69 -2.59
CA GLU D 73 -5.56 20.21 -1.92
C GLU D 73 -4.91 21.28 -2.80
N LYS D 74 -4.86 21.01 -4.11
CA LYS D 74 -4.27 21.92 -5.09
C LYS D 74 -5.12 23.18 -5.21
N LYS D 75 -6.43 23.03 -5.00
CA LYS D 75 -7.37 24.14 -5.05
C LYS D 75 -7.17 25.04 -3.83
N SER D 76 -6.77 24.43 -2.70
CA SER D 76 -6.60 25.13 -1.44
C SER D 76 -5.41 26.08 -1.50
N VAL D 77 -4.38 25.69 -2.28
CA VAL D 77 -3.16 26.46 -2.42
C VAL D 77 -3.48 27.78 -3.09
N VAL D 78 -4.36 27.74 -4.12
CA VAL D 78 -4.74 28.91 -4.88
C VAL D 78 -5.68 29.77 -4.05
N GLU D 79 -6.57 29.12 -3.29
CA GLU D 79 -7.59 29.78 -2.48
C GLU D 79 -6.92 30.65 -1.42
N ALA D 80 -5.90 30.11 -0.76
CA ALA D 80 -5.20 30.78 0.33
C ALA D 80 -4.49 32.03 -0.20
N SER D 81 -4.01 31.97 -1.44
CA SER D 81 -3.30 33.06 -2.08
C SER D 81 -4.25 34.23 -2.36
N LEU D 82 -5.51 33.90 -2.66
CA LEU D 82 -6.51 34.88 -3.03
C LEU D 82 -7.10 35.53 -1.78
N VAL D 83 -7.13 34.77 -0.68
CA VAL D 83 -7.69 35.23 0.59
C VAL D 83 -6.68 36.17 1.27
N ALA D 84 -5.39 35.89 1.08
CA ALA D 84 -4.32 36.62 1.73
C ALA D 84 -4.12 37.98 1.07
N GLN D 85 -4.43 38.06 -0.23
CA GLN D 85 -4.12 39.24 -1.03
C GLN D 85 -5.29 40.22 -1.02
N PHE D 86 -6.52 39.69 -1.01
CA PHE D 86 -7.71 40.49 -1.24
C PHE D 86 -8.56 40.59 0.02
N LYS D 87 -8.39 39.64 0.95
CA LYS D 87 -9.22 39.51 2.14
C LYS D 87 -10.67 39.34 1.72
N THR D 88 -10.91 38.42 0.77
CA THR D 88 -12.22 38.20 0.19
C THR D 88 -12.44 36.69 0.01
N PRO D 89 -13.61 36.14 0.44
CA PRO D 89 -13.95 34.74 0.18
C PRO D 89 -13.87 34.41 -1.31
N ALA D 90 -12.95 33.50 -1.65
CA ALA D 90 -12.64 33.16 -3.03
C ALA D 90 -12.95 31.69 -3.29
N TYR D 91 -13.47 31.42 -4.49
CA TYR D 91 -13.85 30.07 -4.90
C TYR D 91 -12.99 29.64 -6.09
N VAL D 92 -12.12 28.66 -5.86
CA VAL D 92 -11.16 28.21 -6.85
C VAL D 92 -11.71 26.98 -7.57
N GLU D 93 -11.72 27.06 -8.91
CA GLU D 93 -12.16 25.97 -9.78
C GLU D 93 -11.09 25.75 -10.86
N SER D 94 -11.28 24.71 -11.67
CA SER D 94 -10.37 24.44 -12.78
C SER D 94 -10.72 25.33 -13.96
N ASP D 95 -9.77 25.46 -14.91
CA ASP D 95 -9.95 26.24 -16.11
C ASP D 95 -10.89 25.52 -17.08
N LEU D 96 -11.12 24.23 -16.81
CA LEU D 96 -12.03 23.41 -17.60
C LEU D 96 -13.47 23.81 -17.32
N LEU D 97 -13.74 24.21 -16.06
CA LEU D 97 -15.06 24.65 -15.65
C LEU D 97 -15.28 26.10 -16.11
N ALA D 98 -14.19 26.80 -16.42
CA ALA D 98 -14.25 28.12 -17.03
C ALA D 98 -14.61 27.98 -18.51
N ALA D 99 -14.17 26.88 -19.12
CA ALA D 99 -14.41 26.59 -20.53
C ALA D 99 -15.86 26.15 -20.73
N ALA D 100 -16.42 25.50 -19.70
CA ALA D 100 -17.77 24.97 -19.77
C ALA D 100 -18.79 26.08 -19.51
N ARG D 101 -18.53 26.90 -18.49
CA ARG D 101 -19.43 27.95 -18.07
C ARG D 101 -19.34 29.15 -19.00
N GLY D 102 -18.19 29.29 -19.68
CA GLY D 102 -17.92 30.43 -20.53
C GLY D 102 -18.51 30.26 -21.93
N LEU D 103 -18.79 29.01 -22.32
CA LEU D 103 -19.24 28.69 -23.66
C LEU D 103 -20.73 28.32 -23.66
N PHE D 104 -21.15 27.56 -22.64
CA PHE D 104 -22.50 27.01 -22.61
C PHE D 104 -23.40 27.79 -21.66
N GLN D 105 -22.78 28.41 -20.65
CA GLN D 105 -23.49 29.13 -19.59
C GLN D 105 -24.26 28.15 -18.71
N HIS D 106 -25.46 27.78 -19.17
CA HIS D 106 -26.32 26.83 -18.48
C HIS D 106 -26.86 25.79 -19.45
N ASP D 107 -26.13 25.60 -20.57
CA ASP D 107 -26.56 24.69 -21.62
C ASP D 107 -25.72 23.42 -21.58
N SER D 108 -26.19 22.39 -22.30
CA SER D 108 -25.55 21.08 -22.34
C SER D 108 -24.69 20.96 -23.59
N GLY D 109 -23.54 20.28 -23.45
CA GLY D 109 -22.63 20.03 -24.55
C GLY D 109 -21.25 19.59 -24.08
N ILE D 110 -20.28 19.66 -25.00
CA ILE D 110 -18.91 19.24 -24.76
C ILE D 110 -18.00 20.46 -24.89
N ALA D 111 -17.16 20.67 -23.87
CA ALA D 111 -16.20 21.77 -23.85
C ALA D 111 -14.78 21.21 -23.87
N CYS D 112 -13.96 21.74 -24.80
CA CYS D 112 -12.58 21.32 -24.97
C CYS D 112 -11.66 22.53 -24.90
N ILE D 113 -10.45 22.32 -24.37
CA ILE D 113 -9.43 23.34 -24.30
C ILE D 113 -8.24 22.93 -25.16
N LEU D 114 -7.77 23.86 -25.99
CA LEU D 114 -6.53 23.70 -26.74
C LEU D 114 -5.68 24.96 -26.58
N GLY D 115 -4.93 25.02 -25.48
CA GLY D 115 -3.99 26.10 -25.21
C GLY D 115 -2.60 25.54 -24.92
N THR D 116 -2.07 25.88 -23.73
CA THR D 116 -0.82 25.33 -23.25
C THR D 116 -1.00 23.84 -23.01
N GLY D 117 -2.12 23.48 -22.36
CA GLY D 117 -2.54 22.11 -22.18
C GLY D 117 -3.88 21.85 -22.84
N SER D 118 -4.33 20.58 -22.80
CA SER D 118 -5.60 20.19 -23.40
C SER D 118 -6.41 19.35 -22.42
N ASN D 119 -7.71 19.66 -22.35
CA ASN D 119 -8.63 18.99 -21.45
C ASN D 119 -10.04 19.04 -22.05
N SER D 120 -10.84 18.02 -21.74
CA SER D 120 -12.20 17.91 -22.26
C SER D 120 -13.16 17.52 -21.13
N CYS D 121 -14.44 17.87 -21.31
CA CYS D 121 -15.47 17.60 -20.31
C CYS D 121 -16.85 17.50 -20.97
N PHE D 122 -17.81 16.94 -20.22
CA PHE D 122 -19.21 16.96 -20.59
C PHE D 122 -19.99 17.80 -19.57
N TYR D 123 -20.56 18.90 -20.05
CA TYR D 123 -21.30 19.84 -19.23
C TYR D 123 -22.79 19.62 -19.42
N ASP D 124 -23.52 19.43 -18.31
CA ASP D 124 -24.94 19.15 -18.35
C ASP D 124 -25.73 20.46 -18.20
N GLY D 125 -25.06 21.49 -17.69
CA GLY D 125 -25.69 22.79 -17.48
C GLY D 125 -25.30 23.40 -16.14
N HIS D 126 -24.98 22.54 -15.17
CA HIS D 126 -24.60 22.99 -13.83
C HIS D 126 -23.19 22.50 -13.49
N VAL D 127 -22.99 21.18 -13.54
CA VAL D 127 -21.73 20.58 -13.13
C VAL D 127 -21.18 19.71 -14.26
N ILE D 128 -19.86 19.46 -14.22
CA ILE D 128 -19.19 18.58 -15.15
C ILE D 128 -19.53 17.14 -14.77
N VAL D 129 -20.15 16.41 -15.71
CA VAL D 129 -20.59 15.05 -15.47
C VAL D 129 -19.40 14.10 -15.67
N LYS D 130 -18.83 14.11 -16.88
CA LYS D 130 -17.68 13.29 -17.21
C LYS D 130 -16.50 14.20 -17.54
N ASN D 131 -15.31 13.80 -17.07
CA ASN D 131 -14.08 14.55 -17.30
C ASN D 131 -12.93 13.56 -17.51
N VAL D 132 -12.43 13.50 -18.75
CA VAL D 132 -11.22 12.76 -19.07
C VAL D 132 -10.04 13.59 -18.60
N ARG D 133 -9.14 12.94 -17.85
CA ARG D 133 -8.04 13.62 -17.17
C ARG D 133 -7.07 14.20 -18.19
N ALA D 134 -6.61 15.43 -17.91
CA ALA D 134 -5.73 16.16 -18.80
C ALA D 134 -4.37 15.45 -18.90
N GLY D 135 -3.75 15.19 -17.75
CA GLY D 135 -2.54 14.40 -17.68
C GLY D 135 -1.27 15.23 -17.52
N GLY D 136 -1.33 16.50 -17.96
CA GLY D 136 -0.18 17.38 -17.92
C GLY D 136 0.66 17.28 -19.19
N TYR D 137 1.73 18.07 -19.26
CA TYR D 137 2.49 18.27 -20.48
C TYR D 137 3.36 17.05 -20.81
N ILE D 138 3.72 16.28 -19.78
CA ILE D 138 4.57 15.11 -19.96
C ILE D 138 3.72 13.92 -20.40
N LEU D 139 2.72 13.58 -19.59
CA LEU D 139 1.94 12.37 -19.78
C LEU D 139 0.86 12.60 -20.83
N GLY D 140 -0.10 13.47 -20.52
CA GLY D 140 -1.25 13.70 -21.39
C GLY D 140 -1.05 14.91 -22.30
N ASP D 141 -2.10 15.74 -22.39
CA ASP D 141 -2.13 16.95 -23.19
C ASP D 141 -1.83 16.64 -24.65
N GLU D 142 -2.85 16.19 -25.39
CA GLU D 142 -2.74 15.96 -26.82
C GLU D 142 -3.36 17.13 -27.56
N GLY D 143 -2.73 17.54 -28.66
CA GLY D 143 -3.23 18.61 -29.50
C GLY D 143 -2.93 20.00 -28.92
N SER D 144 -2.25 20.01 -27.77
CA SER D 144 -1.90 21.24 -27.08
C SER D 144 -0.61 21.81 -27.68
N GLY D 145 -0.26 23.04 -27.26
CA GLY D 145 0.94 23.71 -27.70
C GLY D 145 2.20 22.97 -27.26
N ALA D 146 2.16 22.42 -26.04
CA ALA D 146 3.27 21.69 -25.45
C ALA D 146 3.45 20.35 -26.14
N ALA D 147 2.34 19.80 -26.68
CA ALA D 147 2.36 18.55 -27.42
C ALA D 147 3.07 18.75 -28.76
N LEU D 148 2.84 19.91 -29.37
CA LEU D 148 3.46 20.29 -30.63
C LEU D 148 4.96 20.51 -30.41
N GLY D 149 5.29 21.27 -29.35
CA GLY D 149 6.66 21.64 -29.03
C GLY D 149 7.53 20.43 -28.72
N LYS D 150 6.98 19.47 -27.96
CA LYS D 150 7.67 18.27 -27.57
C LYS D 150 8.15 17.51 -28.80
N GLN D 151 7.24 17.36 -29.77
CA GLN D 151 7.51 16.60 -31.00
C GLN D 151 8.49 17.37 -31.87
N PHE D 152 8.29 18.69 -31.98
CA PHE D 152 9.09 19.55 -32.83
C PHE D 152 10.55 19.55 -32.35
N LEU D 153 10.75 19.85 -31.06
CA LEU D 153 12.08 19.98 -30.48
C LEU D 153 12.82 18.65 -30.50
N SER D 154 12.05 17.55 -30.52
CA SER D 154 12.60 16.21 -30.63
C SER D 154 13.20 16.01 -32.03
N ASP D 155 12.50 16.52 -33.05
CA ASP D 155 12.91 16.41 -34.43
C ASP D 155 14.13 17.28 -34.67
N VAL D 156 14.18 18.44 -33.99
CA VAL D 156 15.25 19.40 -34.12
C VAL D 156 16.55 18.80 -33.59
N LEU D 157 16.46 18.13 -32.43
CA LEU D 157 17.63 17.60 -31.73
C LEU D 157 18.14 16.34 -32.44
N LYS D 158 17.25 15.66 -33.17
CA LYS D 158 17.59 14.40 -33.82
C LYS D 158 17.79 14.60 -35.32
N LYS D 159 17.70 15.86 -35.77
CA LYS D 159 17.96 16.25 -37.15
C LYS D 159 16.96 15.57 -38.07
N LEU D 160 15.67 15.77 -37.81
CA LEU D 160 14.59 15.17 -38.58
C LEU D 160 13.69 16.26 -39.16
N ALA D 161 13.71 17.44 -38.53
CA ALA D 161 12.97 18.60 -39.01
C ALA D 161 13.73 19.24 -40.17
N PRO D 162 13.04 20.01 -41.05
CA PRO D 162 13.73 20.77 -42.10
C PRO D 162 14.81 21.70 -41.55
N GLN D 163 15.87 21.90 -42.34
CA GLN D 163 17.01 22.71 -41.95
C GLN D 163 16.62 24.18 -41.80
N VAL D 164 15.55 24.58 -42.51
CA VAL D 164 15.09 25.96 -42.49
C VAL D 164 14.44 26.26 -41.14
N LEU D 165 13.73 25.28 -40.58
CA LEU D 165 13.07 25.42 -39.30
C LEU D 165 14.10 25.34 -38.16
N ILE D 166 15.03 24.39 -38.29
CA ILE D 166 16.06 24.15 -37.29
C ILE D 166 16.85 25.44 -37.06
N ASP D 167 17.29 26.05 -38.16
CA ASP D 167 18.17 27.21 -38.11
C ASP D 167 17.42 28.43 -37.59
N ASP D 168 16.17 28.60 -38.03
CA ASP D 168 15.34 29.74 -37.62
C ASP D 168 15.04 29.66 -36.13
N PHE D 169 14.89 28.43 -35.61
CA PHE D 169 14.62 28.20 -34.20
C PHE D 169 15.80 28.68 -33.36
N PHE D 170 17.00 28.25 -33.73
CA PHE D 170 18.21 28.53 -32.97
C PHE D 170 18.58 30.02 -33.08
N GLU D 171 18.10 30.68 -34.13
CA GLU D 171 18.40 32.09 -34.36
C GLU D 171 17.43 32.96 -33.58
N LYS D 172 16.19 32.47 -33.40
CA LYS D 172 15.12 33.24 -32.78
C LYS D 172 15.37 33.36 -31.28
N TYR D 173 15.83 32.26 -30.67
CA TYR D 173 15.94 32.16 -29.23
C TYR D 173 17.40 32.27 -28.79
N ASP D 174 18.32 32.27 -29.77
CA ASP D 174 19.76 32.27 -29.52
C ASP D 174 20.15 31.05 -28.70
N LEU D 175 19.69 29.88 -29.13
CA LEU D 175 19.90 28.64 -28.38
C LEU D 175 20.90 27.75 -29.11
N THR D 176 21.46 26.79 -28.36
CA THR D 176 22.21 25.67 -28.90
C THR D 176 21.56 24.38 -28.39
N PRO D 177 21.82 23.21 -29.00
CA PRO D 177 21.23 21.94 -28.54
C PRO D 177 21.25 21.71 -27.04
N HIS D 178 22.35 22.09 -26.38
CA HIS D 178 22.53 21.90 -24.95
C HIS D 178 21.71 22.91 -24.16
N ASP D 179 21.44 24.07 -24.76
CA ASP D 179 20.65 25.12 -24.15
C ASP D 179 19.17 24.72 -24.16
N VAL D 180 18.75 24.04 -25.24
CA VAL D 180 17.37 23.62 -25.43
C VAL D 180 17.00 22.61 -24.35
N MET D 181 17.91 21.66 -24.08
CA MET D 181 17.68 20.62 -23.10
C MET D 181 17.84 21.18 -21.68
N ASP D 182 18.46 22.36 -21.58
CA ASP D 182 18.64 23.03 -20.30
C ASP D 182 17.34 23.74 -19.92
N VAL D 183 16.63 24.26 -20.92
CA VAL D 183 15.39 25.00 -20.73
C VAL D 183 14.28 24.03 -20.33
N VAL D 184 14.34 22.81 -20.87
CA VAL D 184 13.28 21.82 -20.70
C VAL D 184 13.40 21.16 -19.33
N TYR D 185 14.64 20.84 -18.93
CA TYR D 185 14.87 19.93 -17.82
C TYR D 185 15.32 20.66 -16.56
N ASN D 186 15.94 21.84 -16.72
CA ASN D 186 16.56 22.51 -15.59
C ASN D 186 15.92 23.87 -15.33
N ARG D 187 15.48 24.54 -16.40
CA ARG D 187 14.88 25.86 -16.30
C ARG D 187 13.39 25.73 -15.99
N PRO D 188 12.86 26.51 -15.00
CA PRO D 188 11.46 26.43 -14.61
C PRO D 188 10.47 26.74 -15.73
N PHE D 189 9.23 26.26 -15.54
CA PHE D 189 8.13 26.40 -16.50
C PHE D 189 8.52 25.80 -17.85
N PRO D 190 8.75 24.46 -17.93
CA PRO D 190 9.11 23.81 -19.20
C PRO D 190 7.94 23.80 -20.18
N ASN D 191 6.72 23.86 -19.65
CA ASN D 191 5.49 23.72 -20.41
C ASN D 191 5.24 24.99 -21.23
N ARG D 192 5.68 26.14 -20.70
CA ARG D 192 5.46 27.42 -21.34
C ARG D 192 6.26 27.52 -22.64
N PHE D 193 7.52 27.05 -22.59
CA PHE D 193 8.43 27.14 -23.72
C PHE D 193 8.02 26.15 -24.81
N LEU D 194 7.45 25.01 -24.41
CA LEU D 194 6.98 24.01 -25.34
C LEU D 194 5.76 24.54 -26.10
N ALA D 195 4.90 25.27 -25.38
CA ALA D 195 3.69 25.87 -25.94
C ALA D 195 4.06 27.10 -26.76
N GLU D 196 5.28 27.60 -26.56
CA GLU D 196 5.81 28.76 -27.27
C GLU D 196 6.10 28.37 -28.72
N GLN D 197 6.33 27.07 -28.95
CA GLN D 197 6.69 26.53 -30.24
C GLN D 197 5.48 26.51 -31.17
N SER D 198 4.28 26.67 -30.59
CA SER D 198 3.04 26.72 -31.34
C SER D 198 2.96 28.04 -32.11
N CYS D 199 3.48 29.12 -31.52
CA CYS D 199 3.48 30.43 -32.12
C CYS D 199 4.57 30.53 -33.19
N PHE D 200 5.62 29.71 -33.03
CA PHE D 200 6.76 29.69 -33.93
C PHE D 200 6.38 29.01 -35.25
N LEU D 201 5.69 27.86 -35.14
CA LEU D 201 5.34 27.05 -36.29
C LEU D 201 4.10 27.61 -36.98
N ALA D 202 3.57 28.72 -36.44
CA ALA D 202 2.35 29.34 -36.94
C ALA D 202 2.65 30.15 -38.21
N ASP D 203 3.94 30.32 -38.51
CA ASP D 203 4.37 31.13 -39.64
C ASP D 203 4.69 30.24 -40.83
N TYR D 204 4.89 28.94 -40.58
CA TYR D 204 5.36 28.01 -41.60
C TYR D 204 4.26 27.02 -41.97
N LEU D 205 3.01 27.50 -41.98
CA LEU D 205 1.86 26.67 -42.28
C LEU D 205 1.83 26.28 -43.76
N ARG D 206 2.81 26.79 -44.53
CA ARG D 206 2.87 26.54 -45.96
C ARG D 206 3.84 25.39 -46.23
N LEU D 207 4.62 25.02 -45.21
CA LEU D 207 5.56 23.90 -45.31
C LEU D 207 4.80 22.61 -45.04
N ASP D 208 5.17 21.55 -45.77
CA ASP D 208 4.50 20.27 -45.74
C ASP D 208 4.67 19.60 -44.37
N TYR D 209 5.85 19.78 -43.78
CA TYR D 209 6.20 19.16 -42.51
C TYR D 209 5.29 19.66 -41.40
N VAL D 210 5.06 20.98 -41.36
CA VAL D 210 4.34 21.64 -40.28
C VAL D 210 2.88 21.22 -40.30
N LYS D 211 2.29 21.18 -41.50
CA LYS D 211 0.88 20.81 -41.67
C LYS D 211 0.66 19.38 -41.16
N GLY D 212 1.59 18.48 -41.48
CA GLY D 212 1.51 17.09 -41.06
C GLY D 212 1.70 16.91 -39.56
N LEU D 213 2.48 17.82 -38.96
CA LEU D 213 2.81 17.78 -37.54
C LEU D 213 1.61 18.27 -36.73
N LEU D 214 0.85 19.21 -37.30
CA LEU D 214 -0.32 19.78 -36.67
C LEU D 214 -1.47 18.77 -36.67
N LEU D 215 -1.73 18.15 -37.83
CA LEU D 215 -2.85 17.26 -38.04
C LEU D 215 -2.75 16.04 -37.13
N SER D 216 -1.62 15.32 -37.23
CA SER D 216 -1.41 14.07 -36.52
C SER D 216 -1.37 14.30 -35.01
N ASN D 217 -1.29 15.57 -34.60
CA ASN D 217 -1.26 15.95 -33.20
C ASN D 217 -2.68 16.25 -32.71
N LEU D 218 -3.49 16.87 -33.59
CA LEU D 218 -4.87 17.21 -33.28
C LEU D 218 -5.76 15.97 -33.35
N ARG D 219 -5.38 15.03 -34.21
CA ARG D 219 -6.12 13.80 -34.43
C ARG D 219 -6.11 12.94 -33.17
N SER D 220 -5.01 13.04 -32.41
CA SER D 220 -4.83 12.25 -31.19
C SER D 220 -5.71 12.79 -30.06
N PHE D 221 -6.03 14.09 -30.11
CA PHE D 221 -6.86 14.73 -29.11
C PHE D 221 -8.29 14.21 -29.19
N PHE D 222 -8.82 14.16 -30.43
CA PHE D 222 -10.16 13.66 -30.68
C PHE D 222 -10.24 12.17 -30.41
N LEU D 223 -9.11 11.47 -30.63
CA LEU D 223 -9.01 10.03 -30.47
C LEU D 223 -9.08 9.67 -28.98
N ARG D 224 -8.28 10.38 -28.17
CA ARG D 224 -7.99 9.96 -26.81
C ARG D 224 -8.90 10.67 -25.80
N ASN D 225 -9.60 11.72 -26.25
CA ASN D 225 -10.40 12.53 -25.34
C ASN D 225 -11.86 12.58 -25.81
N VAL D 226 -12.06 13.04 -27.05
CA VAL D 226 -13.39 13.38 -27.55
C VAL D 226 -14.18 12.10 -27.84
N MET D 227 -13.51 11.07 -28.36
CA MET D 227 -14.15 9.84 -28.79
C MET D 227 -14.49 8.96 -27.58
N GLN D 228 -14.68 9.60 -26.42
CA GLN D 228 -15.09 8.90 -25.20
C GLN D 228 -16.45 9.41 -24.77
N TYR D 229 -16.86 10.56 -25.32
CA TYR D 229 -18.13 11.19 -25.01
C TYR D 229 -19.16 10.85 -26.09
N ASP D 230 -20.38 11.38 -25.92
CA ASP D 230 -21.41 11.32 -26.95
C ASP D 230 -21.29 12.57 -27.81
N TYR D 231 -20.36 12.52 -28.78
CA TYR D 231 -19.94 13.69 -29.52
C TYR D 231 -20.80 13.91 -30.76
N LEU D 232 -21.77 13.00 -30.97
CA LEU D 232 -22.63 13.06 -32.14
C LEU D 232 -23.95 13.74 -31.79
N ASN D 233 -24.28 13.76 -30.49
CA ASN D 233 -25.56 14.27 -30.03
C ASN D 233 -25.39 15.64 -29.38
N TYR D 234 -24.18 15.92 -28.87
CA TYR D 234 -23.91 17.16 -28.16
C TYR D 234 -22.94 18.03 -28.96
N PRO D 235 -23.17 19.36 -29.05
CA PRO D 235 -22.25 20.27 -29.74
C PRO D 235 -20.93 20.40 -29.01
N ILE D 236 -19.84 20.45 -29.78
CA ILE D 236 -18.50 20.55 -29.23
C ILE D 236 -17.98 21.97 -29.47
N ARG D 237 -17.58 22.64 -28.39
CA ARG D 237 -17.12 24.03 -28.45
C ARG D 237 -15.72 24.13 -27.85
N PHE D 238 -14.80 24.69 -28.64
CA PHE D 238 -13.39 24.80 -28.27
C PHE D 238 -13.08 26.22 -27.80
N VAL D 239 -12.04 26.33 -26.97
CA VAL D 239 -11.50 27.61 -26.52
C VAL D 239 -10.04 27.41 -26.12
N GLY D 240 -9.19 28.36 -26.52
CA GLY D 240 -7.76 28.30 -26.23
C GLY D 240 -6.95 29.11 -27.24
N SER D 241 -5.62 29.13 -27.05
CA SER D 241 -4.71 29.90 -27.89
C SER D 241 -4.39 29.12 -29.17
N VAL D 242 -4.17 27.81 -29.04
CA VAL D 242 -3.83 26.95 -30.15
C VAL D 242 -5.09 26.70 -30.99
N ALA D 243 -6.25 26.67 -30.31
CA ALA D 243 -7.52 26.43 -30.95
C ALA D 243 -7.91 27.60 -31.85
N TYR D 244 -7.57 28.82 -31.42
CA TYR D 244 -7.95 30.04 -32.12
C TYR D 244 -7.06 30.25 -33.33
N ASN D 245 -5.77 29.94 -33.19
CA ASN D 245 -4.77 30.18 -34.22
C ASN D 245 -4.95 29.20 -35.37
N TYR D 246 -5.31 27.95 -35.03
CA TYR D 246 -5.49 26.89 -36.01
C TYR D 246 -6.98 26.55 -36.11
N ALA D 247 -7.82 27.59 -36.16
CA ALA D 247 -9.27 27.45 -36.14
C ALA D 247 -9.77 26.81 -37.44
N ASP D 248 -9.11 27.16 -38.56
CA ASP D 248 -9.51 26.67 -39.87
C ASP D 248 -8.99 25.26 -40.09
N LEU D 249 -7.92 24.91 -39.37
CA LEU D 249 -7.24 23.63 -39.54
C LEU D 249 -7.82 22.60 -38.56
N LEU D 250 -8.35 23.09 -37.44
CA LEU D 250 -8.98 22.25 -36.43
C LEU D 250 -10.36 21.82 -36.93
N HIS D 251 -11.03 22.73 -37.65
CA HIS D 251 -12.34 22.49 -38.22
C HIS D 251 -12.27 21.39 -39.28
N GLN D 252 -11.09 21.28 -39.93
CA GLN D 252 -10.82 20.23 -40.90
C GLN D 252 -10.76 18.88 -40.17
N VAL D 253 -10.10 18.87 -39.01
CA VAL D 253 -9.95 17.68 -38.19
C VAL D 253 -11.31 17.30 -37.59
N GLY D 254 -12.14 18.33 -37.35
CA GLY D 254 -13.49 18.13 -36.83
C GLY D 254 -14.37 17.36 -37.81
N LYS D 255 -14.25 17.69 -39.11
CA LYS D 255 -15.07 17.08 -40.15
C LYS D 255 -14.52 15.70 -40.50
N GLU D 256 -13.28 15.42 -40.09
CA GLU D 256 -12.67 14.11 -40.27
C GLU D 256 -13.33 13.09 -39.36
N PHE D 257 -13.67 13.53 -38.14
CA PHE D 257 -14.37 12.71 -37.17
C PHE D 257 -15.87 12.88 -37.34
N GLY D 258 -16.26 13.84 -38.19
CA GLY D 258 -17.65 14.04 -38.59
C GLY D 258 -18.43 14.86 -37.56
N VAL D 259 -17.83 15.96 -37.09
CA VAL D 259 -18.49 16.89 -36.18
C VAL D 259 -18.30 18.32 -36.70
N GLU D 260 -19.27 19.17 -36.37
CA GLU D 260 -19.24 20.58 -36.74
C GLU D 260 -18.73 21.39 -35.56
N LEU D 261 -17.75 22.26 -35.83
CA LEU D 261 -17.18 23.13 -34.81
C LEU D 261 -17.55 24.58 -35.14
N SER D 262 -18.58 25.09 -34.46
CA SER D 262 -19.12 26.42 -34.72
C SER D 262 -18.44 27.45 -33.82
N VAL D 263 -18.58 27.26 -32.50
CA VAL D 263 -18.05 28.20 -31.52
C VAL D 263 -16.64 27.77 -31.14
N VAL D 264 -15.65 28.45 -31.72
CA VAL D 264 -14.25 28.27 -31.36
C VAL D 264 -13.70 29.63 -30.92
N GLU D 265 -13.62 29.81 -29.60
CA GLU D 265 -13.20 31.07 -29.00
C GLU D 265 -11.70 31.05 -28.74
N GLU D 266 -11.18 32.21 -28.29
CA GLU D 266 -9.81 32.34 -27.88
C GLU D 266 -9.73 32.28 -26.35
N THR D 267 -10.55 33.12 -25.70
CA THR D 267 -10.63 33.17 -24.25
C THR D 267 -12.09 33.09 -23.83
N PRO D 268 -12.44 32.28 -22.79
CA PRO D 268 -13.82 32.14 -22.35
C PRO D 268 -14.19 33.15 -21.26
N MET D 269 -13.44 34.25 -21.21
CA MET D 269 -13.55 35.24 -20.16
C MET D 269 -14.86 36.02 -20.30
N GLY D 270 -15.20 36.37 -21.55
CA GLY D 270 -16.40 37.12 -21.85
C GLY D 270 -17.67 36.42 -21.39
N GLY D 271 -17.66 35.08 -21.47
CA GLY D 271 -18.78 34.26 -21.06
C GLY D 271 -18.91 34.17 -19.54
N LEU D 272 -17.76 34.29 -18.84
CA LEU D 272 -17.70 34.16 -17.40
C LEU D 272 -18.24 35.42 -16.72
N ILE D 273 -18.18 36.55 -17.43
CA ILE D 273 -18.65 37.83 -16.91
C ILE D 273 -20.17 37.83 -16.83
N LYS D 274 -20.82 37.33 -17.89
CA LYS D 274 -22.27 37.27 -17.97
C LYS D 274 -22.79 36.10 -17.13
N TYR D 275 -21.91 35.13 -16.83
CA TYR D 275 -22.27 33.97 -16.04
C TYR D 275 -22.61 34.40 -14.61
N HIS D 276 -21.73 35.22 -14.02
CA HIS D 276 -21.89 35.67 -12.65
C HIS D 276 -22.87 36.85 -12.59
N ALA D 277 -23.29 37.32 -13.76
CA ALA D 277 -24.27 38.40 -13.87
C ALA D 277 -25.68 37.87 -13.66
N PHE D 278 -25.90 36.61 -14.04
CA PHE D 278 -27.20 35.96 -13.95
C PHE D 278 -27.47 35.58 -12.50
N ALA E 2 44.86 -0.52 -8.30
CA ALA E 2 43.42 -0.86 -8.35
C ALA E 2 42.65 0.30 -8.98
N LYS E 3 41.92 -0.01 -10.07
CA LYS E 3 41.10 0.96 -10.76
C LYS E 3 39.64 0.78 -10.35
N LEU E 4 38.83 1.81 -10.56
CA LEU E 4 37.41 1.78 -10.26
C LEU E 4 36.63 2.26 -11.48
N ILE E 5 35.92 1.32 -12.12
CA ILE E 5 35.13 1.61 -13.30
C ILE E 5 33.66 1.68 -12.89
N ALA E 6 33.03 2.83 -13.17
CA ALA E 6 31.64 3.07 -12.82
C ALA E 6 30.83 3.42 -14.07
N GLU E 7 29.72 2.71 -14.23
CA GLU E 7 28.82 2.92 -15.35
C GLU E 7 27.41 3.15 -14.81
N SER E 8 26.81 4.27 -15.21
CA SER E 8 25.52 4.69 -14.68
C SER E 8 24.53 4.96 -15.81
N GLY E 9 23.35 4.36 -15.70
CA GLY E 9 22.19 4.74 -16.49
C GLY E 9 21.52 5.97 -15.86
N SER E 10 20.25 5.79 -15.48
CA SER E 10 19.52 6.84 -14.78
C SER E 10 18.79 6.26 -13.57
N THR E 11 18.74 4.93 -13.50
CA THR E 11 18.04 4.22 -12.43
C THR E 11 19.05 3.50 -11.52
N LYS E 12 20.14 3.00 -12.11
CA LYS E 12 21.15 2.28 -11.35
C LYS E 12 22.54 2.74 -11.76
N THR E 13 23.51 2.59 -10.84
CA THR E 13 24.91 2.86 -11.10
C THR E 13 25.72 1.63 -10.72
N GLU E 14 26.47 1.09 -11.69
CA GLU E 14 27.25 -0.13 -11.52
C GLU E 14 28.70 0.25 -11.23
N TRP E 15 29.23 -0.25 -10.11
CA TRP E 15 30.60 0.03 -9.70
C TRP E 15 31.43 -1.25 -9.77
N SER E 16 32.64 -1.13 -10.32
CA SER E 16 33.53 -2.27 -10.49
C SER E 16 34.93 -1.93 -9.99
N LEU E 17 35.29 -2.51 -8.84
CA LEU E 17 36.64 -2.42 -8.32
C LEU E 17 37.49 -3.51 -8.99
N VAL E 18 38.44 -3.07 -9.82
CA VAL E 18 39.18 -3.98 -10.69
C VAL E 18 40.68 -3.80 -10.46
N GLU E 19 41.43 -4.90 -10.69
CA GLU E 19 42.88 -4.91 -10.61
C GLU E 19 43.41 -5.45 -11.94
N GLY E 20 43.17 -4.70 -13.01
CA GLY E 20 43.51 -5.11 -14.37
C GLY E 20 42.28 -5.58 -15.13
N GLU E 21 41.98 -6.87 -15.02
CA GLU E 21 40.78 -7.46 -15.61
C GLU E 21 40.05 -8.29 -14.55
N HIS E 22 40.76 -8.57 -13.44
CA HIS E 22 40.19 -9.33 -12.33
C HIS E 22 39.26 -8.43 -11.53
N LEU E 23 37.97 -8.78 -11.53
CA LEU E 23 36.96 -8.07 -10.75
C LEU E 23 37.07 -8.50 -9.30
N ILE E 24 37.29 -7.52 -8.41
CA ILE E 24 37.45 -7.77 -6.99
C ILE E 24 36.09 -7.68 -6.31
N GLN E 25 35.38 -6.57 -6.57
CA GLN E 25 34.11 -6.29 -5.92
C GLN E 25 33.22 -5.48 -6.87
N ARG E 26 31.95 -5.88 -6.95
CA ARG E 26 30.96 -5.17 -7.75
C ARG E 26 29.74 -4.86 -6.88
N VAL E 27 29.38 -3.57 -6.81
CA VAL E 27 28.26 -3.10 -6.02
C VAL E 27 27.43 -2.15 -6.86
N PHE E 28 26.11 -2.17 -6.65
CA PHE E 28 25.19 -1.28 -7.35
C PHE E 28 24.65 -0.23 -6.39
N THR E 29 24.56 1.01 -6.89
CA THR E 29 23.93 2.12 -6.17
C THR E 29 22.83 2.70 -7.06
N GLU E 30 22.13 3.72 -6.56
CA GLU E 30 21.08 4.38 -7.31
C GLU E 30 21.69 5.18 -8.45
N GLY E 31 20.90 5.38 -9.52
CA GLY E 31 21.35 6.04 -10.73
C GLY E 31 21.83 7.46 -10.48
N LEU E 32 22.86 7.88 -11.24
CA LEU E 32 23.43 9.21 -11.12
C LEU E 32 23.24 9.94 -12.45
N ASN E 33 22.57 11.11 -12.38
CA ASN E 33 22.29 11.92 -13.55
C ASN E 33 22.36 13.39 -13.13
N PRO E 34 23.24 14.21 -13.76
CA PRO E 34 23.38 15.62 -13.40
C PRO E 34 22.26 16.53 -13.91
N PHE E 35 21.27 15.94 -14.58
CA PHE E 35 20.08 16.66 -15.00
C PHE E 35 18.99 16.59 -13.94
N PHE E 36 19.17 15.67 -12.98
CA PHE E 36 18.16 15.41 -11.96
C PHE E 36 18.76 15.55 -10.57
N GLN E 37 20.09 15.74 -10.50
CA GLN E 37 20.80 15.84 -9.25
C GLN E 37 21.81 16.98 -9.30
N THR E 38 22.04 17.61 -8.14
CA THR E 38 23.08 18.60 -7.96
C THR E 38 24.38 17.88 -7.60
N ARG E 39 25.46 18.66 -7.42
CA ARG E 39 26.75 18.13 -7.04
C ARG E 39 26.65 17.44 -5.68
N ARG E 40 25.98 18.12 -4.73
CA ARG E 40 25.88 17.70 -3.35
C ARG E 40 25.06 16.42 -3.25
N GLU E 41 24.04 16.31 -4.11
CA GLU E 41 23.14 15.17 -4.12
C GLU E 41 23.87 13.94 -4.64
N ILE E 42 24.74 14.15 -5.64
CA ILE E 42 25.53 13.07 -6.23
C ILE E 42 26.54 12.57 -5.20
N SER E 43 27.25 13.51 -4.56
CA SER E 43 28.27 13.20 -3.56
C SER E 43 27.67 12.40 -2.41
N ARG E 44 26.46 12.79 -1.98
CA ARG E 44 25.76 12.15 -0.88
C ARG E 44 25.36 10.74 -1.29
N SER E 45 24.95 10.59 -2.55
CA SER E 45 24.47 9.33 -3.11
C SER E 45 25.59 8.30 -3.14
N ILE E 46 26.78 8.74 -3.56
CA ILE E 46 27.95 7.87 -3.71
C ILE E 46 28.41 7.39 -2.34
N ARG E 47 28.34 8.29 -1.35
CA ARG E 47 28.87 8.02 -0.02
C ARG E 47 27.95 7.09 0.76
N LEU E 48 26.64 7.20 0.50
CA LEU E 48 25.63 6.38 1.17
C LEU E 48 25.60 4.99 0.53
N GLY E 49 25.77 4.95 -0.80
CA GLY E 49 25.57 3.74 -1.59
C GLY E 49 26.71 2.74 -1.45
N LEU E 50 27.95 3.24 -1.54
CA LEU E 50 29.14 2.40 -1.60
C LEU E 50 29.61 2.05 -0.19
N PRO E 51 30.16 0.82 0.02
CA PRO E 51 30.78 0.45 1.29
C PRO E 51 32.03 1.29 1.57
N ASP E 52 32.41 1.36 2.84
CA ASP E 52 33.49 2.23 3.31
C ASP E 52 34.84 1.67 2.88
N SER E 53 34.84 0.46 2.33
CA SER E 53 36.04 -0.19 1.83
C SER E 53 36.49 0.47 0.52
N PHE E 54 35.53 1.00 -0.23
CA PHE E 54 35.78 1.63 -1.52
C PHE E 54 36.55 2.94 -1.35
N PHE E 55 36.41 3.55 -0.16
CA PHE E 55 36.98 4.86 0.12
C PHE E 55 38.33 4.71 0.83
N LYS E 56 38.56 3.53 1.41
CA LYS E 56 39.81 3.23 2.11
C LYS E 56 40.81 2.60 1.14
N ARG E 57 40.31 2.04 0.04
CA ARG E 57 41.14 1.42 -0.98
C ARG E 57 41.84 2.50 -1.79
N LYS E 58 43.12 2.27 -2.10
CA LYS E 58 43.94 3.23 -2.84
C LYS E 58 43.66 3.06 -4.33
N LEU E 59 43.11 4.12 -4.94
CA LEU E 59 42.74 4.12 -6.34
C LEU E 59 43.65 5.11 -7.10
N GLU E 60 43.90 4.82 -8.38
CA GLU E 60 44.71 5.70 -9.21
C GLU E 60 43.83 6.43 -10.22
N GLN E 61 42.93 5.70 -10.90
CA GLN E 61 41.99 6.30 -11.83
C GLN E 61 40.56 5.87 -11.47
N VAL E 62 39.60 6.76 -11.73
CA VAL E 62 38.18 6.46 -11.64
C VAL E 62 37.54 6.81 -12.98
N PHE E 63 37.20 5.78 -13.75
CA PHE E 63 36.54 5.95 -15.04
C PHE E 63 35.03 5.86 -14.84
N PHE E 64 34.34 6.99 -15.09
CA PHE E 64 32.91 7.07 -14.90
C PHE E 64 32.22 7.36 -16.23
N TYR E 65 31.18 6.57 -16.53
CA TYR E 65 30.31 6.80 -17.67
C TYR E 65 28.88 6.95 -17.15
N GLY E 66 28.25 8.09 -17.45
CA GLY E 66 26.92 8.38 -16.91
C GLY E 66 26.02 9.07 -17.93
N ALA E 67 24.73 8.74 -17.85
CA ALA E 67 23.70 9.42 -18.63
C ALA E 67 23.50 10.83 -18.08
N GLY E 68 23.22 11.78 -18.98
CA GLY E 68 23.03 13.17 -18.61
C GLY E 68 24.32 13.96 -18.66
N CYS E 69 25.45 13.26 -18.85
CA CYS E 69 26.75 13.90 -18.98
C CYS E 69 26.91 14.40 -20.42
N THR E 70 26.24 15.52 -20.73
CA THR E 70 26.18 16.05 -22.08
C THR E 70 27.30 17.06 -22.28
N SER E 71 27.17 18.22 -21.64
CA SER E 71 28.11 19.32 -21.79
C SER E 71 29.33 19.10 -20.89
N ALA E 72 30.35 19.96 -21.06
CA ALA E 72 31.55 19.94 -20.24
C ALA E 72 31.19 20.34 -18.81
N GLU E 73 30.18 21.21 -18.69
CA GLU E 73 29.66 21.67 -17.41
C GLU E 73 29.04 20.49 -16.65
N LYS E 74 28.23 19.69 -17.36
CA LYS E 74 27.51 18.57 -16.79
C LYS E 74 28.48 17.49 -16.31
N LYS E 75 29.58 17.32 -17.04
CA LYS E 75 30.59 16.32 -16.72
C LYS E 75 31.40 16.78 -15.49
N SER E 76 31.52 18.10 -15.33
CA SER E 76 32.29 18.70 -14.24
C SER E 76 31.58 18.48 -12.91
N VAL E 77 30.25 18.41 -12.95
CA VAL E 77 29.43 18.21 -11.75
C VAL E 77 29.75 16.84 -11.17
N VAL E 78 29.84 15.83 -12.04
CA VAL E 78 30.07 14.44 -11.64
C VAL E 78 31.52 14.29 -11.19
N GLU E 79 32.44 14.91 -11.94
CA GLU E 79 33.87 14.78 -11.70
C GLU E 79 34.23 15.39 -10.34
N ALA E 80 33.63 16.54 -10.04
CA ALA E 80 33.90 17.25 -8.79
C ALA E 80 33.46 16.39 -7.60
N SER E 81 32.40 15.60 -7.79
CA SER E 81 31.87 14.71 -6.78
C SER E 81 32.82 13.56 -6.53
N LEU E 82 33.32 12.96 -7.63
CA LEU E 82 34.14 11.76 -7.59
C LEU E 82 35.50 12.07 -6.96
N VAL E 83 36.10 13.19 -7.37
CA VAL E 83 37.43 13.58 -6.93
C VAL E 83 37.38 13.98 -5.45
N ALA E 84 36.22 14.47 -5.02
CA ALA E 84 36.01 14.88 -3.64
C ALA E 84 35.90 13.67 -2.72
N GLN E 85 35.37 12.56 -3.26
CA GLN E 85 35.06 11.39 -2.46
C GLN E 85 36.23 10.40 -2.48
N PHE E 86 36.83 10.22 -3.66
CA PHE E 86 37.81 9.17 -3.87
C PHE E 86 39.24 9.73 -3.76
N LYS E 87 39.36 11.06 -3.79
CA LYS E 87 40.64 11.75 -3.72
C LYS E 87 41.62 11.17 -4.74
N THR E 88 41.14 11.02 -5.98
CA THR E 88 41.92 10.45 -7.07
C THR E 88 41.32 10.92 -8.40
N PRO E 89 42.15 11.19 -9.44
CA PRO E 89 41.66 11.65 -10.74
C PRO E 89 40.48 10.85 -11.27
N ALA E 90 39.46 11.57 -11.76
CA ALA E 90 38.24 10.97 -12.27
C ALA E 90 38.01 11.39 -13.71
N TYR E 91 37.60 10.43 -14.55
CA TYR E 91 37.39 10.64 -15.97
C TYR E 91 35.92 10.38 -16.29
N VAL E 92 35.16 11.48 -16.45
CA VAL E 92 33.72 11.43 -16.64
C VAL E 92 33.40 11.51 -18.13
N GLU E 93 32.67 10.51 -18.62
CA GLU E 93 32.23 10.44 -20.01
C GLU E 93 30.74 10.10 -20.04
N SER E 94 30.15 10.14 -21.25
CA SER E 94 28.77 9.72 -21.47
C SER E 94 28.68 8.20 -21.37
N ASP E 95 27.48 7.71 -21.03
CA ASP E 95 27.21 6.28 -20.94
C ASP E 95 27.19 5.66 -22.33
N LEU E 96 27.06 6.52 -23.35
CA LEU E 96 27.06 6.12 -24.74
C LEU E 96 28.44 5.60 -25.14
N LEU E 97 29.48 6.20 -24.56
CA LEU E 97 30.85 5.82 -24.82
C LEU E 97 31.17 4.51 -24.10
N ALA E 98 30.40 4.21 -23.04
CA ALA E 98 30.51 2.95 -22.33
C ALA E 98 29.91 1.84 -23.18
N ALA E 99 28.89 2.19 -23.97
CA ALA E 99 28.22 1.27 -24.87
C ALA E 99 29.13 0.95 -26.06
N ALA E 100 29.90 1.96 -26.50
CA ALA E 100 30.78 1.84 -27.64
C ALA E 100 32.00 1.00 -27.26
N ARG E 101 32.65 1.37 -26.15
CA ARG E 101 33.90 0.75 -25.72
C ARG E 101 33.63 -0.62 -25.11
N GLY E 102 32.41 -0.82 -24.60
CA GLY E 102 32.05 -2.03 -23.89
C GLY E 102 31.39 -3.08 -24.79
N LEU E 103 31.48 -2.86 -26.10
CA LEU E 103 30.92 -3.79 -27.07
C LEU E 103 31.92 -4.02 -28.21
N PHE E 104 32.60 -2.94 -28.62
CA PHE E 104 33.45 -2.97 -29.81
C PHE E 104 34.92 -2.93 -29.41
N GLN E 105 35.21 -2.41 -28.21
CA GLN E 105 36.56 -2.25 -27.69
C GLN E 105 37.33 -1.25 -28.56
N HIS E 106 37.91 -1.75 -29.66
CA HIS E 106 38.63 -0.93 -30.61
C HIS E 106 38.23 -1.31 -32.04
N ASP E 107 36.94 -1.60 -32.23
CA ASP E 107 36.40 -2.01 -33.51
C ASP E 107 35.33 -1.03 -33.97
N SER E 108 34.92 -1.15 -35.24
CA SER E 108 33.90 -0.29 -35.83
C SER E 108 32.53 -0.93 -35.71
N GLY E 109 31.48 -0.10 -35.76
CA GLY E 109 30.11 -0.57 -35.71
C GLY E 109 29.15 0.48 -35.16
N ILE E 110 27.95 0.03 -34.79
CA ILE E 110 26.92 0.90 -34.24
C ILE E 110 26.54 0.40 -32.85
N ALA E 111 26.70 1.28 -31.85
CA ALA E 111 26.36 0.96 -30.46
C ALA E 111 25.07 1.70 -30.08
N CYS E 112 24.14 0.94 -29.48
CA CYS E 112 22.85 1.47 -29.08
C CYS E 112 22.55 1.09 -27.65
N ILE E 113 21.85 1.99 -26.94
CA ILE E 113 21.43 1.77 -25.56
C ILE E 113 19.90 1.69 -25.53
N LEU E 114 19.39 0.67 -24.84
CA LEU E 114 17.97 0.58 -24.54
C LEU E 114 17.79 0.22 -23.06
N GLY E 115 17.88 1.25 -22.21
CA GLY E 115 17.64 1.12 -20.79
C GLY E 115 16.58 2.11 -20.32
N THR E 116 16.93 2.92 -19.31
CA THR E 116 16.06 3.98 -18.83
C THR E 116 15.85 5.00 -19.96
N GLY E 117 16.95 5.31 -20.67
CA GLY E 117 16.90 6.12 -21.87
C GLY E 117 17.42 5.34 -23.08
N SER E 118 17.41 5.99 -24.25
CA SER E 118 17.92 5.38 -25.47
C SER E 118 18.85 6.34 -26.18
N ASN E 119 20.03 5.81 -26.59
CA ASN E 119 21.05 6.59 -27.25
C ASN E 119 21.76 5.71 -28.27
N SER E 120 22.24 6.33 -29.36
CA SER E 120 22.90 5.62 -30.44
C SER E 120 24.12 6.42 -30.91
N CYS E 121 25.14 5.70 -31.42
CA CYS E 121 26.35 6.34 -31.91
C CYS E 121 26.99 5.49 -33.00
N PHE E 122 27.82 6.16 -33.83
CA PHE E 122 28.66 5.52 -34.82
C PHE E 122 30.09 5.47 -34.28
N TYR E 123 30.57 4.25 -34.00
CA TYR E 123 31.89 4.06 -33.42
C TYR E 123 32.86 3.60 -34.51
N ASP E 124 34.06 4.19 -34.51
CA ASP E 124 35.07 3.89 -35.51
C ASP E 124 36.15 2.99 -34.90
N GLY E 125 36.29 3.07 -33.57
CA GLY E 125 37.26 2.26 -32.84
C GLY E 125 37.95 3.04 -31.73
N HIS E 126 37.82 4.37 -31.76
CA HIS E 126 38.47 5.23 -30.79
C HIS E 126 37.52 6.32 -30.30
N VAL E 127 36.82 6.97 -31.25
CA VAL E 127 35.95 8.09 -30.93
C VAL E 127 34.59 7.90 -31.59
N ILE E 128 33.59 8.66 -31.11
CA ILE E 128 32.26 8.66 -31.67
C ILE E 128 32.22 9.64 -32.84
N VAL E 129 31.99 9.10 -34.04
CA VAL E 129 32.01 9.89 -35.26
C VAL E 129 30.66 10.59 -35.44
N LYS E 130 29.59 9.79 -35.42
CA LYS E 130 28.24 10.30 -35.54
C LYS E 130 27.46 9.91 -34.27
N ASN E 131 26.61 10.84 -33.80
CA ASN E 131 25.80 10.61 -32.61
C ASN E 131 24.47 11.33 -32.76
N VAL E 132 23.38 10.55 -32.82
CA VAL E 132 22.04 11.10 -32.76
C VAL E 132 21.70 11.35 -31.29
N ARG E 133 21.41 12.61 -30.97
CA ARG E 133 21.23 13.06 -29.60
C ARG E 133 20.04 12.35 -28.97
N ALA E 134 20.18 11.98 -27.70
CA ALA E 134 19.17 11.23 -26.96
C ALA E 134 17.94 12.10 -26.73
N GLY E 135 18.15 13.27 -26.11
CA GLY E 135 17.09 14.25 -25.93
C GLY E 135 16.47 14.21 -24.53
N GLY E 136 16.62 13.07 -23.86
CA GLY E 136 16.03 12.88 -22.54
C GLY E 136 14.68 12.19 -22.62
N TYR E 137 14.02 12.02 -21.46
CA TYR E 137 12.80 11.23 -21.37
C TYR E 137 11.61 11.98 -21.95
N ILE E 138 11.71 13.32 -21.99
CA ILE E 138 10.64 14.15 -22.52
C ILE E 138 10.82 14.29 -24.03
N LEU E 139 12.03 14.66 -24.45
CA LEU E 139 12.29 15.05 -25.84
C LEU E 139 12.83 13.88 -26.65
N GLY E 140 12.58 12.65 -26.19
CA GLY E 140 12.99 11.47 -26.93
C GLY E 140 13.03 10.21 -26.07
N ASP E 141 14.14 9.46 -26.18
CA ASP E 141 14.33 8.18 -25.54
C ASP E 141 13.28 7.18 -26.05
N GLU E 142 13.29 6.95 -27.36
CA GLU E 142 12.34 6.05 -28.01
C GLU E 142 12.76 4.61 -27.76
N GLY E 143 11.77 3.78 -27.37
CA GLY E 143 11.98 2.36 -27.18
C GLY E 143 12.59 2.04 -25.81
N SER E 144 12.78 3.08 -24.99
CA SER E 144 13.32 2.94 -23.66
C SER E 144 12.21 2.59 -22.67
N GLY E 145 12.61 2.28 -21.43
CA GLY E 145 11.66 2.00 -20.35
C GLY E 145 10.78 3.21 -20.04
N ALA E 146 11.38 4.40 -20.13
CA ALA E 146 10.69 5.65 -19.86
C ALA E 146 9.65 5.95 -20.93
N ALA E 147 9.93 5.49 -22.16
CA ALA E 147 9.00 5.64 -23.28
C ALA E 147 7.78 4.76 -23.07
N LEU E 148 8.00 3.56 -22.54
CA LEU E 148 6.95 2.61 -22.24
C LEU E 148 6.04 3.19 -21.16
N GLY E 149 6.65 3.73 -20.10
CA GLY E 149 5.95 4.25 -18.94
C GLY E 149 5.10 5.48 -19.28
N LYS E 150 5.72 6.44 -19.98
CA LYS E 150 5.07 7.69 -20.34
C LYS E 150 3.82 7.41 -21.16
N GLN E 151 3.90 6.41 -22.05
CA GLN E 151 2.81 6.03 -22.92
C GLN E 151 1.76 5.24 -22.14
N PHE E 152 2.24 4.38 -21.22
CA PHE E 152 1.38 3.50 -20.45
C PHE E 152 0.53 4.29 -19.46
N LEU E 153 1.17 5.20 -18.72
CA LEU E 153 0.53 5.97 -17.66
C LEU E 153 -0.49 6.94 -18.25
N SER E 154 -0.22 7.40 -19.48
CA SER E 154 -1.12 8.29 -20.21
C SER E 154 -2.41 7.54 -20.58
N ASP E 155 -2.27 6.24 -20.83
CA ASP E 155 -3.39 5.38 -21.18
C ASP E 155 -4.17 4.99 -19.92
N VAL E 156 -3.47 5.01 -18.78
CA VAL E 156 -4.06 4.64 -17.50
C VAL E 156 -4.94 5.78 -16.99
N LEU E 157 -4.44 7.01 -17.13
CA LEU E 157 -5.11 8.19 -16.60
C LEU E 157 -6.34 8.55 -17.44
N LYS E 158 -6.33 8.17 -18.72
CA LYS E 158 -7.43 8.44 -19.63
C LYS E 158 -8.30 7.21 -19.82
N LYS E 159 -7.95 6.13 -19.09
CA LYS E 159 -8.68 4.87 -19.08
C LYS E 159 -8.78 4.32 -20.50
N LEU E 160 -7.62 4.25 -21.18
CA LEU E 160 -7.51 3.71 -22.52
C LEU E 160 -6.79 2.36 -22.46
N ALA E 161 -6.15 2.09 -21.32
CA ALA E 161 -5.51 0.81 -21.05
C ALA E 161 -6.57 -0.20 -20.59
N PRO E 162 -6.32 -1.52 -20.72
CA PRO E 162 -7.25 -2.54 -20.20
C PRO E 162 -7.45 -2.40 -18.70
N GLN E 163 -8.67 -2.73 -18.24
CA GLN E 163 -9.06 -2.61 -16.84
C GLN E 163 -8.29 -3.63 -15.99
N VAL E 164 -7.72 -4.64 -16.65
CA VAL E 164 -6.94 -5.67 -15.98
C VAL E 164 -5.58 -5.09 -15.58
N LEU E 165 -5.07 -4.15 -16.39
CA LEU E 165 -3.77 -3.54 -16.15
C LEU E 165 -3.91 -2.35 -15.20
N ILE E 166 -5.03 -1.62 -15.32
CA ILE E 166 -5.28 -0.44 -14.53
C ILE E 166 -5.45 -0.82 -13.07
N ASP E 167 -6.23 -1.87 -12.82
CA ASP E 167 -6.52 -2.35 -11.47
C ASP E 167 -5.26 -2.90 -10.82
N ASP E 168 -4.44 -3.61 -11.62
CA ASP E 168 -3.23 -4.25 -11.13
C ASP E 168 -2.14 -3.21 -10.85
N PHE E 169 -2.27 -2.04 -11.48
CA PHE E 169 -1.32 -0.95 -11.32
C PHE E 169 -1.52 -0.28 -9.97
N PHE E 170 -2.77 0.10 -9.66
CA PHE E 170 -3.10 0.88 -8.49
C PHE E 170 -3.03 0.02 -7.23
N GLU E 171 -2.92 -1.30 -7.41
CA GLU E 171 -2.82 -2.23 -6.29
C GLU E 171 -1.36 -2.49 -5.95
N LYS E 172 -0.51 -2.59 -6.99
CA LYS E 172 0.89 -2.95 -6.84
C LYS E 172 1.67 -1.77 -6.29
N TYR E 173 1.53 -0.61 -6.95
CA TYR E 173 2.29 0.59 -6.59
C TYR E 173 1.55 1.38 -5.53
N ASP E 174 0.29 1.02 -5.28
CA ASP E 174 -0.54 1.60 -4.24
C ASP E 174 -0.63 3.11 -4.43
N LEU E 175 -1.19 3.51 -5.58
CA LEU E 175 -1.31 4.92 -5.95
C LEU E 175 -2.74 5.20 -6.40
N THR E 176 -3.05 6.50 -6.53
CA THR E 176 -4.29 6.96 -7.14
C THR E 176 -3.92 7.80 -8.36
N PRO E 177 -4.88 8.12 -9.27
CA PRO E 177 -4.60 8.98 -10.42
C PRO E 177 -3.87 10.26 -10.06
N HIS E 178 -4.23 10.86 -8.92
CA HIS E 178 -3.63 12.09 -8.44
C HIS E 178 -2.22 11.85 -7.91
N ASP E 179 -1.97 10.64 -7.41
CA ASP E 179 -0.67 10.27 -6.87
C ASP E 179 0.32 10.04 -8.01
N VAL E 180 -0.17 9.50 -9.13
CA VAL E 180 0.61 9.30 -10.33
C VAL E 180 1.01 10.65 -10.88
N MET E 181 0.08 11.61 -10.82
CA MET E 181 0.28 12.98 -11.26
C MET E 181 1.33 13.64 -10.38
N ASP E 182 1.41 13.20 -9.12
CA ASP E 182 2.26 13.83 -8.12
C ASP E 182 3.70 13.34 -8.28
N VAL E 183 3.87 12.09 -8.73
CA VAL E 183 5.18 11.46 -8.83
C VAL E 183 5.93 12.05 -10.03
N VAL E 184 5.22 12.23 -11.14
CA VAL E 184 5.83 12.61 -12.40
C VAL E 184 6.20 14.09 -12.37
N TYR E 185 5.49 14.88 -11.55
CA TYR E 185 5.57 16.33 -11.62
C TYR E 185 6.18 16.92 -10.35
N ASN E 186 5.75 16.45 -9.18
CA ASN E 186 6.09 17.09 -7.92
C ASN E 186 7.13 16.29 -7.13
N ARG E 187 7.54 15.13 -7.68
CA ARG E 187 8.49 14.27 -6.99
C ARG E 187 9.71 14.03 -7.88
N PRO E 188 10.93 13.94 -7.30
CA PRO E 188 12.17 13.83 -8.08
C PRO E 188 12.32 12.49 -8.81
N PHE E 189 13.16 12.51 -9.85
CA PHE E 189 13.42 11.35 -10.71
C PHE E 189 12.11 10.84 -11.32
N PRO E 190 11.44 11.61 -12.20
CA PRO E 190 10.22 11.14 -12.87
C PRO E 190 10.53 10.01 -13.85
N ASN E 191 11.77 10.01 -14.36
CA ASN E 191 12.21 9.10 -15.40
C ASN E 191 12.39 7.69 -14.83
N ARG E 192 12.73 7.60 -13.54
CA ARG E 192 12.92 6.33 -12.86
C ARG E 192 11.60 5.57 -12.80
N PHE E 193 10.52 6.29 -12.45
CA PHE E 193 9.21 5.72 -12.24
C PHE E 193 8.61 5.27 -13.56
N LEU E 194 8.95 5.98 -14.64
CA LEU E 194 8.49 5.64 -15.98
C LEU E 194 9.19 4.37 -16.46
N ALA E 195 10.48 4.24 -16.11
CA ALA E 195 11.29 3.10 -16.48
C ALA E 195 10.91 1.89 -15.63
N GLU E 196 10.23 2.14 -14.51
CA GLU E 196 9.80 1.10 -13.59
C GLU E 196 8.64 0.32 -14.23
N GLN E 197 7.92 0.98 -15.13
CA GLN E 197 6.75 0.40 -15.79
C GLN E 197 7.19 -0.64 -16.82
N SER E 198 8.46 -0.59 -17.21
CA SER E 198 9.03 -1.54 -18.15
C SER E 198 9.13 -2.92 -17.51
N CYS E 199 9.34 -2.94 -16.19
CA CYS E 199 9.43 -4.17 -15.43
C CYS E 199 8.03 -4.73 -15.16
N PHE E 200 7.05 -3.82 -15.08
CA PHE E 200 5.67 -4.15 -14.77
C PHE E 200 4.99 -4.78 -15.99
N LEU E 201 5.30 -4.25 -17.18
CA LEU E 201 4.69 -4.69 -18.42
C LEU E 201 5.34 -5.97 -18.92
N ALA E 202 6.47 -6.34 -18.29
CA ALA E 202 7.22 -7.54 -18.65
C ALA E 202 6.46 -8.79 -18.21
N ASP E 203 5.64 -8.64 -17.16
CA ASP E 203 4.88 -9.74 -16.59
C ASP E 203 3.67 -10.06 -17.47
N TYR E 204 3.10 -9.03 -18.09
CA TYR E 204 1.90 -9.19 -18.91
C TYR E 204 2.28 -9.18 -20.38
N LEU E 205 3.22 -10.06 -20.75
CA LEU E 205 3.76 -10.14 -22.10
C LEU E 205 2.76 -10.84 -23.01
N ARG E 206 1.86 -11.65 -22.40
CA ARG E 206 0.90 -12.45 -23.14
C ARG E 206 -0.24 -11.57 -23.66
N LEU E 207 -0.37 -10.37 -23.09
CA LEU E 207 -1.44 -9.44 -23.43
C LEU E 207 -1.19 -8.86 -24.82
N ASP E 208 -2.27 -8.65 -25.57
CA ASP E 208 -2.22 -8.18 -26.95
C ASP E 208 -1.81 -6.70 -26.99
N TYR E 209 -2.30 -5.93 -26.01
CA TYR E 209 -2.06 -4.51 -25.91
C TYR E 209 -0.58 -4.23 -25.64
N VAL E 210 0.02 -5.04 -24.74
CA VAL E 210 1.37 -4.82 -24.26
C VAL E 210 2.37 -5.04 -25.38
N LYS E 211 2.22 -6.15 -26.12
CA LYS E 211 3.07 -6.45 -27.25
C LYS E 211 2.93 -5.37 -28.32
N GLY E 212 1.71 -4.82 -28.45
CA GLY E 212 1.42 -3.75 -29.37
C GLY E 212 2.04 -2.42 -28.94
N LEU E 213 2.28 -2.29 -27.63
CA LEU E 213 2.85 -1.08 -27.04
C LEU E 213 4.37 -1.14 -27.10
N LEU E 214 4.91 -2.36 -26.91
CA LEU E 214 6.35 -2.59 -26.94
C LEU E 214 6.89 -2.38 -28.35
N LEU E 215 6.18 -2.93 -29.35
CA LEU E 215 6.62 -2.88 -30.73
C LEU E 215 6.53 -1.45 -31.27
N SER E 216 5.51 -0.71 -30.81
CA SER E 216 5.26 0.64 -31.29
C SER E 216 6.38 1.60 -30.87
N ASN E 217 7.07 1.25 -29.78
CA ASN E 217 8.16 2.07 -29.25
C ASN E 217 9.48 1.66 -29.88
N LEU E 218 9.67 0.35 -30.08
CA LEU E 218 10.90 -0.19 -30.65
C LEU E 218 11.05 0.23 -32.11
N ARG E 219 9.91 0.31 -32.82
CA ARG E 219 9.88 0.73 -34.21
C ARG E 219 10.22 2.22 -34.30
N SER E 220 9.75 3.00 -33.32
CA SER E 220 9.94 4.44 -33.28
C SER E 220 11.41 4.78 -33.05
N PHE E 221 12.15 3.85 -32.46
CA PHE E 221 13.57 4.03 -32.20
C PHE E 221 14.37 3.90 -33.49
N PHE E 222 14.02 2.89 -34.31
CA PHE E 222 14.74 2.60 -35.54
C PHE E 222 14.45 3.67 -36.58
N LEU E 223 13.23 4.22 -36.56
CA LEU E 223 12.78 5.20 -37.54
C LEU E 223 13.49 6.53 -37.35
N ARG E 224 13.85 6.83 -36.09
CA ARG E 224 14.27 8.17 -35.72
C ARG E 224 15.77 8.23 -35.43
N ASN E 225 16.33 7.10 -34.98
CA ASN E 225 17.73 7.07 -34.55
C ASN E 225 18.56 6.20 -35.48
N VAL E 226 18.16 4.94 -35.62
CA VAL E 226 18.96 3.91 -36.27
C VAL E 226 19.10 4.21 -37.76
N MET E 227 18.00 4.63 -38.39
CA MET E 227 17.94 4.84 -39.83
C MET E 227 18.58 6.16 -40.22
N GLN E 228 19.64 6.55 -39.49
CA GLN E 228 20.44 7.72 -39.85
C GLN E 228 21.88 7.29 -40.08
N TYR E 229 22.26 6.15 -39.48
CA TYR E 229 23.59 5.58 -39.63
C TYR E 229 23.60 4.63 -40.84
N ASP E 230 24.79 4.17 -41.20
CA ASP E 230 24.94 3.13 -42.22
C ASP E 230 24.68 1.78 -41.58
N TYR E 231 23.40 1.43 -41.45
CA TYR E 231 22.95 0.29 -40.67
C TYR E 231 22.94 -0.99 -41.51
N LEU E 232 23.19 -0.83 -42.82
CA LEU E 232 23.12 -1.95 -43.75
C LEU E 232 24.52 -2.49 -44.03
N ASN E 233 25.55 -1.85 -43.46
CA ASN E 233 26.93 -2.21 -43.74
C ASN E 233 27.75 -2.28 -42.46
N TYR E 234 27.08 -2.15 -41.31
CA TYR E 234 27.73 -2.19 -40.01
C TYR E 234 26.85 -2.91 -38.99
N PRO E 235 27.44 -3.77 -38.12
CA PRO E 235 26.68 -4.49 -37.09
C PRO E 235 26.21 -3.57 -35.97
N ILE E 236 24.98 -3.79 -35.51
CA ILE E 236 24.37 -2.99 -34.45
C ILE E 236 24.33 -3.85 -33.19
N ARG E 237 24.88 -3.30 -32.10
CA ARG E 237 24.96 -4.00 -30.82
C ARG E 237 24.29 -3.15 -29.74
N PHE E 238 23.41 -3.80 -28.97
CA PHE E 238 22.60 -3.12 -27.96
C PHE E 238 23.08 -3.48 -26.56
N VAL E 239 22.94 -2.51 -25.64
CA VAL E 239 23.06 -2.74 -24.21
C VAL E 239 21.87 -2.07 -23.52
N GLY E 240 21.52 -2.58 -22.34
CA GLY E 240 20.43 -2.03 -21.54
C GLY E 240 19.52 -3.12 -20.98
N SER E 241 18.72 -2.74 -19.97
CA SER E 241 17.82 -3.65 -19.30
C SER E 241 16.57 -3.91 -20.15
N VAL E 242 16.17 -2.89 -20.93
CA VAL E 242 15.01 -2.99 -21.80
C VAL E 242 15.38 -3.81 -23.04
N ALA E 243 16.65 -3.72 -23.44
CA ALA E 243 17.17 -4.49 -24.57
C ALA E 243 17.26 -5.96 -24.19
N TYR E 244 17.55 -6.23 -22.92
CA TYR E 244 17.77 -7.57 -22.40
C TYR E 244 16.44 -8.30 -22.22
N ASN E 245 15.48 -7.62 -21.58
CA ASN E 245 14.20 -8.21 -21.21
C ASN E 245 13.34 -8.42 -22.45
N TYR E 246 13.51 -7.57 -23.46
CA TYR E 246 12.72 -7.64 -24.68
C TYR E 246 13.63 -7.96 -25.87
N ALA E 247 14.43 -9.02 -25.72
CA ALA E 247 15.44 -9.40 -26.69
C ALA E 247 14.78 -10.04 -27.91
N ASP E 248 13.69 -10.77 -27.68
CA ASP E 248 12.98 -11.50 -28.72
C ASP E 248 12.20 -10.50 -29.60
N LEU E 249 11.63 -9.48 -28.97
CA LEU E 249 10.82 -8.48 -29.66
C LEU E 249 11.73 -7.51 -30.41
N LEU E 250 12.96 -7.32 -29.90
CA LEU E 250 13.94 -6.43 -30.50
C LEU E 250 14.49 -7.05 -31.78
N HIS E 251 14.68 -8.38 -31.75
CA HIS E 251 15.17 -9.14 -32.89
C HIS E 251 14.12 -9.14 -34.00
N GLN E 252 12.84 -9.04 -33.60
CA GLN E 252 11.71 -9.02 -34.51
C GLN E 252 11.68 -7.69 -35.26
N VAL E 253 11.95 -6.60 -34.54
CA VAL E 253 11.95 -5.26 -35.11
C VAL E 253 13.19 -5.09 -35.99
N GLY E 254 14.26 -5.82 -35.65
CA GLY E 254 15.47 -5.87 -36.47
C GLY E 254 15.21 -6.50 -37.83
N LYS E 255 14.29 -7.47 -37.87
CA LYS E 255 13.90 -8.15 -39.09
C LYS E 255 13.04 -7.23 -39.95
N GLU E 256 12.39 -6.26 -39.30
CA GLU E 256 11.50 -5.32 -39.98
C GLU E 256 12.33 -4.25 -40.69
N PHE E 257 13.56 -4.03 -40.21
CA PHE E 257 14.44 -3.03 -40.80
C PHE E 257 15.63 -3.71 -41.48
N GLY E 258 15.57 -5.05 -41.56
CA GLY E 258 16.51 -5.86 -42.32
C GLY E 258 17.93 -5.80 -41.77
N VAL E 259 18.07 -6.05 -40.46
CA VAL E 259 19.36 -6.09 -39.80
C VAL E 259 19.44 -7.35 -38.94
N GLU E 260 20.68 -7.81 -38.70
CA GLU E 260 20.94 -8.98 -37.88
C GLU E 260 21.49 -8.52 -36.54
N LEU E 261 20.67 -8.66 -35.49
CA LEU E 261 21.04 -8.30 -34.13
C LEU E 261 21.38 -9.57 -33.35
N SER E 262 22.63 -9.68 -32.91
CA SER E 262 23.11 -10.85 -32.21
C SER E 262 23.64 -10.48 -30.82
N VAL E 263 24.45 -9.41 -30.76
CA VAL E 263 25.06 -8.99 -29.52
C VAL E 263 24.10 -8.04 -28.79
N VAL E 264 23.42 -8.57 -27.78
CA VAL E 264 22.53 -7.80 -26.93
C VAL E 264 22.88 -8.10 -25.47
N GLU E 265 23.89 -7.40 -24.96
CA GLU E 265 24.35 -7.53 -23.59
C GLU E 265 23.40 -6.76 -22.67
N GLU E 266 23.39 -7.13 -21.38
CA GLU E 266 22.55 -6.46 -20.40
C GLU E 266 23.20 -5.14 -19.99
N THR E 267 24.43 -5.23 -19.47
CA THR E 267 25.20 -4.06 -19.10
C THR E 267 26.56 -4.11 -19.79
N PRO E 268 27.06 -2.98 -20.35
CA PRO E 268 28.33 -2.98 -21.08
C PRO E 268 29.54 -2.92 -20.17
N MET E 269 29.34 -3.24 -18.89
CA MET E 269 30.36 -3.13 -17.87
C MET E 269 31.42 -4.21 -18.07
N GLY E 270 30.98 -5.40 -18.49
CA GLY E 270 31.85 -6.54 -18.71
C GLY E 270 32.96 -6.24 -19.72
N GLY E 271 32.63 -5.42 -20.73
CA GLY E 271 33.58 -5.04 -21.77
C GLY E 271 34.52 -3.92 -21.31
N LEU E 272 34.01 -3.04 -20.44
CA LEU E 272 34.74 -1.88 -19.96
C LEU E 272 35.93 -2.32 -19.11
N ILE E 273 35.75 -3.41 -18.36
CA ILE E 273 36.78 -3.96 -17.48
C ILE E 273 37.97 -4.42 -18.33
N LYS E 274 37.67 -5.09 -19.45
CA LYS E 274 38.69 -5.57 -20.36
C LYS E 274 39.32 -4.41 -21.12
N TYR E 275 38.53 -3.34 -21.33
CA TYR E 275 38.98 -2.16 -22.06
C TYR E 275 40.03 -1.41 -21.24
N HIS E 276 39.73 -1.21 -19.95
CA HIS E 276 40.58 -0.43 -19.06
C HIS E 276 41.65 -1.34 -18.43
N ALA E 277 42.37 -2.05 -19.30
CA ALA E 277 43.52 -2.87 -18.91
C ALA E 277 44.72 -2.49 -19.78
N PHE E 278 44.48 -1.59 -20.74
CA PHE E 278 45.51 -1.10 -21.64
C PHE E 278 46.08 0.21 -21.08
N ALA F 2 33.70 -28.15 -11.22
CA ALA F 2 33.92 -26.96 -10.37
C ALA F 2 32.82 -26.87 -9.31
N LYS F 3 33.21 -26.40 -8.12
CA LYS F 3 32.27 -26.19 -7.02
C LYS F 3 32.31 -24.73 -6.60
N LEU F 4 31.11 -24.17 -6.34
CA LEU F 4 30.98 -22.75 -6.00
C LEU F 4 30.54 -22.62 -4.55
N ILE F 5 31.39 -21.97 -3.74
CA ILE F 5 31.12 -21.70 -2.34
C ILE F 5 30.86 -20.22 -2.17
N ALA F 6 29.72 -19.87 -1.57
CA ALA F 6 29.35 -18.48 -1.35
C ALA F 6 29.02 -18.25 0.12
N GLU F 7 29.84 -17.41 0.76
CA GLU F 7 29.66 -17.05 2.16
C GLU F 7 29.16 -15.60 2.21
N SER F 8 27.95 -15.43 2.76
CA SER F 8 27.28 -14.14 2.77
C SER F 8 26.96 -13.70 4.20
N GLY F 9 27.30 -12.43 4.50
CA GLY F 9 26.82 -11.77 5.70
C GLY F 9 25.47 -11.12 5.42
N SER F 10 25.44 -9.79 5.48
CA SER F 10 24.25 -9.03 5.15
C SER F 10 24.61 -7.82 4.28
N THR F 11 25.88 -7.39 4.39
CA THR F 11 26.40 -6.26 3.64
C THR F 11 27.18 -6.75 2.43
N LYS F 12 27.81 -7.93 2.57
CA LYS F 12 28.80 -8.39 1.61
C LYS F 12 28.70 -9.91 1.46
N THR F 13 28.78 -10.37 0.21
CA THR F 13 28.79 -11.79 -0.12
C THR F 13 30.10 -12.13 -0.84
N GLU F 14 30.80 -13.15 -0.33
CA GLU F 14 32.07 -13.58 -0.89
C GLU F 14 31.83 -14.87 -1.69
N TRP F 15 32.12 -14.81 -2.99
CA TRP F 15 31.97 -15.95 -3.88
C TRP F 15 33.34 -16.58 -4.15
N SER F 16 33.41 -17.91 -4.02
CA SER F 16 34.64 -18.65 -4.27
C SER F 16 34.36 -19.80 -5.23
N LEU F 17 34.98 -19.74 -6.41
CA LEU F 17 34.92 -20.80 -7.39
C LEU F 17 36.16 -21.68 -7.22
N VAL F 18 35.94 -22.92 -6.77
CA VAL F 18 37.03 -23.78 -6.36
C VAL F 18 36.89 -25.16 -7.01
N GLU F 19 38.05 -25.80 -7.23
CA GLU F 19 38.13 -27.22 -7.57
C GLU F 19 39.06 -27.90 -6.58
N GLY F 20 38.49 -28.80 -5.77
CA GLY F 20 39.24 -29.49 -4.72
C GLY F 20 39.55 -28.55 -3.56
N GLU F 21 40.63 -27.77 -3.71
CA GLU F 21 41.05 -26.80 -2.71
C GLU F 21 41.64 -25.58 -3.40
N HIS F 22 41.97 -25.73 -4.68
CA HIS F 22 42.54 -24.65 -5.47
C HIS F 22 41.46 -23.63 -5.84
N LEU F 23 41.77 -22.35 -5.64
CA LEU F 23 40.87 -21.26 -5.96
C LEU F 23 41.07 -20.84 -7.41
N ILE F 24 39.96 -20.66 -8.13
CA ILE F 24 39.99 -20.26 -9.53
C ILE F 24 39.77 -18.75 -9.62
N GLN F 25 38.67 -18.26 -9.04
CA GLN F 25 38.35 -16.85 -9.02
C GLN F 25 37.49 -16.54 -7.80
N ARG F 26 37.69 -15.35 -7.23
CA ARG F 26 36.95 -14.90 -6.06
C ARG F 26 36.46 -13.48 -6.27
N VAL F 27 35.14 -13.29 -6.10
CA VAL F 27 34.46 -12.03 -6.35
C VAL F 27 33.54 -11.72 -5.17
N PHE F 28 33.49 -10.44 -4.77
CA PHE F 28 32.57 -9.96 -3.76
C PHE F 28 31.40 -9.24 -4.44
N THR F 29 30.20 -9.41 -3.88
CA THR F 29 29.00 -8.71 -4.35
C THR F 29 28.21 -8.19 -3.16
N GLU F 30 26.95 -7.82 -3.41
CA GLU F 30 26.03 -7.33 -2.38
C GLU F 30 25.68 -8.47 -1.42
N GLY F 31 25.39 -8.10 -0.17
CA GLY F 31 24.96 -9.04 0.85
C GLY F 31 23.56 -9.57 0.56
N LEU F 32 23.45 -10.91 0.52
CA LEU F 32 22.19 -11.57 0.17
C LEU F 32 21.51 -12.07 1.45
N ASN F 33 20.32 -11.49 1.72
CA ASN F 33 19.56 -11.80 2.91
C ASN F 33 18.07 -11.78 2.55
N PRO F 34 17.36 -12.94 2.64
CA PRO F 34 15.97 -13.02 2.21
C PRO F 34 14.96 -12.29 3.10
N PHE F 35 15.47 -11.67 4.19
CA PHE F 35 14.64 -10.85 5.07
C PHE F 35 14.55 -9.42 4.53
N PHE F 36 15.49 -9.07 3.64
CA PHE F 36 15.62 -7.71 3.16
C PHE F 36 15.47 -7.65 1.64
N GLN F 37 15.38 -8.83 1.01
CA GLN F 37 15.31 -8.93 -0.44
C GLN F 37 14.28 -9.99 -0.82
N THR F 38 13.48 -9.67 -1.85
CA THR F 38 12.54 -10.61 -2.44
C THR F 38 13.29 -11.59 -3.32
N ARG F 39 12.61 -12.67 -3.75
CA ARG F 39 13.24 -13.73 -4.52
C ARG F 39 13.68 -13.21 -5.88
N ARG F 40 12.99 -12.17 -6.37
CA ARG F 40 13.27 -11.54 -7.65
C ARG F 40 14.57 -10.74 -7.55
N GLU F 41 14.76 -10.06 -6.41
CA GLU F 41 15.87 -9.16 -6.18
C GLU F 41 17.16 -9.95 -5.96
N ILE F 42 17.04 -11.13 -5.36
CA ILE F 42 18.18 -11.99 -5.09
C ILE F 42 18.70 -12.56 -6.41
N SER F 43 17.78 -13.01 -7.26
CA SER F 43 18.10 -13.56 -8.58
C SER F 43 18.79 -12.50 -9.44
N ARG F 44 18.32 -11.26 -9.32
CA ARG F 44 18.77 -10.16 -10.15
C ARG F 44 20.15 -9.68 -9.68
N SER F 45 20.40 -9.80 -8.38
CA SER F 45 21.66 -9.37 -7.78
C SER F 45 22.79 -10.31 -8.17
N ILE F 46 22.47 -11.60 -8.31
CA ILE F 46 23.45 -12.63 -8.63
C ILE F 46 23.80 -12.54 -10.12
N ARG F 47 22.78 -12.26 -10.95
CA ARG F 47 22.94 -12.20 -12.40
C ARG F 47 23.81 -11.00 -12.77
N LEU F 48 23.60 -9.88 -12.07
CA LEU F 48 24.27 -8.63 -12.38
C LEU F 48 25.61 -8.54 -11.68
N GLY F 49 25.68 -9.09 -10.46
CA GLY F 49 26.85 -8.98 -9.60
C GLY F 49 28.03 -9.80 -10.10
N LEU F 50 27.75 -11.06 -10.46
CA LEU F 50 28.79 -12.02 -10.83
C LEU F 50 29.18 -11.85 -12.30
N PRO F 51 30.46 -12.06 -12.66
CA PRO F 51 30.89 -12.07 -14.07
C PRO F 51 30.37 -13.29 -14.83
N ASP F 52 30.69 -13.32 -16.14
CA ASP F 52 30.25 -14.39 -17.03
C ASP F 52 31.06 -15.66 -16.77
N SER F 53 32.11 -15.53 -15.96
CA SER F 53 33.04 -16.61 -15.67
C SER F 53 32.41 -17.63 -14.72
N PHE F 54 31.31 -17.24 -14.08
CA PHE F 54 30.67 -18.06 -13.05
C PHE F 54 29.50 -18.84 -13.64
N PHE F 55 28.93 -18.32 -14.74
CA PHE F 55 27.71 -18.87 -15.30
C PHE F 55 28.03 -19.91 -16.38
N LYS F 56 29.16 -19.72 -17.07
CA LYS F 56 29.55 -20.56 -18.19
C LYS F 56 30.25 -21.82 -17.67
N ARG F 57 30.79 -21.74 -16.45
CA ARG F 57 31.50 -22.85 -15.82
C ARG F 57 30.49 -23.85 -15.28
N LYS F 58 30.73 -25.14 -15.54
CA LYS F 58 29.89 -26.22 -15.08
C LYS F 58 30.12 -26.45 -13.59
N LEU F 59 29.02 -26.42 -12.82
CA LEU F 59 29.07 -26.56 -11.37
C LEU F 59 28.38 -27.85 -10.96
N GLU F 60 28.94 -28.50 -9.92
CA GLU F 60 28.37 -29.72 -9.37
C GLU F 60 27.35 -29.37 -8.30
N GLN F 61 27.83 -28.79 -7.18
CA GLN F 61 26.95 -28.28 -6.14
C GLN F 61 27.28 -26.82 -5.86
N VAL F 62 26.29 -26.08 -5.35
CA VAL F 62 26.47 -24.72 -4.88
C VAL F 62 26.22 -24.72 -3.36
N PHE F 63 27.26 -24.39 -2.60
CA PHE F 63 27.16 -24.31 -1.14
C PHE F 63 27.09 -22.84 -0.72
N PHE F 64 25.87 -22.39 -0.41
CA PHE F 64 25.61 -21.01 -0.05
C PHE F 64 25.30 -20.91 1.44
N TYR F 65 26.14 -20.16 2.15
CA TYR F 65 25.97 -19.91 3.57
C TYR F 65 25.71 -18.42 3.78
N GLY F 66 24.44 -18.06 3.95
CA GLY F 66 24.04 -16.66 4.08
C GLY F 66 23.17 -16.42 5.32
N ALA F 67 23.28 -15.21 5.87
CA ALA F 67 22.46 -14.78 6.99
C ALA F 67 21.03 -14.54 6.51
N GLY F 68 20.07 -14.82 7.40
CA GLY F 68 18.66 -14.65 7.09
C GLY F 68 17.99 -15.94 6.64
N CYS F 69 18.80 -17.00 6.50
CA CYS F 69 18.31 -18.29 6.07
C CYS F 69 17.91 -19.13 7.29
N THR F 70 16.73 -18.80 7.84
CA THR F 70 16.26 -19.40 9.08
C THR F 70 15.24 -20.51 8.77
N SER F 71 14.06 -20.10 8.30
CA SER F 71 12.94 -21.01 8.09
C SER F 71 13.11 -21.77 6.78
N ALA F 72 12.21 -22.74 6.55
CA ALA F 72 12.19 -23.53 5.33
C ALA F 72 11.86 -22.64 4.14
N GLU F 73 11.11 -21.56 4.40
CA GLU F 73 10.71 -20.61 3.39
C GLU F 73 11.92 -19.80 2.93
N LYS F 74 12.64 -19.21 3.90
CA LYS F 74 13.74 -18.30 3.64
C LYS F 74 14.89 -19.02 2.94
N LYS F 75 15.09 -20.30 3.29
CA LYS F 75 16.09 -21.14 2.64
C LYS F 75 15.68 -21.40 1.20
N SER F 76 14.37 -21.51 0.96
CA SER F 76 13.83 -21.88 -0.34
C SER F 76 13.82 -20.71 -1.30
N VAL F 77 13.93 -19.49 -0.74
CA VAL F 77 13.97 -18.27 -1.54
C VAL F 77 15.34 -18.16 -2.21
N VAL F 78 16.40 -18.40 -1.42
CA VAL F 78 17.77 -18.33 -1.89
C VAL F 78 18.02 -19.49 -2.86
N GLU F 79 17.49 -20.67 -2.52
CA GLU F 79 17.72 -21.89 -3.26
C GLU F 79 17.15 -21.76 -4.68
N ALA F 80 15.92 -21.21 -4.77
CA ALA F 80 15.22 -21.06 -6.04
C ALA F 80 15.96 -20.09 -6.95
N SER F 81 16.66 -19.13 -6.35
CA SER F 81 17.45 -18.14 -7.07
C SER F 81 18.69 -18.79 -7.67
N LEU F 82 19.33 -19.66 -6.89
CA LEU F 82 20.58 -20.31 -7.29
C LEU F 82 20.30 -21.38 -8.34
N VAL F 83 19.12 -22.00 -8.27
CA VAL F 83 18.72 -23.05 -9.18
C VAL F 83 18.40 -22.44 -10.55
N ALA F 84 17.81 -21.24 -10.53
CA ALA F 84 17.35 -20.57 -11.75
C ALA F 84 18.53 -19.98 -12.52
N GLN F 85 19.63 -19.70 -11.80
CA GLN F 85 20.77 -18.99 -12.38
C GLN F 85 21.86 -19.97 -12.80
N PHE F 86 22.12 -20.99 -11.97
CA PHE F 86 23.27 -21.86 -12.14
C PHE F 86 22.85 -23.19 -12.76
N LYS F 87 21.55 -23.51 -12.69
CA LYS F 87 21.00 -24.75 -13.22
C LYS F 87 21.69 -25.96 -12.61
N THR F 88 21.97 -25.88 -11.30
CA THR F 88 22.64 -26.93 -10.57
C THR F 88 22.12 -26.95 -9.12
N PRO F 89 21.93 -28.17 -8.53
CA PRO F 89 21.48 -28.27 -7.13
C PRO F 89 22.28 -27.39 -6.18
N ALA F 90 21.56 -26.66 -5.32
CA ALA F 90 22.16 -25.71 -4.39
C ALA F 90 21.72 -26.03 -2.97
N TYR F 91 22.68 -25.96 -2.04
CA TYR F 91 22.44 -26.22 -0.64
C TYR F 91 22.58 -24.93 0.15
N VAL F 92 21.47 -24.50 0.77
CA VAL F 92 21.38 -23.21 1.43
C VAL F 92 21.26 -23.41 2.93
N GLU F 93 22.30 -23.00 3.66
CA GLU F 93 22.29 -22.95 5.12
C GLU F 93 22.70 -21.55 5.58
N SER F 94 22.78 -21.37 6.90
CA SER F 94 23.13 -20.09 7.49
C SER F 94 24.65 -19.88 7.45
N ASP F 95 25.07 -18.63 7.67
CA ASP F 95 26.47 -18.26 7.72
C ASP F 95 27.08 -18.74 9.04
N LEU F 96 26.22 -19.10 9.99
CA LEU F 96 26.64 -19.62 11.29
C LEU F 96 27.27 -20.99 11.13
N LEU F 97 26.74 -21.77 10.18
CA LEU F 97 27.24 -23.10 9.89
C LEU F 97 28.58 -23.00 9.16
N ALA F 98 28.75 -21.91 8.38
CA ALA F 98 29.98 -21.61 7.69
C ALA F 98 31.07 -21.25 8.70
N ALA F 99 30.66 -20.57 9.78
CA ALA F 99 31.56 -20.17 10.85
C ALA F 99 31.99 -21.39 11.67
N ALA F 100 31.08 -22.39 11.75
CA ALA F 100 31.32 -23.60 12.51
C ALA F 100 32.29 -24.51 11.75
N ARG F 101 32.03 -24.68 10.44
CA ARG F 101 32.84 -25.53 9.58
C ARG F 101 34.22 -24.91 9.39
N GLY F 102 34.25 -23.57 9.23
CA GLY F 102 35.45 -22.85 8.86
C GLY F 102 36.48 -22.76 9.98
N LEU F 103 36.00 -22.80 11.23
CA LEU F 103 36.85 -22.55 12.39
C LEU F 103 37.29 -23.86 13.04
N PHE F 104 36.39 -24.85 13.06
CA PHE F 104 36.61 -26.05 13.85
C PHE F 104 36.82 -27.29 12.96
N GLN F 105 36.32 -27.22 11.72
CA GLN F 105 36.42 -28.31 10.75
C GLN F 105 35.61 -29.50 11.25
N HIS F 106 36.26 -30.41 11.98
CA HIS F 106 35.63 -31.65 12.43
C HIS F 106 35.95 -31.91 13.91
N ASP F 107 35.88 -30.87 14.74
CA ASP F 107 36.01 -30.99 16.18
C ASP F 107 35.09 -30.01 16.87
N SER F 108 35.06 -30.07 18.21
CA SER F 108 34.07 -29.37 19.01
C SER F 108 34.55 -27.98 19.42
N GLY F 109 33.60 -27.13 19.83
CA GLY F 109 33.87 -25.78 20.28
C GLY F 109 32.70 -24.83 20.00
N ILE F 110 32.89 -23.55 20.33
CA ILE F 110 31.87 -22.53 20.11
C ILE F 110 32.35 -21.59 19.00
N ALA F 111 31.57 -21.51 17.92
CA ALA F 111 31.85 -20.62 16.81
C ALA F 111 30.92 -19.41 16.89
N CYS F 112 31.50 -18.21 16.81
CA CYS F 112 30.75 -16.97 16.94
C CYS F 112 31.02 -16.07 15.73
N ILE F 113 30.01 -15.27 15.37
CA ILE F 113 30.11 -14.29 14.31
C ILE F 113 29.93 -12.89 14.91
N LEU F 114 30.83 -11.97 14.55
CA LEU F 114 30.70 -10.56 14.86
C LEU F 114 30.97 -9.75 13.59
N GLY F 115 29.94 -9.63 12.74
CA GLY F 115 30.02 -8.85 11.52
C GLY F 115 28.91 -7.80 11.48
N THR F 116 28.07 -7.87 10.45
CA THR F 116 26.89 -7.03 10.33
C THR F 116 25.90 -7.42 11.43
N GLY F 117 25.73 -8.73 11.62
CA GLY F 117 24.99 -9.28 12.73
C GLY F 117 25.90 -10.09 13.65
N SER F 118 25.29 -10.77 14.63
CA SER F 118 26.03 -11.64 15.53
C SER F 118 25.25 -12.93 15.78
N ASN F 119 25.99 -14.04 15.90
CA ASN F 119 25.42 -15.35 16.12
C ASN F 119 26.45 -16.24 16.79
N SER F 120 25.98 -17.26 17.52
CA SER F 120 26.83 -18.20 18.22
C SER F 120 26.20 -19.59 18.19
N CYS F 121 27.05 -20.63 18.21
CA CYS F 121 26.57 -22.01 18.17
C CYS F 121 27.57 -22.94 18.86
N PHE F 122 27.07 -24.10 19.30
CA PHE F 122 27.91 -25.18 19.81
C PHE F 122 28.04 -26.25 18.73
N TYR F 123 29.26 -26.40 18.22
CA TYR F 123 29.58 -27.35 17.16
C TYR F 123 30.22 -28.59 17.79
N ASP F 124 29.75 -29.77 17.39
CA ASP F 124 30.24 -31.01 17.95
C ASP F 124 31.26 -31.65 17.00
N GLY F 125 31.26 -31.18 15.75
CA GLY F 125 32.19 -31.66 14.74
C GLY F 125 31.48 -32.01 13.42
N HIS F 126 30.15 -31.97 13.44
CA HIS F 126 29.35 -32.33 12.28
C HIS F 126 28.16 -31.37 12.13
N VAL F 127 27.37 -31.22 13.21
CA VAL F 127 26.16 -30.42 13.18
C VAL F 127 26.14 -29.45 14.35
N ILE F 128 25.24 -28.46 14.27
CA ILE F 128 25.00 -27.52 15.35
C ILE F 128 24.09 -28.20 16.38
N VAL F 129 24.59 -28.35 17.61
CA VAL F 129 23.85 -29.01 18.68
C VAL F 129 23.02 -27.96 19.42
N LYS F 130 23.70 -26.90 19.89
CA LYS F 130 23.07 -25.84 20.64
C LYS F 130 23.28 -24.52 19.90
N ASN F 131 22.22 -23.71 19.84
CA ASN F 131 22.25 -22.45 19.12
C ASN F 131 21.34 -21.42 19.81
N VAL F 132 21.94 -20.30 20.21
CA VAL F 132 21.20 -19.14 20.68
C VAL F 132 20.77 -18.34 19.45
N ARG F 133 19.47 -18.05 19.36
CA ARG F 133 18.89 -17.42 18.19
C ARG F 133 19.43 -16.00 18.05
N ALA F 134 19.83 -15.64 16.83
CA ALA F 134 20.48 -14.38 16.54
C ALA F 134 19.52 -13.22 16.77
N GLY F 135 18.31 -13.32 16.20
CA GLY F 135 17.24 -12.37 16.46
C GLY F 135 17.14 -11.28 15.40
N GLY F 136 18.25 -11.01 14.69
CA GLY F 136 18.30 -9.94 13.72
C GLY F 136 18.79 -8.64 14.35
N TYR F 137 18.89 -7.58 13.52
CA TYR F 137 19.52 -6.34 13.93
C TYR F 137 18.66 -5.56 14.93
N ILE F 138 17.34 -5.83 14.93
CA ILE F 138 16.42 -5.15 15.81
C ILE F 138 16.31 -5.91 17.14
N LEU F 139 16.08 -7.23 17.05
CA LEU F 139 15.71 -8.03 18.21
C LEU F 139 16.93 -8.73 18.80
N GLY F 140 18.13 -8.33 18.38
CA GLY F 140 19.35 -8.93 18.92
C GLY F 140 20.61 -8.37 18.26
N ASP F 141 21.50 -9.29 17.88
CA ASP F 141 22.78 -8.98 17.24
C ASP F 141 23.62 -8.09 18.16
N GLU F 142 23.93 -8.59 19.35
CA GLU F 142 24.72 -7.85 20.32
C GLU F 142 26.20 -7.90 19.90
N GLY F 143 26.88 -6.76 20.07
CA GLY F 143 28.31 -6.66 19.80
C GLY F 143 28.63 -6.65 18.31
N SER F 144 27.59 -6.58 17.48
CA SER F 144 27.74 -6.52 16.03
C SER F 144 27.91 -5.06 15.60
N GLY F 145 28.14 -4.88 14.28
CA GLY F 145 28.26 -3.55 13.70
C GLY F 145 26.96 -2.78 13.78
N ALA F 146 25.84 -3.49 13.57
CA ALA F 146 24.51 -2.89 13.58
C ALA F 146 24.13 -2.45 14.98
N ALA F 147 24.65 -3.16 15.99
CA ALA F 147 24.39 -2.85 17.39
C ALA F 147 25.16 -1.58 17.79
N LEU F 148 26.35 -1.41 17.23
CA LEU F 148 27.18 -0.24 17.46
C LEU F 148 26.52 0.98 16.82
N GLY F 149 26.13 0.84 15.55
CA GLY F 149 25.53 1.92 14.78
C GLY F 149 24.18 2.34 15.34
N LYS F 150 23.40 1.36 15.81
CA LYS F 150 22.06 1.61 16.34
C LYS F 150 22.16 2.43 17.62
N GLN F 151 23.18 2.14 18.44
CA GLN F 151 23.38 2.81 19.70
C GLN F 151 24.00 4.19 19.46
N PHE F 152 24.95 4.25 18.51
CA PHE F 152 25.66 5.48 18.18
C PHE F 152 24.70 6.50 17.58
N LEU F 153 23.98 6.09 16.52
CA LEU F 153 23.05 6.97 15.82
C LEU F 153 21.94 7.40 16.77
N SER F 154 21.65 6.57 17.77
CA SER F 154 20.70 6.90 18.82
C SER F 154 21.23 8.07 19.64
N ASP F 155 22.52 7.99 20.02
CA ASP F 155 23.17 9.00 20.83
C ASP F 155 23.35 10.30 20.04
N VAL F 156 23.47 10.17 18.71
CA VAL F 156 23.68 11.30 17.82
C VAL F 156 22.41 12.15 17.78
N LEU F 157 21.25 11.49 17.69
CA LEU F 157 19.97 12.16 17.60
C LEU F 157 19.58 12.74 18.96
N LYS F 158 19.90 12.00 20.02
CA LYS F 158 19.57 12.39 21.39
C LYS F 158 20.58 13.41 21.91
N LYS F 159 21.65 13.63 21.13
CA LYS F 159 22.72 14.57 21.45
C LYS F 159 23.40 14.16 22.75
N LEU F 160 23.62 12.85 22.89
CA LEU F 160 24.28 12.27 24.05
C LEU F 160 25.65 11.73 23.65
N ALA F 161 26.00 11.91 22.38
CA ALA F 161 27.31 11.53 21.84
C ALA F 161 28.22 12.75 21.83
N PRO F 162 29.56 12.57 21.91
CA PRO F 162 30.51 13.69 21.81
C PRO F 162 30.28 14.51 20.53
N GLN F 163 30.41 15.84 20.67
CA GLN F 163 30.16 16.78 19.59
C GLN F 163 31.11 16.52 18.42
N VAL F 164 32.34 16.10 18.75
CA VAL F 164 33.36 15.82 17.76
C VAL F 164 32.89 14.70 16.83
N LEU F 165 32.20 13.70 17.41
CA LEU F 165 31.69 12.56 16.65
C LEU F 165 30.44 12.97 15.87
N ILE F 166 29.60 13.81 16.48
CA ILE F 166 28.37 14.27 15.84
C ILE F 166 28.73 15.07 14.59
N ASP F 167 29.66 16.02 14.74
CA ASP F 167 30.08 16.89 13.66
C ASP F 167 30.69 16.08 12.53
N ASP F 168 31.54 15.12 12.89
CA ASP F 168 32.30 14.32 11.92
C ASP F 168 31.37 13.36 11.18
N PHE F 169 30.29 12.92 11.84
CA PHE F 169 29.34 11.99 11.24
C PHE F 169 28.55 12.68 10.14
N PHE F 170 28.00 13.86 10.46
CA PHE F 170 27.15 14.59 9.53
C PHE F 170 27.97 15.15 8.37
N GLU F 171 29.26 15.40 8.63
CA GLU F 171 30.15 15.98 7.65
C GLU F 171 30.57 14.91 6.64
N LYS F 172 30.66 13.66 7.11
CA LYS F 172 31.16 12.56 6.30
C LYS F 172 30.10 12.13 5.29
N TYR F 173 28.85 12.00 5.75
CA TYR F 173 27.77 11.48 4.95
C TYR F 173 26.96 12.62 4.33
N ASP F 174 27.20 13.84 4.82
CA ASP F 174 26.50 15.04 4.39
C ASP F 174 25.00 14.87 4.65
N LEU F 175 24.68 14.42 5.88
CA LEU F 175 23.31 14.12 6.27
C LEU F 175 22.84 15.14 7.30
N THR F 176 21.52 15.16 7.51
CA THR F 176 20.88 15.93 8.59
C THR F 176 20.16 14.94 9.51
N PRO F 177 19.78 15.34 10.74
CA PRO F 177 19.00 14.48 11.63
C PRO F 177 17.77 13.86 10.96
N HIS F 178 17.11 14.62 10.09
CA HIS F 178 15.95 14.18 9.34
C HIS F 178 16.34 13.12 8.32
N ASP F 179 17.53 13.28 7.72
CA ASP F 179 18.02 12.37 6.70
C ASP F 179 18.37 11.02 7.31
N VAL F 180 18.96 11.05 8.51
CA VAL F 180 19.33 9.84 9.24
C VAL F 180 18.08 9.01 9.49
N MET F 181 16.98 9.72 9.82
CA MET F 181 15.69 9.12 10.09
C MET F 181 15.15 8.47 8.81
N ASP F 182 15.45 9.10 7.67
CA ASP F 182 14.96 8.66 6.37
C ASP F 182 15.73 7.43 5.89
N VAL F 183 17.02 7.36 6.23
CA VAL F 183 17.90 6.31 5.76
C VAL F 183 17.59 5.00 6.50
N VAL F 184 17.22 5.12 7.78
CA VAL F 184 17.02 3.98 8.65
C VAL F 184 15.61 3.41 8.44
N TYR F 185 14.65 4.29 8.15
CA TYR F 185 13.24 3.92 8.20
C TYR F 185 12.62 3.82 6.80
N ASN F 186 13.16 4.58 5.84
CA ASN F 186 12.50 4.72 4.55
C ASN F 186 13.40 4.27 3.41
N ARG F 187 14.67 3.97 3.71
CA ARG F 187 15.61 3.49 2.70
C ARG F 187 15.95 2.02 2.94
N PRO F 188 16.14 1.23 1.86
CA PRO F 188 16.42 -0.21 2.00
C PRO F 188 17.79 -0.50 2.60
N PHE F 189 17.91 -1.71 3.18
CA PHE F 189 19.13 -2.18 3.82
C PHE F 189 19.56 -1.24 4.94
N PRO F 190 18.72 -0.98 5.97
CA PRO F 190 19.09 -0.11 7.08
C PRO F 190 20.16 -0.76 7.96
N ASN F 191 20.20 -2.10 7.95
CA ASN F 191 21.12 -2.88 8.76
C ASN F 191 22.54 -2.74 8.20
N ARG F 192 22.63 -2.44 6.89
CA ARG F 192 23.91 -2.21 6.25
C ARG F 192 24.51 -0.90 6.74
N PHE F 193 23.65 0.14 6.82
CA PHE F 193 24.08 1.49 7.15
C PHE F 193 24.47 1.58 8.63
N LEU F 194 23.76 0.82 9.48
CA LEU F 194 24.05 0.79 10.90
C LEU F 194 25.40 0.13 11.13
N ALA F 195 25.67 -0.95 10.38
CA ALA F 195 26.91 -1.71 10.48
C ALA F 195 28.07 -0.94 9.87
N GLU F 196 27.73 0.03 9.01
CA GLU F 196 28.71 0.84 8.30
C GLU F 196 29.42 1.77 9.27
N GLN F 197 28.77 2.02 10.42
CA GLN F 197 29.24 2.97 11.41
C GLN F 197 30.38 2.36 12.24
N SER F 198 30.56 1.04 12.10
CA SER F 198 31.63 0.32 12.77
C SER F 198 32.99 0.79 12.24
N CYS F 199 33.05 1.03 10.92
CA CYS F 199 34.27 1.48 10.26
C CYS F 199 34.54 2.94 10.58
N PHE F 200 33.47 3.68 10.91
CA PHE F 200 33.56 5.09 11.25
C PHE F 200 34.22 5.24 12.62
N LEU F 201 33.68 4.52 13.61
CA LEU F 201 34.06 4.67 15.01
C LEU F 201 35.44 4.05 15.27
N ALA F 202 35.96 3.32 14.27
CA ALA F 202 37.21 2.60 14.39
C ALA F 202 38.39 3.56 14.46
N ASP F 203 38.19 4.79 13.98
CA ASP F 203 39.25 5.80 13.93
C ASP F 203 39.32 6.55 15.26
N TYR F 204 38.22 6.55 16.01
CA TYR F 204 38.09 7.36 17.21
C TYR F 204 38.21 6.50 18.46
N LEU F 205 39.05 5.46 18.38
CA LEU F 205 39.24 4.52 19.47
C LEU F 205 39.98 5.18 20.64
N ARG F 206 40.47 6.40 20.41
CA ARG F 206 41.18 7.17 21.42
C ARG F 206 40.19 7.69 22.46
N LEU F 207 38.92 7.85 22.06
CA LEU F 207 37.88 8.38 22.91
C LEU F 207 37.37 7.30 23.86
N ASP F 208 37.06 7.70 25.10
CA ASP F 208 36.58 6.81 26.14
C ASP F 208 35.13 6.43 25.88
N TYR F 209 34.41 7.29 25.15
CA TYR F 209 33.04 7.03 24.75
C TYR F 209 33.00 5.81 23.84
N VAL F 210 33.91 5.77 22.86
CA VAL F 210 33.96 4.75 21.83
C VAL F 210 34.38 3.42 22.45
N LYS F 211 35.41 3.46 23.31
CA LYS F 211 35.85 2.28 24.05
C LYS F 211 34.70 1.78 24.92
N GLY F 212 34.00 2.72 25.58
CA GLY F 212 32.89 2.42 26.45
C GLY F 212 31.70 1.82 25.69
N LEU F 213 31.58 2.20 24.41
CA LEU F 213 30.50 1.75 23.55
C LEU F 213 30.79 0.33 23.07
N LEU F 214 32.03 0.10 22.63
CA LEU F 214 32.48 -1.18 22.12
C LEU F 214 32.40 -2.25 23.22
N LEU F 215 33.06 -1.97 24.35
CA LEU F 215 33.16 -2.91 25.46
C LEU F 215 31.76 -3.30 25.93
N SER F 216 30.85 -2.31 25.99
CA SER F 216 29.50 -2.51 26.47
C SER F 216 28.72 -3.47 25.58
N ASN F 217 28.97 -3.38 24.26
CA ASN F 217 28.30 -4.21 23.27
C ASN F 217 28.88 -5.63 23.30
N LEU F 218 30.20 -5.73 23.41
CA LEU F 218 30.91 -7.01 23.39
C LEU F 218 30.56 -7.81 24.65
N ARG F 219 30.45 -7.12 25.78
CA ARG F 219 30.10 -7.75 27.05
C ARG F 219 28.66 -8.26 26.99
N SER F 220 27.79 -7.49 26.31
CA SER F 220 26.38 -7.82 26.18
C SER F 220 26.19 -9.07 25.33
N PHE F 221 27.13 -9.31 24.41
CA PHE F 221 27.11 -10.48 23.54
C PHE F 221 27.43 -11.74 24.37
N PHE F 222 28.48 -11.65 25.19
CA PHE F 222 28.94 -12.78 25.98
C PHE F 222 27.89 -13.20 27.01
N LEU F 223 27.21 -12.20 27.60
CA LEU F 223 26.22 -12.43 28.64
C LEU F 223 25.02 -13.18 28.07
N ARG F 224 24.57 -12.75 26.88
CA ARG F 224 23.28 -13.16 26.34
C ARG F 224 23.43 -14.35 25.41
N ASN F 225 24.64 -14.60 24.91
CA ASN F 225 24.85 -15.64 23.91
C ASN F 225 25.87 -16.67 24.41
N VAL F 226 27.08 -16.21 24.73
CA VAL F 226 28.22 -17.09 24.98
C VAL F 226 28.02 -17.85 26.28
N MET F 227 27.46 -17.18 27.30
CA MET F 227 27.39 -17.71 28.65
C MET F 227 26.27 -18.75 28.78
N GLN F 228 25.59 -19.04 27.66
CA GLN F 228 24.56 -20.07 27.64
C GLN F 228 25.20 -21.42 27.30
N TYR F 229 26.44 -21.38 26.79
CA TYR F 229 27.16 -22.56 26.37
C TYR F 229 28.13 -23.00 27.47
N ASP F 230 28.75 -24.17 27.28
CA ASP F 230 29.83 -24.63 28.12
C ASP F 230 31.13 -24.01 27.62
N TYR F 231 31.35 -22.75 28.02
CA TYR F 231 32.39 -21.90 27.45
C TYR F 231 33.71 -22.07 28.19
N LEU F 232 33.69 -22.85 29.29
CA LEU F 232 34.84 -23.00 30.15
C LEU F 232 35.58 -24.29 29.80
N ASN F 233 34.95 -25.15 28.99
CA ASN F 233 35.50 -26.47 28.69
C ASN F 233 35.82 -26.60 27.21
N TYR F 234 35.26 -25.71 26.39
CA TYR F 234 35.42 -25.76 24.95
C TYR F 234 35.98 -24.43 24.42
N PRO F 235 36.90 -24.46 23.44
CA PRO F 235 37.47 -23.25 22.85
C PRO F 235 36.42 -22.40 22.12
N ILE F 236 36.62 -21.08 22.12
CA ILE F 236 35.72 -20.15 21.47
C ILE F 236 36.50 -19.39 20.39
N ARG F 237 36.00 -19.45 19.15
CA ARG F 237 36.64 -18.82 18.01
C ARG F 237 35.65 -17.88 17.32
N PHE F 238 36.14 -16.72 16.88
CA PHE F 238 35.32 -15.68 16.31
C PHE F 238 35.69 -15.42 14.85
N VAL F 239 34.67 -15.05 14.06
CA VAL F 239 34.84 -14.54 12.70
C VAL F 239 34.00 -13.28 12.54
N GLY F 240 34.32 -12.49 11.51
CA GLY F 240 33.57 -11.27 11.21
C GLY F 240 34.47 -10.04 11.17
N SER F 241 33.93 -8.94 10.64
CA SER F 241 34.67 -7.71 10.44
C SER F 241 34.87 -6.97 11.76
N VAL F 242 33.83 -7.00 12.61
CA VAL F 242 33.82 -6.30 13.89
C VAL F 242 34.75 -7.02 14.86
N ALA F 243 34.80 -8.36 14.75
CA ALA F 243 35.65 -9.19 15.58
C ALA F 243 37.13 -8.96 15.22
N TYR F 244 37.39 -8.74 13.93
CA TYR F 244 38.74 -8.61 13.42
C TYR F 244 39.31 -7.22 13.73
N ASN F 245 38.47 -6.19 13.54
CA ASN F 245 38.88 -4.80 13.71
C ASN F 245 39.09 -4.50 15.19
N TYR F 246 38.18 -5.01 16.04
CA TYR F 246 38.23 -4.77 17.47
C TYR F 246 38.69 -6.04 18.17
N ALA F 247 39.86 -6.55 17.75
CA ALA F 247 40.40 -7.81 18.25
C ALA F 247 40.88 -7.64 19.69
N ASP F 248 41.58 -6.54 19.96
CA ASP F 248 42.16 -6.26 21.27
C ASP F 248 41.05 -6.09 22.31
N LEU F 249 39.96 -5.43 21.89
CA LEU F 249 38.83 -5.17 22.76
C LEU F 249 38.05 -6.45 23.02
N LEU F 250 38.01 -7.33 22.01
CA LEU F 250 37.31 -8.61 22.10
C LEU F 250 38.08 -9.54 23.03
N HIS F 251 39.42 -9.45 22.99
CA HIS F 251 40.30 -10.25 23.82
C HIS F 251 40.16 -9.82 25.28
N GLN F 252 39.95 -8.51 25.49
CA GLN F 252 39.80 -7.93 26.81
C GLN F 252 38.51 -8.43 27.45
N VAL F 253 37.41 -8.37 26.68
CA VAL F 253 36.10 -8.80 27.14
C VAL F 253 36.11 -10.31 27.37
N GLY F 254 36.79 -11.03 26.47
CA GLY F 254 36.96 -12.46 26.59
C GLY F 254 37.67 -12.85 27.89
N LYS F 255 38.70 -12.06 28.25
CA LYS F 255 39.53 -12.33 29.41
C LYS F 255 38.76 -11.97 30.68
N GLU F 256 37.75 -11.12 30.55
CA GLU F 256 36.92 -10.70 31.67
C GLU F 256 36.00 -11.85 32.10
N PHE F 257 35.55 -12.63 31.11
CA PHE F 257 34.66 -13.76 31.35
C PHE F 257 35.48 -15.04 31.58
N GLY F 258 36.81 -14.89 31.61
CA GLY F 258 37.71 -15.97 31.98
C GLY F 258 37.91 -16.99 30.87
N VAL F 259 37.96 -16.52 29.61
CA VAL F 259 38.22 -17.37 28.46
C VAL F 259 39.35 -16.75 27.63
N GLU F 260 40.09 -17.63 26.94
CA GLU F 260 41.23 -17.22 26.13
C GLU F 260 40.83 -17.30 24.65
N LEU F 261 40.70 -16.13 24.03
CA LEU F 261 40.34 -16.02 22.62
C LEU F 261 41.60 -15.92 21.78
N SER F 262 41.91 -17.01 21.05
CA SER F 262 43.12 -17.10 20.27
C SER F 262 42.83 -16.91 18.79
N VAL F 263 41.85 -17.67 18.27
CA VAL F 263 41.53 -17.66 16.85
C VAL F 263 40.46 -16.59 16.60
N VAL F 264 40.87 -15.52 15.91
CA VAL F 264 39.97 -14.48 15.44
C VAL F 264 40.27 -14.23 13.97
N GLU F 265 39.36 -14.72 13.10
CA GLU F 265 39.51 -14.61 11.66
C GLU F 265 38.64 -13.47 11.14
N GLU F 266 39.03 -12.89 10.01
CA GLU F 266 38.26 -11.87 9.34
C GLU F 266 37.11 -12.52 8.56
N THR F 267 37.47 -13.51 7.73
CA THR F 267 36.50 -14.24 6.93
C THR F 267 36.68 -15.74 7.19
N PRO F 268 35.56 -16.50 7.35
CA PRO F 268 35.64 -17.95 7.53
C PRO F 268 35.69 -18.73 6.22
N MET F 269 35.94 -18.00 5.12
CA MET F 269 35.92 -18.56 3.78
C MET F 269 37.13 -19.45 3.56
N GLY F 270 38.27 -19.05 4.16
CA GLY F 270 39.50 -19.81 4.09
C GLY F 270 39.32 -21.24 4.62
N GLY F 271 38.50 -21.37 5.68
CA GLY F 271 38.22 -22.66 6.29
C GLY F 271 37.26 -23.51 5.46
N LEU F 272 36.30 -22.85 4.82
CA LEU F 272 35.26 -23.51 4.03
C LEU F 272 35.88 -24.23 2.83
N ILE F 273 36.90 -23.61 2.23
CA ILE F 273 37.59 -24.17 1.08
C ILE F 273 38.32 -25.44 1.51
N LYS F 274 38.92 -25.41 2.70
CA LYS F 274 39.63 -26.54 3.27
C LYS F 274 38.63 -27.63 3.67
N TYR F 275 37.43 -27.20 4.09
CA TYR F 275 36.38 -28.11 4.53
C TYR F 275 35.80 -28.86 3.34
N HIS F 276 35.39 -28.10 2.30
CA HIS F 276 34.80 -28.67 1.11
C HIS F 276 35.89 -29.22 0.18
N ALA F 277 36.76 -30.08 0.74
CA ALA F 277 37.81 -30.75 0.00
C ALA F 277 37.64 -32.25 0.11
N PHE F 278 37.02 -32.70 1.21
CA PHE F 278 36.75 -34.10 1.46
C PHE F 278 35.37 -34.46 0.91
C1 AMU G . -15.59 -18.41 -4.19
C2 AMU G . -14.12 -17.99 -4.31
C3 AMU G . -13.66 -18.15 -5.76
C4 AMU G . -13.94 -19.56 -6.26
C5 AMU G . -15.39 -19.96 -6.00
C6 AMU G . -15.67 -21.42 -6.31
C7 AMU G . -13.42 -16.38 -2.58
C8 AMU G . -12.74 -15.07 -2.41
C9 AMU G . -11.77 -17.19 -6.95
C10 AMU G . -12.27 -15.75 -7.01
C11 AMU G . -10.27 -17.26 -6.92
O1 AMU G . -16.03 -18.27 -2.87
O3 AMU G . -12.26 -17.88 -5.78
O4 AMU G . -13.69 -19.63 -7.66
O5 AMU G . -15.73 -19.76 -4.61
O6 AMU G . -15.01 -22.28 -5.38
O7 AMU G . -13.54 -17.17 -1.65
O10 AMU G . -12.25 -15.08 -5.96
O11 AMU G . -12.67 -15.33 -8.13
N2 AMU G . -13.88 -16.65 -3.81
S SO4 H . -14.76 -28.03 -2.35
O1 SO4 H . -15.64 -29.09 -1.93
O2 SO4 H . -13.85 -27.72 -1.28
O3 SO4 H . -15.52 -26.87 -2.70
O4 SO4 H . -14.00 -28.47 -3.50
S SO4 I . -21.57 -30.37 -24.25
O1 SO4 I . -22.06 -31.69 -24.52
O2 SO4 I . -21.72 -30.09 -22.85
O3 SO4 I . -20.18 -30.28 -24.61
O4 SO4 I . -22.32 -29.40 -25.01
S SO4 J . -44.25 -27.33 9.47
O1 SO4 J . -44.62 -28.71 9.66
O2 SO4 J . -45.38 -26.49 9.71
O3 SO4 J . -43.19 -26.98 10.38
O4 SO4 J . -43.79 -27.14 8.11
S SO4 K . -18.84 -14.43 -23.83
O1 SO4 K . -19.83 -13.42 -23.57
O2 SO4 K . -19.33 -15.71 -23.36
O3 SO4 K . -17.62 -14.09 -23.15
O4 SO4 K . -18.59 -14.50 -25.24
C1 AMU L . 7.76 8.36 17.96
C2 AMU L . 7.45 9.29 16.78
C3 AMU L . 7.23 10.71 17.31
C4 AMU L . 6.15 10.71 18.39
C5 AMU L . 6.50 9.72 19.49
C6 AMU L . 5.42 9.58 20.54
C7 AMU L . 8.31 8.61 14.59
C8 AMU L . 9.45 8.71 13.63
C9 AMU L . 7.42 12.84 16.17
C10 AMU L . 8.96 12.80 16.09
C11 AMU L . 6.83 13.56 14.98
O1 AMU L . 7.92 7.05 17.49
O3 AMU L . 6.85 11.53 16.20
O4 AMU L . 6.04 12.03 18.95
O5 AMU L . 6.71 8.41 18.91
O6 AMU L . 4.19 9.09 19.99
O7 AMU L . 7.30 7.95 14.32
O10 AMU L . 9.50 11.81 15.56
O11 AMU L . 9.57 13.79 16.55
N2 AMU L . 8.45 9.25 15.75
S SO4 M . 14.51 23.36 29.63
O1 SO4 M . 13.76 22.54 30.56
O2 SO4 M . 14.23 22.93 28.29
O3 SO4 M . 15.92 23.21 29.90
O4 SO4 M . 14.12 24.73 29.80
S SO4 N . 1.46 18.95 38.60
O1 SO4 N . 2.54 18.83 39.57
O2 SO4 N . 0.23 18.54 39.22
O3 SO4 N . 1.74 18.12 37.46
O4 SO4 N . 1.36 20.33 38.19
S SO4 O . -1.15 5.22 20.64
O1 SO4 O . -1.55 4.01 21.31
O2 SO4 O . -1.81 6.34 21.25
O3 SO4 O . 0.27 5.38 20.72
O4 SO4 O . -1.54 5.15 19.25
C1 AMU P . -29.01 -7.63 14.84
C2 AMU P . -28.57 -8.00 16.26
C3 AMU P . -29.74 -7.82 17.21
C4 AMU P . -30.29 -6.40 17.12
C5 AMU P . -30.62 -6.05 15.66
C6 AMU P . -31.00 -4.60 15.48
C7 AMU P . -26.70 -9.61 16.33
C8 AMU P . -26.28 -10.89 16.98
C9 AMU P . -30.20 -8.73 19.41
C10 AMU P . -30.54 -10.15 18.96
C11 AMU P . -29.61 -8.72 20.80
O1 AMU P . -27.93 -7.78 13.97
O3 AMU P . -29.27 -8.08 18.54
O4 AMU P . -31.47 -6.28 17.89
O5 AMU P . -29.48 -6.29 14.82
O6 AMU P . -29.94 -3.72 15.87
O7 AMU P . -25.88 -8.85 15.81
O10 AMU P . -31.62 -10.63 19.35
O11 AMU P . -29.71 -10.73 18.22
N2 AMU P . -28.01 -9.33 16.35
S SO4 Q . -27.06 2.00 14.72
O1 SO4 Q . -27.55 0.82 14.06
O2 SO4 Q . -28.03 2.44 15.69
O3 SO4 Q . -25.83 1.71 15.39
O4 SO4 Q . -26.85 3.05 13.76
S SO4 R . -49.57 3.82 16.12
O1 SO4 R . -50.64 3.53 15.20
O2 SO4 R . -49.96 3.40 17.45
O3 SO4 R . -49.31 5.23 16.12
O4 SO4 R . -48.38 3.11 15.72
C1 AMU S . -3.50 20.74 -18.52
C2 AMU S . -3.88 20.95 -17.06
C3 AMU S . -5.39 21.03 -16.94
C4 AMU S . -5.95 22.10 -17.85
C5 AMU S . -5.45 21.92 -19.28
C6 AMU S . -5.81 23.07 -20.18
C7 AMU S . -2.26 20.20 -15.36
C8 AMU S . -1.53 18.99 -14.85
C9 AMU S . -6.80 20.59 -15.00
C10 AMU S . -6.51 19.09 -14.88
C11 AMU S . -7.12 21.21 -13.66
O1 AMU S . -2.11 20.67 -18.64
O3 AMU S . -5.69 21.32 -15.57
O4 AMU S . -7.38 22.04 -17.86
O5 AMU S . -4.00 21.81 -19.29
O6 AMU S . -5.20 24.29 -19.76
O7 AMU S . -1.91 21.34 -15.07
O10 AMU S . -7.48 18.32 -14.96
O11 AMU S . -5.32 18.74 -14.73
N2 AMU S . -3.30 19.96 -16.16
S SO4 T . -3.09 29.92 -21.43
O1 SO4 T . -2.26 30.01 -20.26
O2 SO4 T . -4.43 29.54 -21.03
O3 SO4 T . -2.56 28.93 -22.32
O4 SO4 T . -3.13 31.19 -22.08
C1 AMU U . 19.09 9.81 -22.10
C2 AMU U . 20.26 10.70 -21.66
C3 AMU U . 21.51 10.27 -22.42
C4 AMU U . 21.79 8.79 -22.23
C5 AMU U . 20.54 7.97 -22.59
C6 AMU U . 20.70 6.50 -22.27
C7 AMU U . 19.67 12.92 -20.80
C8 AMU U . 19.16 14.28 -21.19
C9 AMU U . 23.53 11.52 -22.92
C10 AMU U . 22.89 12.50 -23.92
C11 AMU U . 24.70 12.14 -22.19
O1 AMU U . 17.94 10.17 -21.39
O3 AMU U . 22.60 11.06 -21.94
O4 AMU U . 22.87 8.37 -23.06
O5 AMU U . 19.40 8.45 -21.86
O6 AMU U . 20.93 6.28 -20.88
O7 AMU U . 19.80 12.59 -19.62
O10 AMU U . 21.92 13.18 -23.53
O11 AMU U . 23.38 12.54 -25.07
N2 AMU U . 19.99 12.11 -21.80
S SO4 V . 19.99 1.74 -16.06
O1 SO4 V . 19.10 0.65 -15.76
O2 SO4 V . 20.05 2.65 -14.94
O3 SO4 V . 21.31 1.23 -16.32
O4 SO4 V . 19.50 2.45 -17.22
C1 AMU W . 21.97 -11.90 11.95
C2 AMU W . 21.25 -12.90 11.04
C3 AMU W . 21.76 -14.31 11.34
C4 AMU W . 23.27 -14.37 11.18
C5 AMU W . 23.94 -13.28 12.03
C6 AMU W . 25.42 -13.18 11.79
C7 AMU W . 19.07 -12.20 10.19
C8 AMU W . 17.70 -11.76 10.62
C9 AMU W . 20.74 -16.48 10.98
C10 AMU W . 19.61 -16.36 12.02
C11 AMU W . 20.33 -17.36 9.82
O1 AMU W . 21.51 -10.61 11.66
O3 AMU W . 21.12 -15.21 10.43
O4 AMU W . 23.76 -15.64 11.59
O5 AMU W . 23.37 -11.99 11.72
O6 AMU W . 25.71 -12.70 10.48
O7 AMU W . 19.48 -12.00 9.05
O10 AMU W . 19.55 -17.24 12.90
O11 AMU W . 18.84 -15.37 11.92
N2 AMU W . 19.80 -12.81 11.11
S SO4 X . 41.91 -22.58 20.11
O1 SO4 X . 41.38 -23.90 19.97
O2 SO4 X . 42.18 -22.30 21.50
O3 SO4 X . 43.13 -22.47 19.36
O4 SO4 X . 40.96 -21.61 19.62
S SO4 Y . 29.33 -9.22 6.16
O1 SO4 Y . 30.04 -10.45 5.99
O2 SO4 Y . 28.49 -9.30 7.34
O3 SO4 Y . 30.26 -8.14 6.32
O4 SO4 Y . 28.50 -8.98 5.01
#